data_2ERS
# 
_entry.id   2ERS 
# 
_audit_conform.dict_name       mmcif_pdbx.dic 
_audit_conform.dict_version    5.397 
_audit_conform.dict_location   http://mmcif.pdb.org/dictionaries/ascii/mmcif_pdbx.dic 
# 
loop_
_database_2.database_id 
_database_2.database_code 
_database_2.pdbx_database_accession 
_database_2.pdbx_DOI 
PDB   2ERS         pdb_00002ers 10.2210/pdb2ers/pdb 
RCSB  RCSB035014   ?            ?                   
WWPDB D_1000035014 ?            ?                   
# 
loop_
_pdbx_audit_revision_history.ordinal 
_pdbx_audit_revision_history.data_content_type 
_pdbx_audit_revision_history.major_revision 
_pdbx_audit_revision_history.minor_revision 
_pdbx_audit_revision_history.revision_date 
1 'Structure model' 1 0 2006-02-07 
2 'Structure model' 1 1 2008-05-01 
3 'Structure model' 1 2 2011-07-13 
4 'Structure model' 1 3 2022-03-09 
5 'Structure model' 1 4 2024-10-16 
# 
_pdbx_audit_revision_details.ordinal             1 
_pdbx_audit_revision_details.revision_ordinal    1 
_pdbx_audit_revision_details.data_content_type   'Structure model' 
_pdbx_audit_revision_details.provider            repository 
_pdbx_audit_revision_details.type                'Initial release' 
_pdbx_audit_revision_details.description         ? 
_pdbx_audit_revision_details.details             ? 
# 
loop_
_pdbx_audit_revision_group.ordinal 
_pdbx_audit_revision_group.revision_ordinal 
_pdbx_audit_revision_group.data_content_type 
_pdbx_audit_revision_group.group 
1 2 'Structure model' 'Version format compliance' 
2 3 'Structure model' 'Version format compliance' 
3 4 'Structure model' 'Database references'       
4 4 'Structure model' 'Derived calculations'      
5 5 'Structure model' 'Data collection'           
6 5 'Structure model' 'Structure summary'         
# 
loop_
_pdbx_audit_revision_category.ordinal 
_pdbx_audit_revision_category.revision_ordinal 
_pdbx_audit_revision_category.data_content_type 
_pdbx_audit_revision_category.category 
1 4 'Structure model' database_2                
2 4 'Structure model' pdbx_struct_assembly      
3 4 'Structure model' pdbx_struct_oper_list     
4 5 'Structure model' chem_comp_atom            
5 5 'Structure model' chem_comp_bond            
6 5 'Structure model' pdbx_entry_details        
7 5 'Structure model' pdbx_modification_feature 
# 
loop_
_pdbx_audit_revision_item.ordinal 
_pdbx_audit_revision_item.revision_ordinal 
_pdbx_audit_revision_item.data_content_type 
_pdbx_audit_revision_item.item 
1 4 'Structure model' '_database_2.pdbx_DOI'                
2 4 'Structure model' '_database_2.pdbx_database_accession' 
# 
_pdbx_database_status.status_code                     REL 
_pdbx_database_status.entry_id                        2ERS 
_pdbx_database_status.recvd_initial_deposition_date   2005-10-25 
_pdbx_database_status.deposit_site                    RCSB 
_pdbx_database_status.process_site                    RCSB 
_pdbx_database_status.status_code_sf                  ? 
_pdbx_database_status.status_code_mr                  ? 
_pdbx_database_status.SG_entry                        ? 
_pdbx_database_status.pdb_format_compatible           Y 
_pdbx_database_status.status_code_cs                  ? 
_pdbx_database_status.status_code_nmr_data            ? 
_pdbx_database_status.methods_development_category    ? 
# 
loop_
_audit_author.name 
_audit_author.pdbx_ordinal 
'Lorenzen, I.'   1 
'Dingley, A.J.'  2 
'Grotzinger, J.' 3 
# 
_citation.id                        primary 
_citation.title                     'The structure of the interleukin-15 alpha receptor and its implications for ligand binding.' 
_citation.journal_abbrev            J.Biol.Chem. 
_citation.journal_volume            281 
_citation.page_first                6642 
_citation.page_last                 6647 
_citation.year                      2006 
_citation.journal_id_ASTM           JBCHA3 
_citation.country                   US 
_citation.journal_id_ISSN           0021-9258 
_citation.journal_id_CSD            0071 
_citation.book_publisher            ? 
_citation.pdbx_database_id_PubMed   16377614 
_citation.pdbx_database_id_DOI      10.1074/jbc.M513118200 
# 
loop_
_citation_author.citation_id 
_citation_author.name 
_citation_author.ordinal 
_citation_author.identifier_ORCID 
primary 'Lorenzen, I.'   1 ? 
primary 'Dingley, A.J.'  2 ? 
primary 'Jacques, Y.'    3 ? 
primary 'Grotzinger, J.' 4 ? 
# 
_entity.id                         1 
_entity.type                       polymer 
_entity.src_method                 man 
_entity.pdbx_description           'Interleukin-15 receptor alpha chain' 
_entity.formula_weight             7473.593 
_entity.pdbx_number_of_molecules   1 
_entity.pdbx_ec                    ? 
_entity.pdbx_mutation              ? 
_entity.pdbx_fragment              'sushi domain of the Interleukin-15 receptor' 
_entity.details                    ? 
# 
_entity_name_com.entity_id   1 
_entity_name_com.name        'IL-15Ralpha, IL-15RA' 
# 
_entity_poly.entity_id                      1 
_entity_poly.type                           'polypeptide(L)' 
_entity_poly.nstd_linkage                   no 
_entity_poly.nstd_monomer                   no 
_entity_poly.pdbx_seq_one_letter_code       ITCPPPMSVEHADIWVKSYSLYSRERYICNSGFKRKAGTSSLTECVLNKATNVAHWTTPSLKCIRD 
_entity_poly.pdbx_seq_one_letter_code_can   ITCPPPMSVEHADIWVKSYSLYSRERYICNSGFKRKAGTSSLTECVLNKATNVAHWTTPSLKCIRD 
_entity_poly.pdbx_strand_id                 A 
_entity_poly.pdbx_target_identifier         ? 
# 
loop_
_entity_poly_seq.entity_id 
_entity_poly_seq.num 
_entity_poly_seq.mon_id 
_entity_poly_seq.hetero 
1 1  ILE n 
1 2  THR n 
1 3  CYS n 
1 4  PRO n 
1 5  PRO n 
1 6  PRO n 
1 7  MET n 
1 8  SER n 
1 9  VAL n 
1 10 GLU n 
1 11 HIS n 
1 12 ALA n 
1 13 ASP n 
1 14 ILE n 
1 15 TRP n 
1 16 VAL n 
1 17 LYS n 
1 18 SER n 
1 19 TYR n 
1 20 SER n 
1 21 LEU n 
1 22 TYR n 
1 23 SER n 
1 24 ARG n 
1 25 GLU n 
1 26 ARG n 
1 27 TYR n 
1 28 ILE n 
1 29 CYS n 
1 30 ASN n 
1 31 SER n 
1 32 GLY n 
1 33 PHE n 
1 34 LYS n 
1 35 ARG n 
1 36 LYS n 
1 37 ALA n 
1 38 GLY n 
1 39 THR n 
1 40 SER n 
1 41 SER n 
1 42 LEU n 
1 43 THR n 
1 44 GLU n 
1 45 CYS n 
1 46 VAL n 
1 47 LEU n 
1 48 ASN n 
1 49 LYS n 
1 50 ALA n 
1 51 THR n 
1 52 ASN n 
1 53 VAL n 
1 54 ALA n 
1 55 HIS n 
1 56 TRP n 
1 57 THR n 
1 58 THR n 
1 59 PRO n 
1 60 SER n 
1 61 LEU n 
1 62 LYS n 
1 63 CYS n 
1 64 ILE n 
1 65 ARG n 
1 66 ASP n 
# 
_entity_src_gen.entity_id                          1 
_entity_src_gen.pdbx_src_id                        1 
_entity_src_gen.pdbx_alt_source_flag               sample 
_entity_src_gen.pdbx_seq_type                      ? 
_entity_src_gen.pdbx_beg_seq_num                   ? 
_entity_src_gen.pdbx_end_seq_num                   ? 
_entity_src_gen.gene_src_common_name               human 
_entity_src_gen.gene_src_genus                     Homo 
_entity_src_gen.pdbx_gene_src_gene                 ? 
_entity_src_gen.gene_src_species                   ? 
_entity_src_gen.gene_src_strain                    ? 
_entity_src_gen.gene_src_tissue                    ? 
_entity_src_gen.gene_src_tissue_fraction           ? 
_entity_src_gen.gene_src_details                   ? 
_entity_src_gen.pdbx_gene_src_fragment             ? 
_entity_src_gen.pdbx_gene_src_scientific_name      'Homo sapiens' 
_entity_src_gen.pdbx_gene_src_ncbi_taxonomy_id     9606 
_entity_src_gen.pdbx_gene_src_variant              ? 
_entity_src_gen.pdbx_gene_src_cell_line            ? 
_entity_src_gen.pdbx_gene_src_atcc                 ? 
_entity_src_gen.pdbx_gene_src_organ                ? 
_entity_src_gen.pdbx_gene_src_organelle            ? 
_entity_src_gen.pdbx_gene_src_cell                 ? 
_entity_src_gen.pdbx_gene_src_cellular_location    ? 
_entity_src_gen.host_org_common_name               ? 
_entity_src_gen.pdbx_host_org_scientific_name      'Escherichia coli' 
_entity_src_gen.pdbx_host_org_ncbi_taxonomy_id     562 
_entity_src_gen.host_org_genus                     Escherichia 
_entity_src_gen.pdbx_host_org_gene                 ? 
_entity_src_gen.pdbx_host_org_organ                ? 
_entity_src_gen.host_org_species                   ? 
_entity_src_gen.pdbx_host_org_tissue               ? 
_entity_src_gen.pdbx_host_org_tissue_fraction      ? 
_entity_src_gen.pdbx_host_org_strain               SG13009 
_entity_src_gen.pdbx_host_org_variant              ? 
_entity_src_gen.pdbx_host_org_cell_line            ? 
_entity_src_gen.pdbx_host_org_atcc                 ? 
_entity_src_gen.pdbx_host_org_culture_collection   ? 
_entity_src_gen.pdbx_host_org_cell                 ? 
_entity_src_gen.pdbx_host_org_organelle            ? 
_entity_src_gen.pdbx_host_org_cellular_location    ? 
_entity_src_gen.pdbx_host_org_vector_type          ? 
_entity_src_gen.pdbx_host_org_vector               ? 
_entity_src_gen.host_org_details                   ? 
_entity_src_gen.expression_system_id               ? 
_entity_src_gen.plasmid_name                       pQE30 
_entity_src_gen.plasmid_details                    ? 
_entity_src_gen.pdbx_description                   ? 
# 
loop_
_chem_comp.id 
_chem_comp.type 
_chem_comp.mon_nstd_flag 
_chem_comp.name 
_chem_comp.pdbx_synonyms 
_chem_comp.formula 
_chem_comp.formula_weight 
ALA 'L-peptide linking' y ALANINE         ? 'C3 H7 N O2'     89.093  
ARG 'L-peptide linking' y ARGININE        ? 'C6 H15 N4 O2 1' 175.209 
ASN 'L-peptide linking' y ASPARAGINE      ? 'C4 H8 N2 O3'    132.118 
ASP 'L-peptide linking' y 'ASPARTIC ACID' ? 'C4 H7 N O4'     133.103 
CYS 'L-peptide linking' y CYSTEINE        ? 'C3 H7 N O2 S'   121.158 
GLU 'L-peptide linking' y 'GLUTAMIC ACID' ? 'C5 H9 N O4'     147.129 
GLY 'peptide linking'   y GLYCINE         ? 'C2 H5 N O2'     75.067  
HIS 'L-peptide linking' y HISTIDINE       ? 'C6 H10 N3 O2 1' 156.162 
ILE 'L-peptide linking' y ISOLEUCINE      ? 'C6 H13 N O2'    131.173 
LEU 'L-peptide linking' y LEUCINE         ? 'C6 H13 N O2'    131.173 
LYS 'L-peptide linking' y LYSINE          ? 'C6 H15 N2 O2 1' 147.195 
MET 'L-peptide linking' y METHIONINE      ? 'C5 H11 N O2 S'  149.211 
PHE 'L-peptide linking' y PHENYLALANINE   ? 'C9 H11 N O2'    165.189 
PRO 'L-peptide linking' y PROLINE         ? 'C5 H9 N O2'     115.130 
SER 'L-peptide linking' y SERINE          ? 'C3 H7 N O3'     105.093 
THR 'L-peptide linking' y THREONINE       ? 'C4 H9 N O3'     119.119 
TRP 'L-peptide linking' y TRYPTOPHAN      ? 'C11 H12 N2 O2'  204.225 
TYR 'L-peptide linking' y TYROSINE        ? 'C9 H11 N O3'    181.189 
VAL 'L-peptide linking' y VALINE          ? 'C5 H11 N O2'    117.146 
# 
loop_
_pdbx_poly_seq_scheme.asym_id 
_pdbx_poly_seq_scheme.entity_id 
_pdbx_poly_seq_scheme.seq_id 
_pdbx_poly_seq_scheme.mon_id 
_pdbx_poly_seq_scheme.ndb_seq_num 
_pdbx_poly_seq_scheme.pdb_seq_num 
_pdbx_poly_seq_scheme.auth_seq_num 
_pdbx_poly_seq_scheme.pdb_mon_id 
_pdbx_poly_seq_scheme.auth_mon_id 
_pdbx_poly_seq_scheme.pdb_strand_id 
_pdbx_poly_seq_scheme.pdb_ins_code 
_pdbx_poly_seq_scheme.hetero 
A 1 1  ILE 1  31 31 ILE ILE A . n 
A 1 2  THR 2  32 32 THR THR A . n 
A 1 3  CYS 3  33 33 CYS CYS A . n 
A 1 4  PRO 4  34 34 PRO PRO A . n 
A 1 5  PRO 5  35 35 PRO PRO A . n 
A 1 6  PRO 6  36 36 PRO PRO A . n 
A 1 7  MET 7  37 37 MET MET A . n 
A 1 8  SER 8  38 38 SER SER A . n 
A 1 9  VAL 9  39 39 VAL VAL A . n 
A 1 10 GLU 10 40 40 GLU GLU A . n 
A 1 11 HIS 11 41 41 HIS HIS A . n 
A 1 12 ALA 12 42 42 ALA ALA A . n 
A 1 13 ASP 13 43 43 ASP ASP A . n 
A 1 14 ILE 14 44 44 ILE ILE A . n 
A 1 15 TRP 15 45 45 TRP TRP A . n 
A 1 16 VAL 16 46 46 VAL VAL A . n 
A 1 17 LYS 17 47 47 LYS LYS A . n 
A 1 18 SER 18 48 48 SER SER A . n 
A 1 19 TYR 19 49 49 TYR TYR A . n 
A 1 20 SER 20 50 50 SER SER A . n 
A 1 21 LEU 21 51 51 LEU LEU A . n 
A 1 22 TYR 22 52 52 TYR TYR A . n 
A 1 23 SER 23 53 53 SER SER A . n 
A 1 24 ARG 24 54 54 ARG ARG A . n 
A 1 25 GLU 25 55 55 GLU GLU A . n 
A 1 26 ARG 26 56 56 ARG ARG A . n 
A 1 27 TYR 27 57 57 TYR TYR A . n 
A 1 28 ILE 28 58 58 ILE ILE A . n 
A 1 29 CYS 29 59 59 CYS CYS A . n 
A 1 30 ASN 30 60 60 ASN ASN A . n 
A 1 31 SER 31 61 61 SER SER A . n 
A 1 32 GLY 32 62 62 GLY GLY A . n 
A 1 33 PHE 33 63 63 PHE PHE A . n 
A 1 34 LYS 34 64 64 LYS LYS A . n 
A 1 35 ARG 35 65 65 ARG ARG A . n 
A 1 36 LYS 36 66 66 LYS LYS A . n 
A 1 37 ALA 37 67 67 ALA ALA A . n 
A 1 38 GLY 38 68 68 GLY GLY A . n 
A 1 39 THR 39 69 69 THR THR A . n 
A 1 40 SER 40 70 70 SER SER A . n 
A 1 41 SER 41 71 71 SER SER A . n 
A 1 42 LEU 42 72 72 LEU LEU A . n 
A 1 43 THR 43 73 73 THR THR A . n 
A 1 44 GLU 44 74 74 GLU GLU A . n 
A 1 45 CYS 45 75 75 CYS CYS A . n 
A 1 46 VAL 46 76 76 VAL VAL A . n 
A 1 47 LEU 47 77 77 LEU LEU A . n 
A 1 48 ASN 48 78 78 ASN ASN A . n 
A 1 49 LYS 49 79 79 LYS LYS A . n 
A 1 50 ALA 50 80 80 ALA ALA A . n 
A 1 51 THR 51 81 81 THR THR A . n 
A 1 52 ASN 52 82 82 ASN ASN A . n 
A 1 53 VAL 53 83 83 VAL VAL A . n 
A 1 54 ALA 54 84 84 ALA ALA A . n 
A 1 55 HIS 55 85 85 HIS HIS A . n 
A 1 56 TRP 56 86 86 TRP TRP A . n 
A 1 57 THR 57 87 87 THR THR A . n 
A 1 58 THR 58 88 88 THR THR A . n 
A 1 59 PRO 59 89 89 PRO PRO A . n 
A 1 60 SER 60 90 90 SER SER A . n 
A 1 61 LEU 61 91 91 LEU LEU A . n 
A 1 62 LYS 62 92 92 LYS LYS A . n 
A 1 63 CYS 63 93 93 CYS CYS A . n 
A 1 64 ILE 64 94 94 ILE ILE A . n 
A 1 65 ARG 65 95 95 ARG ARG A . n 
A 1 66 ASP 66 96 96 ASP ASP A . n 
# 
_pdbx_unobs_or_zero_occ_atoms.id               1 
_pdbx_unobs_or_zero_occ_atoms.PDB_model_num    1 
_pdbx_unobs_or_zero_occ_atoms.polymer_flag     Y 
_pdbx_unobs_or_zero_occ_atoms.occupancy_flag   1 
_pdbx_unobs_or_zero_occ_atoms.auth_asym_id     A 
_pdbx_unobs_or_zero_occ_atoms.auth_comp_id     ASP 
_pdbx_unobs_or_zero_occ_atoms.auth_seq_id      96 
_pdbx_unobs_or_zero_occ_atoms.PDB_ins_code     ? 
_pdbx_unobs_or_zero_occ_atoms.auth_atom_id     OD2 
_pdbx_unobs_or_zero_occ_atoms.label_alt_id     ? 
_pdbx_unobs_or_zero_occ_atoms.label_asym_id    A 
_pdbx_unobs_or_zero_occ_atoms.label_comp_id    ASP 
_pdbx_unobs_or_zero_occ_atoms.label_seq_id     66 
_pdbx_unobs_or_zero_occ_atoms.label_atom_id    OD2 
# 
_cell.entry_id           2ERS 
_cell.length_a           1.000 
_cell.length_b           1.000 
_cell.length_c           1.000 
_cell.angle_alpha        90.00 
_cell.angle_beta         90.00 
_cell.angle_gamma        90.00 
_cell.Z_PDB              1 
_cell.pdbx_unique_axis   ? 
# 
_symmetry.entry_id                         2ERS 
_symmetry.space_group_name_H-M             'P 1' 
_symmetry.pdbx_full_space_group_name_H-M   ? 
_symmetry.cell_setting                     ? 
_symmetry.Int_Tables_number                1 
# 
_exptl.entry_id          2ERS 
_exptl.method            'SOLUTION NMR' 
_exptl.crystals_number   ? 
# 
_exptl_crystal.id                    1 
_exptl_crystal.density_meas          ? 
_exptl_crystal.density_Matthews      ? 
_exptl_crystal.density_percent_sol   ? 
_exptl_crystal.description           ? 
# 
_diffrn.id                     1 
_diffrn.ambient_temp           ? 
_diffrn.ambient_temp_details   ? 
_diffrn.crystal_id             1 
# 
_diffrn_radiation.diffrn_id                        1 
_diffrn_radiation.wavelength_id                    1 
_diffrn_radiation.monochromator                    ? 
_diffrn_radiation.pdbx_monochromatic_or_laue_m_l   M 
_diffrn_radiation.pdbx_diffrn_protocol             'SINGLE WAVELENGTH' 
_diffrn_radiation.pdbx_scattering_type             ? 
# 
_diffrn_radiation_wavelength.id           1 
_diffrn_radiation_wavelength.wavelength   . 
_diffrn_radiation_wavelength.wt           1.0 
# 
_struct.entry_id                  2ERS 
_struct.title                     'Solution structure of the Interleukin-15 receptor sushi domain' 
_struct.pdbx_model_details        ? 
_struct.pdbx_CASP_flag            ? 
_struct.pdbx_model_type_details   'minimized average' 
# 
_struct_keywords.entry_id        2ERS 
_struct_keywords.pdbx_keywords   'SIGNALING PROTEIN' 
_struct_keywords.text            'sushi domain, SIGNALING PROTEIN' 
# 
_struct_asym.id                            A 
_struct_asym.pdbx_blank_PDB_chainid_flag   N 
_struct_asym.pdbx_modified                 N 
_struct_asym.entity_id                     1 
_struct_asym.details                       ? 
# 
_struct_ref.id                         1 
_struct_ref.db_name                    UNP 
_struct_ref.db_code                    I15RA_HUMAN 
_struct_ref.pdbx_db_accession          Q13261 
_struct_ref.entity_id                  1 
_struct_ref.pdbx_seq_one_letter_code   ITCPPPMSVEHADIWVKSYSLYSRERYICNSGFKRKAGTSSLTECVLNKATNVAHWTTPSLKCIRD 
_struct_ref.pdbx_align_begin           31 
_struct_ref.pdbx_db_isoform            ? 
# 
_struct_ref_seq.align_id                      1 
_struct_ref_seq.ref_id                        1 
_struct_ref_seq.pdbx_PDB_id_code              2ERS 
_struct_ref_seq.pdbx_strand_id                A 
_struct_ref_seq.seq_align_beg                 1 
_struct_ref_seq.pdbx_seq_align_beg_ins_code   ? 
_struct_ref_seq.seq_align_end                 66 
_struct_ref_seq.pdbx_seq_align_end_ins_code   ? 
_struct_ref_seq.pdbx_db_accession             Q13261 
_struct_ref_seq.db_align_beg                  31 
_struct_ref_seq.pdbx_db_align_beg_ins_code    ? 
_struct_ref_seq.db_align_end                  96 
_struct_ref_seq.pdbx_db_align_end_ins_code    ? 
_struct_ref_seq.pdbx_auth_seq_align_beg       31 
_struct_ref_seq.pdbx_auth_seq_align_end       96 
# 
_pdbx_struct_assembly.id                   1 
_pdbx_struct_assembly.details              author_defined_assembly 
_pdbx_struct_assembly.method_details       ? 
_pdbx_struct_assembly.oligomeric_details   monomeric 
_pdbx_struct_assembly.oligomeric_count     1 
# 
_pdbx_struct_assembly_gen.assembly_id       1 
_pdbx_struct_assembly_gen.oper_expression   1 
_pdbx_struct_assembly_gen.asym_id_list      A 
# 
_pdbx_struct_oper_list.id                   1 
_pdbx_struct_oper_list.type                 'identity operation' 
_pdbx_struct_oper_list.name                 1_555 
_pdbx_struct_oper_list.symmetry_operation   x,y,z 
_pdbx_struct_oper_list.matrix[1][1]         1.0000000000 
_pdbx_struct_oper_list.matrix[1][2]         0.0000000000 
_pdbx_struct_oper_list.matrix[1][3]         0.0000000000 
_pdbx_struct_oper_list.vector[1]            0.0000000000 
_pdbx_struct_oper_list.matrix[2][1]         0.0000000000 
_pdbx_struct_oper_list.matrix[2][2]         1.0000000000 
_pdbx_struct_oper_list.matrix[2][3]         0.0000000000 
_pdbx_struct_oper_list.vector[2]            0.0000000000 
_pdbx_struct_oper_list.matrix[3][1]         0.0000000000 
_pdbx_struct_oper_list.matrix[3][2]         0.0000000000 
_pdbx_struct_oper_list.matrix[3][3]         1.0000000000 
_pdbx_struct_oper_list.vector[3]            0.0000000000 
# 
_struct_biol.id   1 
# 
loop_
_struct_conn.id 
_struct_conn.conn_type_id 
_struct_conn.pdbx_leaving_atom_flag 
_struct_conn.pdbx_PDB_id 
_struct_conn.ptnr1_label_asym_id 
_struct_conn.ptnr1_label_comp_id 
_struct_conn.ptnr1_label_seq_id 
_struct_conn.ptnr1_label_atom_id 
_struct_conn.pdbx_ptnr1_label_alt_id 
_struct_conn.pdbx_ptnr1_PDB_ins_code 
_struct_conn.pdbx_ptnr1_standard_comp_id 
_struct_conn.ptnr1_symmetry 
_struct_conn.ptnr2_label_asym_id 
_struct_conn.ptnr2_label_comp_id 
_struct_conn.ptnr2_label_seq_id 
_struct_conn.ptnr2_label_atom_id 
_struct_conn.pdbx_ptnr2_label_alt_id 
_struct_conn.pdbx_ptnr2_PDB_ins_code 
_struct_conn.ptnr1_auth_asym_id 
_struct_conn.ptnr1_auth_comp_id 
_struct_conn.ptnr1_auth_seq_id 
_struct_conn.ptnr2_auth_asym_id 
_struct_conn.ptnr2_auth_comp_id 
_struct_conn.ptnr2_auth_seq_id 
_struct_conn.ptnr2_symmetry 
_struct_conn.pdbx_ptnr3_label_atom_id 
_struct_conn.pdbx_ptnr3_label_seq_id 
_struct_conn.pdbx_ptnr3_label_comp_id 
_struct_conn.pdbx_ptnr3_label_asym_id 
_struct_conn.pdbx_ptnr3_label_alt_id 
_struct_conn.pdbx_ptnr3_PDB_ins_code 
_struct_conn.details 
_struct_conn.pdbx_dist_value 
_struct_conn.pdbx_value_order 
_struct_conn.pdbx_role 
disulf1 disulf ? ? A CYS 3  SG ? ? ? 1_555 A CYS 45 SG ? ? A CYS 33 A CYS 75 1_555 ? ? ? ? ? ? ? 2.038 ? ? 
disulf2 disulf ? ? A CYS 29 SG ? ? ? 1_555 A CYS 63 SG ? ? A CYS 59 A CYS 93 1_555 ? ? ? ? ? ? ? 2.040 ? ? 
# 
_struct_conn_type.id          disulf 
_struct_conn_type.criteria    ? 
_struct_conn_type.reference   ? 
# 
loop_
_pdbx_modification_feature.ordinal 
_pdbx_modification_feature.label_comp_id 
_pdbx_modification_feature.label_asym_id 
_pdbx_modification_feature.label_seq_id 
_pdbx_modification_feature.label_alt_id 
_pdbx_modification_feature.modified_residue_label_comp_id 
_pdbx_modification_feature.modified_residue_label_asym_id 
_pdbx_modification_feature.modified_residue_label_seq_id 
_pdbx_modification_feature.modified_residue_label_alt_id 
_pdbx_modification_feature.auth_comp_id 
_pdbx_modification_feature.auth_asym_id 
_pdbx_modification_feature.auth_seq_id 
_pdbx_modification_feature.PDB_ins_code 
_pdbx_modification_feature.symmetry 
_pdbx_modification_feature.modified_residue_auth_comp_id 
_pdbx_modification_feature.modified_residue_auth_asym_id 
_pdbx_modification_feature.modified_residue_auth_seq_id 
_pdbx_modification_feature.modified_residue_PDB_ins_code 
_pdbx_modification_feature.modified_residue_symmetry 
_pdbx_modification_feature.comp_id_linking_atom 
_pdbx_modification_feature.modified_residue_id_linking_atom 
_pdbx_modification_feature.modified_residue_id 
_pdbx_modification_feature.ref_pcm_id 
_pdbx_modification_feature.ref_comp_id 
_pdbx_modification_feature.type 
_pdbx_modification_feature.category 
1 CYS A 3  ? CYS A 45 ? CYS A 33 ? 1_555 CYS A 75 ? 1_555 SG SG . . . None 'Disulfide bridge' 
2 CYS A 29 ? CYS A 63 ? CYS A 59 ? 1_555 CYS A 93 ? 1_555 SG SG . . . None 'Disulfide bridge' 
# 
_struct_mon_prot_cis.pdbx_id                1 
_struct_mon_prot_cis.label_comp_id          ARG 
_struct_mon_prot_cis.label_seq_id           65 
_struct_mon_prot_cis.label_asym_id          A 
_struct_mon_prot_cis.label_alt_id           . 
_struct_mon_prot_cis.pdbx_PDB_ins_code      ? 
_struct_mon_prot_cis.auth_comp_id           ARG 
_struct_mon_prot_cis.auth_seq_id            95 
_struct_mon_prot_cis.auth_asym_id           A 
_struct_mon_prot_cis.pdbx_label_comp_id_2   ASP 
_struct_mon_prot_cis.pdbx_label_seq_id_2    66 
_struct_mon_prot_cis.pdbx_label_asym_id_2   A 
_struct_mon_prot_cis.pdbx_PDB_ins_code_2    ? 
_struct_mon_prot_cis.pdbx_auth_comp_id_2    ASP 
_struct_mon_prot_cis.pdbx_auth_seq_id_2     96 
_struct_mon_prot_cis.pdbx_auth_asym_id_2    A 
_struct_mon_prot_cis.pdbx_PDB_model_num     1 
_struct_mon_prot_cis.pdbx_omega_angle       10.85 
# 
loop_
_struct_sheet.id 
_struct_sheet.type 
_struct_sheet.number_strands 
_struct_sheet.details 
A ? 3 ? 
B ? 2 ? 
# 
loop_
_struct_sheet_order.sheet_id 
_struct_sheet_order.range_id_1 
_struct_sheet_order.range_id_2 
_struct_sheet_order.offset 
_struct_sheet_order.sense 
A 1 2 ? anti-parallel 
A 2 3 ? anti-parallel 
B 1 2 ? anti-parallel 
# 
loop_
_struct_sheet_range.sheet_id 
_struct_sheet_range.id 
_struct_sheet_range.beg_label_comp_id 
_struct_sheet_range.beg_label_asym_id 
_struct_sheet_range.beg_label_seq_id 
_struct_sheet_range.pdbx_beg_PDB_ins_code 
_struct_sheet_range.end_label_comp_id 
_struct_sheet_range.end_label_asym_id 
_struct_sheet_range.end_label_seq_id 
_struct_sheet_range.pdbx_end_PDB_ins_code 
_struct_sheet_range.beg_auth_comp_id 
_struct_sheet_range.beg_auth_asym_id 
_struct_sheet_range.beg_auth_seq_id 
_struct_sheet_range.end_auth_comp_id 
_struct_sheet_range.end_auth_asym_id 
_struct_sheet_range.end_auth_seq_id 
A 1 ARG A 24 ? ARG A 26 ? ARG A 54 ARG A 56 
A 2 LEU A 42 ? LEU A 47 ? LEU A 72 LEU A 77 
A 3 ALA A 54 ? TRP A 56 ? ALA A 84 TRP A 86 
B 1 LYS A 34 ? ARG A 35 ? LYS A 64 ARG A 65 
B 2 CYS A 63 ? ILE A 64 ? CYS A 93 ILE A 94 
# 
loop_
_pdbx_struct_sheet_hbond.sheet_id 
_pdbx_struct_sheet_hbond.range_id_1 
_pdbx_struct_sheet_hbond.range_id_2 
_pdbx_struct_sheet_hbond.range_1_label_atom_id 
_pdbx_struct_sheet_hbond.range_1_label_comp_id 
_pdbx_struct_sheet_hbond.range_1_label_asym_id 
_pdbx_struct_sheet_hbond.range_1_label_seq_id 
_pdbx_struct_sheet_hbond.range_1_PDB_ins_code 
_pdbx_struct_sheet_hbond.range_1_auth_atom_id 
_pdbx_struct_sheet_hbond.range_1_auth_comp_id 
_pdbx_struct_sheet_hbond.range_1_auth_asym_id 
_pdbx_struct_sheet_hbond.range_1_auth_seq_id 
_pdbx_struct_sheet_hbond.range_2_label_atom_id 
_pdbx_struct_sheet_hbond.range_2_label_comp_id 
_pdbx_struct_sheet_hbond.range_2_label_asym_id 
_pdbx_struct_sheet_hbond.range_2_label_seq_id 
_pdbx_struct_sheet_hbond.range_2_PDB_ins_code 
_pdbx_struct_sheet_hbond.range_2_auth_atom_id 
_pdbx_struct_sheet_hbond.range_2_auth_comp_id 
_pdbx_struct_sheet_hbond.range_2_auth_asym_id 
_pdbx_struct_sheet_hbond.range_2_auth_seq_id 
A 1 2 N GLU A 25 ? N GLU A 55 O THR A 43 ? O THR A 73 
A 2 3 N VAL A 46 ? N VAL A 76 O HIS A 55 ? O HIS A 85 
B 1 2 N LYS A 34 ? N LYS A 64 O ILE A 64 ? O ILE A 94 
# 
_pdbx_entry_details.entry_id                   2ERS 
_pdbx_entry_details.compound_details           ? 
_pdbx_entry_details.source_details             ? 
_pdbx_entry_details.nonpolymer_details         ? 
_pdbx_entry_details.sequence_details           ? 
_pdbx_entry_details.has_ligand_of_interest     ? 
_pdbx_entry_details.has_protein_modification   Y 
# 
loop_
_pdbx_validate_close_contact.id 
_pdbx_validate_close_contact.PDB_model_num 
_pdbx_validate_close_contact.auth_atom_id_1 
_pdbx_validate_close_contact.auth_asym_id_1 
_pdbx_validate_close_contact.auth_comp_id_1 
_pdbx_validate_close_contact.auth_seq_id_1 
_pdbx_validate_close_contact.PDB_ins_code_1 
_pdbx_validate_close_contact.label_alt_id_1 
_pdbx_validate_close_contact.auth_atom_id_2 
_pdbx_validate_close_contact.auth_asym_id_2 
_pdbx_validate_close_contact.auth_comp_id_2 
_pdbx_validate_close_contact.auth_seq_id_2 
_pdbx_validate_close_contact.PDB_ins_code_2 
_pdbx_validate_close_contact.label_alt_id_2 
_pdbx_validate_close_contact.dist 
1 1 HG  A CYS 33 ? ? HG A CYS 75 ? ? 0.40 
2 1 SG  A CYS 33 ? ? HG A CYS 75 ? ? 0.97 
3 1 HG1 A THR 69 ? ? H  A LYS 92 ? ? 1.03 
4 1 HA  A CYS 59 ? ? HG A CYS 93 ? ? 1.25 
5 1 HG  A CYS 33 ? ? SG A CYS 75 ? ? 1.34 
# 
loop_
_pdbx_validate_rmsd_angle.id 
_pdbx_validate_rmsd_angle.PDB_model_num 
_pdbx_validate_rmsd_angle.auth_atom_id_1 
_pdbx_validate_rmsd_angle.auth_asym_id_1 
_pdbx_validate_rmsd_angle.auth_comp_id_1 
_pdbx_validate_rmsd_angle.auth_seq_id_1 
_pdbx_validate_rmsd_angle.PDB_ins_code_1 
_pdbx_validate_rmsd_angle.label_alt_id_1 
_pdbx_validate_rmsd_angle.auth_atom_id_2 
_pdbx_validate_rmsd_angle.auth_asym_id_2 
_pdbx_validate_rmsd_angle.auth_comp_id_2 
_pdbx_validate_rmsd_angle.auth_seq_id_2 
_pdbx_validate_rmsd_angle.PDB_ins_code_2 
_pdbx_validate_rmsd_angle.label_alt_id_2 
_pdbx_validate_rmsd_angle.auth_atom_id_3 
_pdbx_validate_rmsd_angle.auth_asym_id_3 
_pdbx_validate_rmsd_angle.auth_comp_id_3 
_pdbx_validate_rmsd_angle.auth_seq_id_3 
_pdbx_validate_rmsd_angle.PDB_ins_code_3 
_pdbx_validate_rmsd_angle.label_alt_id_3 
_pdbx_validate_rmsd_angle.angle_value 
_pdbx_validate_rmsd_angle.angle_target_value 
_pdbx_validate_rmsd_angle.angle_deviation 
_pdbx_validate_rmsd_angle.angle_standard_deviation 
_pdbx_validate_rmsd_angle.linker_flag 
1 1 CB A TYR 52 ? ? CG A TYR 52 ? ? CD2 A TYR 52 ? ? 117.01 121.00 -3.99 0.60 N 
2 1 NE A ARG 95 ? ? CZ A ARG 95 ? ? NH1 A ARG 95 ? ? 123.52 120.30 3.22  0.50 N 
# 
loop_
_pdbx_validate_torsion.id 
_pdbx_validate_torsion.PDB_model_num 
_pdbx_validate_torsion.auth_comp_id 
_pdbx_validate_torsion.auth_asym_id 
_pdbx_validate_torsion.auth_seq_id 
_pdbx_validate_torsion.PDB_ins_code 
_pdbx_validate_torsion.label_alt_id 
_pdbx_validate_torsion.phi 
_pdbx_validate_torsion.psi 
1  1 SER A 38 ? ? -153.84 -141.07 
2  1 VAL A 39 ? ? 59.17   -79.90  
3  1 GLU A 40 ? ? 103.44  -75.85  
4  1 HIS A 41 ? ? -89.87  48.60   
5  1 TYR A 49 ? ? 45.92   -166.65 
6  1 SER A 50 ? ? 175.69  148.40  
7  1 CYS A 59 ? ? 53.44   174.35  
8  1 SER A 61 ? ? -66.39  89.91   
9  1 PHE A 63 ? ? -49.32  151.09  
10 1 LYS A 66 ? ? -46.58  154.48  
11 1 SER A 71 ? ? -110.93 66.39   
12 1 ASN A 78 ? ? -67.90  18.08   
13 1 LYS A 79 ? ? 46.85   21.67   
14 1 ALA A 80 ? ? -150.27 -61.79  
15 1 ASN A 82 ? ? 49.16   6.94    
16 1 TRP A 86 ? ? -110.72 67.84   
17 1 THR A 87 ? ? 29.38   -160.13 
18 1 LEU A 91 ? ? 47.80   118.78  
19 1 ARG A 95 ? ? -38.77  146.18  
# 
loop_
_pdbx_validate_planes.id 
_pdbx_validate_planes.PDB_model_num 
_pdbx_validate_planes.auth_comp_id 
_pdbx_validate_planes.auth_asym_id 
_pdbx_validate_planes.auth_seq_id 
_pdbx_validate_planes.PDB_ins_code 
_pdbx_validate_planes.label_alt_id 
_pdbx_validate_planes.rmsd 
_pdbx_validate_planes.type 
1 1 HIS A 41 ? ? 0.092 'SIDE CHAIN' 
2 1 TYR A 57 ? ? 0.071 'SIDE CHAIN' 
# 
_pdbx_validate_main_chain_plane.id                       1 
_pdbx_validate_main_chain_plane.PDB_model_num            1 
_pdbx_validate_main_chain_plane.auth_comp_id             CYS 
_pdbx_validate_main_chain_plane.auth_asym_id             A 
_pdbx_validate_main_chain_plane.auth_seq_id              59 
_pdbx_validate_main_chain_plane.PDB_ins_code             ? 
_pdbx_validate_main_chain_plane.label_alt_id             ? 
_pdbx_validate_main_chain_plane.improper_torsion_angle   11.59 
# 
_pdbx_nmr_ensemble.entry_id                                      2ERS 
_pdbx_nmr_ensemble.conformers_calculated_total_number            20 
_pdbx_nmr_ensemble.conformers_submitted_total_number             1 
_pdbx_nmr_ensemble.conformer_selection_criteria                  'structures with the lowest energy' 
_pdbx_nmr_ensemble.average_constraints_per_residue               ? 
_pdbx_nmr_ensemble.average_constraint_violations_per_residue     ? 
_pdbx_nmr_ensemble.maximum_distance_constraint_violation         ? 
_pdbx_nmr_ensemble.average_distance_constraint_violation         ? 
_pdbx_nmr_ensemble.maximum_upper_distance_constraint_violation   ? 
_pdbx_nmr_ensemble.maximum_lower_distance_constraint_violation   ? 
_pdbx_nmr_ensemble.distance_constraint_violation_method          ? 
_pdbx_nmr_ensemble.maximum_torsion_angle_constraint_violation    ? 
_pdbx_nmr_ensemble.average_torsion_angle_constraint_violation    ? 
_pdbx_nmr_ensemble.torsion_angle_constraint_violation_method     ? 
# 
_pdbx_nmr_representative.entry_id             2ERS 
_pdbx_nmr_representative.conformer_id         1 
_pdbx_nmr_representative.selection_criteria   'minimized average structure' 
# 
_pdbx_nmr_sample_details.solution_id      1 
_pdbx_nmr_sample_details.contents         
'1 mM Il-15 receptor sushi domian 15N,13C; 20mM phosphate buffer; 150mM sodium chloride; 7% D2O; pH  = 7.4' 
_pdbx_nmr_sample_details.solvent_system   '20mM phosphate buffer; 150mM sodium chloride; 7% D2O; pH  = 7.4p' 
# 
_pdbx_nmr_exptl_sample_conditions.conditions_id       1 
_pdbx_nmr_exptl_sample_conditions.temperature         298 
_pdbx_nmr_exptl_sample_conditions.pressure            ambient 
_pdbx_nmr_exptl_sample_conditions.pH                  7.4 
_pdbx_nmr_exptl_sample_conditions.ionic_strength      '150mM NaCl' 
_pdbx_nmr_exptl_sample_conditions.pressure_units      . 
_pdbx_nmr_exptl_sample_conditions.temperature_units   K 
# 
loop_
_pdbx_nmr_exptl.experiment_id 
_pdbx_nmr_exptl.conditions_id 
_pdbx_nmr_exptl.type 
_pdbx_nmr_exptl.solution_id 
1 1 3D_13C-separated_NOESY     1 
2 1 3D_15N-separated_NOESY     1 
3 1 HNCA                       1 
4 1 'HC(CO)NH'                 1 
5 1 'C(CO)NH'                  1 
6 1 '3D_15N_edited TOCSY a.o.' 1 
# 
loop_
_pdbx_nmr_software.classification 
_pdbx_nmr_software.name 
_pdbx_nmr_software.version 
_pdbx_nmr_software.authors 
_pdbx_nmr_software.ordinal 
'structure solution' DYANA 1.5 GUENTERT 1 
refinement           DYANA 1.5 GUENTERT 2 
# 
loop_
_chem_comp_atom.comp_id 
_chem_comp_atom.atom_id 
_chem_comp_atom.type_symbol 
_chem_comp_atom.pdbx_aromatic_flag 
_chem_comp_atom.pdbx_stereo_config 
_chem_comp_atom.pdbx_ordinal 
ALA N    N N N 1   
ALA CA   C N S 2   
ALA C    C N N 3   
ALA O    O N N 4   
ALA CB   C N N 5   
ALA OXT  O N N 6   
ALA H    H N N 7   
ALA H2   H N N 8   
ALA HA   H N N 9   
ALA HB1  H N N 10  
ALA HB2  H N N 11  
ALA HB3  H N N 12  
ALA HXT  H N N 13  
ARG N    N N N 14  
ARG CA   C N S 15  
ARG C    C N N 16  
ARG O    O N N 17  
ARG CB   C N N 18  
ARG CG   C N N 19  
ARG CD   C N N 20  
ARG NE   N N N 21  
ARG CZ   C N N 22  
ARG NH1  N N N 23  
ARG NH2  N N N 24  
ARG OXT  O N N 25  
ARG H    H N N 26  
ARG H2   H N N 27  
ARG HA   H N N 28  
ARG HB2  H N N 29  
ARG HB3  H N N 30  
ARG HG2  H N N 31  
ARG HG3  H N N 32  
ARG HD2  H N N 33  
ARG HD3  H N N 34  
ARG HE   H N N 35  
ARG HH11 H N N 36  
ARG HH12 H N N 37  
ARG HH21 H N N 38  
ARG HH22 H N N 39  
ARG HXT  H N N 40  
ASN N    N N N 41  
ASN CA   C N S 42  
ASN C    C N N 43  
ASN O    O N N 44  
ASN CB   C N N 45  
ASN CG   C N N 46  
ASN OD1  O N N 47  
ASN ND2  N N N 48  
ASN OXT  O N N 49  
ASN H    H N N 50  
ASN H2   H N N 51  
ASN HA   H N N 52  
ASN HB2  H N N 53  
ASN HB3  H N N 54  
ASN HD21 H N N 55  
ASN HD22 H N N 56  
ASN HXT  H N N 57  
ASP N    N N N 58  
ASP CA   C N S 59  
ASP C    C N N 60  
ASP O    O N N 61  
ASP CB   C N N 62  
ASP CG   C N N 63  
ASP OD1  O N N 64  
ASP OD2  O N N 65  
ASP OXT  O N N 66  
ASP H    H N N 67  
ASP H2   H N N 68  
ASP HA   H N N 69  
ASP HB2  H N N 70  
ASP HB3  H N N 71  
ASP HD2  H N N 72  
ASP HXT  H N N 73  
CYS N    N N N 74  
CYS CA   C N R 75  
CYS C    C N N 76  
CYS O    O N N 77  
CYS CB   C N N 78  
CYS SG   S N N 79  
CYS OXT  O N N 80  
CYS H    H N N 81  
CYS H2   H N N 82  
CYS HA   H N N 83  
CYS HB2  H N N 84  
CYS HB3  H N N 85  
CYS HG   H N N 86  
CYS HXT  H N N 87  
GLU N    N N N 88  
GLU CA   C N S 89  
GLU C    C N N 90  
GLU O    O N N 91  
GLU CB   C N N 92  
GLU CG   C N N 93  
GLU CD   C N N 94  
GLU OE1  O N N 95  
GLU OE2  O N N 96  
GLU OXT  O N N 97  
GLU H    H N N 98  
GLU H2   H N N 99  
GLU HA   H N N 100 
GLU HB2  H N N 101 
GLU HB3  H N N 102 
GLU HG2  H N N 103 
GLU HG3  H N N 104 
GLU HE2  H N N 105 
GLU HXT  H N N 106 
GLY N    N N N 107 
GLY CA   C N N 108 
GLY C    C N N 109 
GLY O    O N N 110 
GLY OXT  O N N 111 
GLY H    H N N 112 
GLY H2   H N N 113 
GLY HA2  H N N 114 
GLY HA3  H N N 115 
GLY HXT  H N N 116 
HIS N    N N N 117 
HIS CA   C N S 118 
HIS C    C N N 119 
HIS O    O N N 120 
HIS CB   C N N 121 
HIS CG   C Y N 122 
HIS ND1  N Y N 123 
HIS CD2  C Y N 124 
HIS CE1  C Y N 125 
HIS NE2  N Y N 126 
HIS OXT  O N N 127 
HIS H    H N N 128 
HIS H2   H N N 129 
HIS HA   H N N 130 
HIS HB2  H N N 131 
HIS HB3  H N N 132 
HIS HD1  H N N 133 
HIS HD2  H N N 134 
HIS HE1  H N N 135 
HIS HE2  H N N 136 
HIS HXT  H N N 137 
ILE N    N N N 138 
ILE CA   C N S 139 
ILE C    C N N 140 
ILE O    O N N 141 
ILE CB   C N S 142 
ILE CG1  C N N 143 
ILE CG2  C N N 144 
ILE CD1  C N N 145 
ILE OXT  O N N 146 
ILE H    H N N 147 
ILE H2   H N N 148 
ILE HA   H N N 149 
ILE HB   H N N 150 
ILE HG12 H N N 151 
ILE HG13 H N N 152 
ILE HG21 H N N 153 
ILE HG22 H N N 154 
ILE HG23 H N N 155 
ILE HD11 H N N 156 
ILE HD12 H N N 157 
ILE HD13 H N N 158 
ILE HXT  H N N 159 
LEU N    N N N 160 
LEU CA   C N S 161 
LEU C    C N N 162 
LEU O    O N N 163 
LEU CB   C N N 164 
LEU CG   C N N 165 
LEU CD1  C N N 166 
LEU CD2  C N N 167 
LEU OXT  O N N 168 
LEU H    H N N 169 
LEU H2   H N N 170 
LEU HA   H N N 171 
LEU HB2  H N N 172 
LEU HB3  H N N 173 
LEU HG   H N N 174 
LEU HD11 H N N 175 
LEU HD12 H N N 176 
LEU HD13 H N N 177 
LEU HD21 H N N 178 
LEU HD22 H N N 179 
LEU HD23 H N N 180 
LEU HXT  H N N 181 
LYS N    N N N 182 
LYS CA   C N S 183 
LYS C    C N N 184 
LYS O    O N N 185 
LYS CB   C N N 186 
LYS CG   C N N 187 
LYS CD   C N N 188 
LYS CE   C N N 189 
LYS NZ   N N N 190 
LYS OXT  O N N 191 
LYS H    H N N 192 
LYS H2   H N N 193 
LYS HA   H N N 194 
LYS HB2  H N N 195 
LYS HB3  H N N 196 
LYS HG2  H N N 197 
LYS HG3  H N N 198 
LYS HD2  H N N 199 
LYS HD3  H N N 200 
LYS HE2  H N N 201 
LYS HE3  H N N 202 
LYS HZ1  H N N 203 
LYS HZ2  H N N 204 
LYS HZ3  H N N 205 
LYS HXT  H N N 206 
MET N    N N N 207 
MET CA   C N S 208 
MET C    C N N 209 
MET O    O N N 210 
MET CB   C N N 211 
MET CG   C N N 212 
MET SD   S N N 213 
MET CE   C N N 214 
MET OXT  O N N 215 
MET H    H N N 216 
MET H2   H N N 217 
MET HA   H N N 218 
MET HB2  H N N 219 
MET HB3  H N N 220 
MET HG2  H N N 221 
MET HG3  H N N 222 
MET HE1  H N N 223 
MET HE2  H N N 224 
MET HE3  H N N 225 
MET HXT  H N N 226 
PHE N    N N N 227 
PHE CA   C N S 228 
PHE C    C N N 229 
PHE O    O N N 230 
PHE CB   C N N 231 
PHE CG   C Y N 232 
PHE CD1  C Y N 233 
PHE CD2  C Y N 234 
PHE CE1  C Y N 235 
PHE CE2  C Y N 236 
PHE CZ   C Y N 237 
PHE OXT  O N N 238 
PHE H    H N N 239 
PHE H2   H N N 240 
PHE HA   H N N 241 
PHE HB2  H N N 242 
PHE HB3  H N N 243 
PHE HD1  H N N 244 
PHE HD2  H N N 245 
PHE HE1  H N N 246 
PHE HE2  H N N 247 
PHE HZ   H N N 248 
PHE HXT  H N N 249 
PRO N    N N N 250 
PRO CA   C N S 251 
PRO C    C N N 252 
PRO O    O N N 253 
PRO CB   C N N 254 
PRO CG   C N N 255 
PRO CD   C N N 256 
PRO OXT  O N N 257 
PRO H    H N N 258 
PRO HA   H N N 259 
PRO HB2  H N N 260 
PRO HB3  H N N 261 
PRO HG2  H N N 262 
PRO HG3  H N N 263 
PRO HD2  H N N 264 
PRO HD3  H N N 265 
PRO HXT  H N N 266 
SER N    N N N 267 
SER CA   C N S 268 
SER C    C N N 269 
SER O    O N N 270 
SER CB   C N N 271 
SER OG   O N N 272 
SER OXT  O N N 273 
SER H    H N N 274 
SER H2   H N N 275 
SER HA   H N N 276 
SER HB2  H N N 277 
SER HB3  H N N 278 
SER HG   H N N 279 
SER HXT  H N N 280 
THR N    N N N 281 
THR CA   C N S 282 
THR C    C N N 283 
THR O    O N N 284 
THR CB   C N R 285 
THR OG1  O N N 286 
THR CG2  C N N 287 
THR OXT  O N N 288 
THR H    H N N 289 
THR H2   H N N 290 
THR HA   H N N 291 
THR HB   H N N 292 
THR HG1  H N N 293 
THR HG21 H N N 294 
THR HG22 H N N 295 
THR HG23 H N N 296 
THR HXT  H N N 297 
TRP N    N N N 298 
TRP CA   C N S 299 
TRP C    C N N 300 
TRP O    O N N 301 
TRP CB   C N N 302 
TRP CG   C Y N 303 
TRP CD1  C Y N 304 
TRP CD2  C Y N 305 
TRP NE1  N Y N 306 
TRP CE2  C Y N 307 
TRP CE3  C Y N 308 
TRP CZ2  C Y N 309 
TRP CZ3  C Y N 310 
TRP CH2  C Y N 311 
TRP OXT  O N N 312 
TRP H    H N N 313 
TRP H2   H N N 314 
TRP HA   H N N 315 
TRP HB2  H N N 316 
TRP HB3  H N N 317 
TRP HD1  H N N 318 
TRP HE1  H N N 319 
TRP HE3  H N N 320 
TRP HZ2  H N N 321 
TRP HZ3  H N N 322 
TRP HH2  H N N 323 
TRP HXT  H N N 324 
TYR N    N N N 325 
TYR CA   C N S 326 
TYR C    C N N 327 
TYR O    O N N 328 
TYR CB   C N N 329 
TYR CG   C Y N 330 
TYR CD1  C Y N 331 
TYR CD2  C Y N 332 
TYR CE1  C Y N 333 
TYR CE2  C Y N 334 
TYR CZ   C Y N 335 
TYR OH   O N N 336 
TYR OXT  O N N 337 
TYR H    H N N 338 
TYR H2   H N N 339 
TYR HA   H N N 340 
TYR HB2  H N N 341 
TYR HB3  H N N 342 
TYR HD1  H N N 343 
TYR HD2  H N N 344 
TYR HE1  H N N 345 
TYR HE2  H N N 346 
TYR HH   H N N 347 
TYR HXT  H N N 348 
VAL N    N N N 349 
VAL CA   C N S 350 
VAL C    C N N 351 
VAL O    O N N 352 
VAL CB   C N N 353 
VAL CG1  C N N 354 
VAL CG2  C N N 355 
VAL OXT  O N N 356 
VAL H    H N N 357 
VAL H2   H N N 358 
VAL HA   H N N 359 
VAL HB   H N N 360 
VAL HG11 H N N 361 
VAL HG12 H N N 362 
VAL HG13 H N N 363 
VAL HG21 H N N 364 
VAL HG22 H N N 365 
VAL HG23 H N N 366 
VAL HXT  H N N 367 
# 
loop_
_chem_comp_bond.comp_id 
_chem_comp_bond.atom_id_1 
_chem_comp_bond.atom_id_2 
_chem_comp_bond.value_order 
_chem_comp_bond.pdbx_aromatic_flag 
_chem_comp_bond.pdbx_stereo_config 
_chem_comp_bond.pdbx_ordinal 
ALA N   CA   sing N N 1   
ALA N   H    sing N N 2   
ALA N   H2   sing N N 3   
ALA CA  C    sing N N 4   
ALA CA  CB   sing N N 5   
ALA CA  HA   sing N N 6   
ALA C   O    doub N N 7   
ALA C   OXT  sing N N 8   
ALA CB  HB1  sing N N 9   
ALA CB  HB2  sing N N 10  
ALA CB  HB3  sing N N 11  
ALA OXT HXT  sing N N 12  
ARG N   CA   sing N N 13  
ARG N   H    sing N N 14  
ARG N   H2   sing N N 15  
ARG CA  C    sing N N 16  
ARG CA  CB   sing N N 17  
ARG CA  HA   sing N N 18  
ARG C   O    doub N N 19  
ARG C   OXT  sing N N 20  
ARG CB  CG   sing N N 21  
ARG CB  HB2  sing N N 22  
ARG CB  HB3  sing N N 23  
ARG CG  CD   sing N N 24  
ARG CG  HG2  sing N N 25  
ARG CG  HG3  sing N N 26  
ARG CD  NE   sing N N 27  
ARG CD  HD2  sing N N 28  
ARG CD  HD3  sing N N 29  
ARG NE  CZ   sing N N 30  
ARG NE  HE   sing N N 31  
ARG CZ  NH1  sing N N 32  
ARG CZ  NH2  doub N N 33  
ARG NH1 HH11 sing N N 34  
ARG NH1 HH12 sing N N 35  
ARG NH2 HH21 sing N N 36  
ARG NH2 HH22 sing N N 37  
ARG OXT HXT  sing N N 38  
ASN N   CA   sing N N 39  
ASN N   H    sing N N 40  
ASN N   H2   sing N N 41  
ASN CA  C    sing N N 42  
ASN CA  CB   sing N N 43  
ASN CA  HA   sing N N 44  
ASN C   O    doub N N 45  
ASN C   OXT  sing N N 46  
ASN CB  CG   sing N N 47  
ASN CB  HB2  sing N N 48  
ASN CB  HB3  sing N N 49  
ASN CG  OD1  doub N N 50  
ASN CG  ND2  sing N N 51  
ASN ND2 HD21 sing N N 52  
ASN ND2 HD22 sing N N 53  
ASN OXT HXT  sing N N 54  
ASP N   CA   sing N N 55  
ASP N   H    sing N N 56  
ASP N   H2   sing N N 57  
ASP CA  C    sing N N 58  
ASP CA  CB   sing N N 59  
ASP CA  HA   sing N N 60  
ASP C   O    doub N N 61  
ASP C   OXT  sing N N 62  
ASP CB  CG   sing N N 63  
ASP CB  HB2  sing N N 64  
ASP CB  HB3  sing N N 65  
ASP CG  OD1  doub N N 66  
ASP CG  OD2  sing N N 67  
ASP OD2 HD2  sing N N 68  
ASP OXT HXT  sing N N 69  
CYS N   CA   sing N N 70  
CYS N   H    sing N N 71  
CYS N   H2   sing N N 72  
CYS CA  C    sing N N 73  
CYS CA  CB   sing N N 74  
CYS CA  HA   sing N N 75  
CYS C   O    doub N N 76  
CYS C   OXT  sing N N 77  
CYS CB  SG   sing N N 78  
CYS CB  HB2  sing N N 79  
CYS CB  HB3  sing N N 80  
CYS SG  HG   sing N N 81  
CYS OXT HXT  sing N N 82  
GLU N   CA   sing N N 83  
GLU N   H    sing N N 84  
GLU N   H2   sing N N 85  
GLU CA  C    sing N N 86  
GLU CA  CB   sing N N 87  
GLU CA  HA   sing N N 88  
GLU C   O    doub N N 89  
GLU C   OXT  sing N N 90  
GLU CB  CG   sing N N 91  
GLU CB  HB2  sing N N 92  
GLU CB  HB3  sing N N 93  
GLU CG  CD   sing N N 94  
GLU CG  HG2  sing N N 95  
GLU CG  HG3  sing N N 96  
GLU CD  OE1  doub N N 97  
GLU CD  OE2  sing N N 98  
GLU OE2 HE2  sing N N 99  
GLU OXT HXT  sing N N 100 
GLY N   CA   sing N N 101 
GLY N   H    sing N N 102 
GLY N   H2   sing N N 103 
GLY CA  C    sing N N 104 
GLY CA  HA2  sing N N 105 
GLY CA  HA3  sing N N 106 
GLY C   O    doub N N 107 
GLY C   OXT  sing N N 108 
GLY OXT HXT  sing N N 109 
HIS N   CA   sing N N 110 
HIS N   H    sing N N 111 
HIS N   H2   sing N N 112 
HIS CA  C    sing N N 113 
HIS CA  CB   sing N N 114 
HIS CA  HA   sing N N 115 
HIS C   O    doub N N 116 
HIS C   OXT  sing N N 117 
HIS CB  CG   sing N N 118 
HIS CB  HB2  sing N N 119 
HIS CB  HB3  sing N N 120 
HIS CG  ND1  sing Y N 121 
HIS CG  CD2  doub Y N 122 
HIS ND1 CE1  doub Y N 123 
HIS ND1 HD1  sing N N 124 
HIS CD2 NE2  sing Y N 125 
HIS CD2 HD2  sing N N 126 
HIS CE1 NE2  sing Y N 127 
HIS CE1 HE1  sing N N 128 
HIS NE2 HE2  sing N N 129 
HIS OXT HXT  sing N N 130 
ILE N   CA   sing N N 131 
ILE N   H    sing N N 132 
ILE N   H2   sing N N 133 
ILE CA  C    sing N N 134 
ILE CA  CB   sing N N 135 
ILE CA  HA   sing N N 136 
ILE C   O    doub N N 137 
ILE C   OXT  sing N N 138 
ILE CB  CG1  sing N N 139 
ILE CB  CG2  sing N N 140 
ILE CB  HB   sing N N 141 
ILE CG1 CD1  sing N N 142 
ILE CG1 HG12 sing N N 143 
ILE CG1 HG13 sing N N 144 
ILE CG2 HG21 sing N N 145 
ILE CG2 HG22 sing N N 146 
ILE CG2 HG23 sing N N 147 
ILE CD1 HD11 sing N N 148 
ILE CD1 HD12 sing N N 149 
ILE CD1 HD13 sing N N 150 
ILE OXT HXT  sing N N 151 
LEU N   CA   sing N N 152 
LEU N   H    sing N N 153 
LEU N   H2   sing N N 154 
LEU CA  C    sing N N 155 
LEU CA  CB   sing N N 156 
LEU CA  HA   sing N N 157 
LEU C   O    doub N N 158 
LEU C   OXT  sing N N 159 
LEU CB  CG   sing N N 160 
LEU CB  HB2  sing N N 161 
LEU CB  HB3  sing N N 162 
LEU CG  CD1  sing N N 163 
LEU CG  CD2  sing N N 164 
LEU CG  HG   sing N N 165 
LEU CD1 HD11 sing N N 166 
LEU CD1 HD12 sing N N 167 
LEU CD1 HD13 sing N N 168 
LEU CD2 HD21 sing N N 169 
LEU CD2 HD22 sing N N 170 
LEU CD2 HD23 sing N N 171 
LEU OXT HXT  sing N N 172 
LYS N   CA   sing N N 173 
LYS N   H    sing N N 174 
LYS N   H2   sing N N 175 
LYS CA  C    sing N N 176 
LYS CA  CB   sing N N 177 
LYS CA  HA   sing N N 178 
LYS C   O    doub N N 179 
LYS C   OXT  sing N N 180 
LYS CB  CG   sing N N 181 
LYS CB  HB2  sing N N 182 
LYS CB  HB3  sing N N 183 
LYS CG  CD   sing N N 184 
LYS CG  HG2  sing N N 185 
LYS CG  HG3  sing N N 186 
LYS CD  CE   sing N N 187 
LYS CD  HD2  sing N N 188 
LYS CD  HD3  sing N N 189 
LYS CE  NZ   sing N N 190 
LYS CE  HE2  sing N N 191 
LYS CE  HE3  sing N N 192 
LYS NZ  HZ1  sing N N 193 
LYS NZ  HZ2  sing N N 194 
LYS NZ  HZ3  sing N N 195 
LYS OXT HXT  sing N N 196 
MET N   CA   sing N N 197 
MET N   H    sing N N 198 
MET N   H2   sing N N 199 
MET CA  C    sing N N 200 
MET CA  CB   sing N N 201 
MET CA  HA   sing N N 202 
MET C   O    doub N N 203 
MET C   OXT  sing N N 204 
MET CB  CG   sing N N 205 
MET CB  HB2  sing N N 206 
MET CB  HB3  sing N N 207 
MET CG  SD   sing N N 208 
MET CG  HG2  sing N N 209 
MET CG  HG3  sing N N 210 
MET SD  CE   sing N N 211 
MET CE  HE1  sing N N 212 
MET CE  HE2  sing N N 213 
MET CE  HE3  sing N N 214 
MET OXT HXT  sing N N 215 
PHE N   CA   sing N N 216 
PHE N   H    sing N N 217 
PHE N   H2   sing N N 218 
PHE CA  C    sing N N 219 
PHE CA  CB   sing N N 220 
PHE CA  HA   sing N N 221 
PHE C   O    doub N N 222 
PHE C   OXT  sing N N 223 
PHE CB  CG   sing N N 224 
PHE CB  HB2  sing N N 225 
PHE CB  HB3  sing N N 226 
PHE CG  CD1  doub Y N 227 
PHE CG  CD2  sing Y N 228 
PHE CD1 CE1  sing Y N 229 
PHE CD1 HD1  sing N N 230 
PHE CD2 CE2  doub Y N 231 
PHE CD2 HD2  sing N N 232 
PHE CE1 CZ   doub Y N 233 
PHE CE1 HE1  sing N N 234 
PHE CE2 CZ   sing Y N 235 
PHE CE2 HE2  sing N N 236 
PHE CZ  HZ   sing N N 237 
PHE OXT HXT  sing N N 238 
PRO N   CA   sing N N 239 
PRO N   CD   sing N N 240 
PRO N   H    sing N N 241 
PRO CA  C    sing N N 242 
PRO CA  CB   sing N N 243 
PRO CA  HA   sing N N 244 
PRO C   O    doub N N 245 
PRO C   OXT  sing N N 246 
PRO CB  CG   sing N N 247 
PRO CB  HB2  sing N N 248 
PRO CB  HB3  sing N N 249 
PRO CG  CD   sing N N 250 
PRO CG  HG2  sing N N 251 
PRO CG  HG3  sing N N 252 
PRO CD  HD2  sing N N 253 
PRO CD  HD3  sing N N 254 
PRO OXT HXT  sing N N 255 
SER N   CA   sing N N 256 
SER N   H    sing N N 257 
SER N   H2   sing N N 258 
SER CA  C    sing N N 259 
SER CA  CB   sing N N 260 
SER CA  HA   sing N N 261 
SER C   O    doub N N 262 
SER C   OXT  sing N N 263 
SER CB  OG   sing N N 264 
SER CB  HB2  sing N N 265 
SER CB  HB3  sing N N 266 
SER OG  HG   sing N N 267 
SER OXT HXT  sing N N 268 
THR N   CA   sing N N 269 
THR N   H    sing N N 270 
THR N   H2   sing N N 271 
THR CA  C    sing N N 272 
THR CA  CB   sing N N 273 
THR CA  HA   sing N N 274 
THR C   O    doub N N 275 
THR C   OXT  sing N N 276 
THR CB  OG1  sing N N 277 
THR CB  CG2  sing N N 278 
THR CB  HB   sing N N 279 
THR OG1 HG1  sing N N 280 
THR CG2 HG21 sing N N 281 
THR CG2 HG22 sing N N 282 
THR CG2 HG23 sing N N 283 
THR OXT HXT  sing N N 284 
TRP N   CA   sing N N 285 
TRP N   H    sing N N 286 
TRP N   H2   sing N N 287 
TRP CA  C    sing N N 288 
TRP CA  CB   sing N N 289 
TRP CA  HA   sing N N 290 
TRP C   O    doub N N 291 
TRP C   OXT  sing N N 292 
TRP CB  CG   sing N N 293 
TRP CB  HB2  sing N N 294 
TRP CB  HB3  sing N N 295 
TRP CG  CD1  doub Y N 296 
TRP CG  CD2  sing Y N 297 
TRP CD1 NE1  sing Y N 298 
TRP CD1 HD1  sing N N 299 
TRP CD2 CE2  doub Y N 300 
TRP CD2 CE3  sing Y N 301 
TRP NE1 CE2  sing Y N 302 
TRP NE1 HE1  sing N N 303 
TRP CE2 CZ2  sing Y N 304 
TRP CE3 CZ3  doub Y N 305 
TRP CE3 HE3  sing N N 306 
TRP CZ2 CH2  doub Y N 307 
TRP CZ2 HZ2  sing N N 308 
TRP CZ3 CH2  sing Y N 309 
TRP CZ3 HZ3  sing N N 310 
TRP CH2 HH2  sing N N 311 
TRP OXT HXT  sing N N 312 
TYR N   CA   sing N N 313 
TYR N   H    sing N N 314 
TYR N   H2   sing N N 315 
TYR CA  C    sing N N 316 
TYR CA  CB   sing N N 317 
TYR CA  HA   sing N N 318 
TYR C   O    doub N N 319 
TYR C   OXT  sing N N 320 
TYR CB  CG   sing N N 321 
TYR CB  HB2  sing N N 322 
TYR CB  HB3  sing N N 323 
TYR CG  CD1  doub Y N 324 
TYR CG  CD2  sing Y N 325 
TYR CD1 CE1  sing Y N 326 
TYR CD1 HD1  sing N N 327 
TYR CD2 CE2  doub Y N 328 
TYR CD2 HD2  sing N N 329 
TYR CE1 CZ   doub Y N 330 
TYR CE1 HE1  sing N N 331 
TYR CE2 CZ   sing Y N 332 
TYR CE2 HE2  sing N N 333 
TYR CZ  OH   sing N N 334 
TYR OH  HH   sing N N 335 
TYR OXT HXT  sing N N 336 
VAL N   CA   sing N N 337 
VAL N   H    sing N N 338 
VAL N   H2   sing N N 339 
VAL CA  C    sing N N 340 
VAL CA  CB   sing N N 341 
VAL CA  HA   sing N N 342 
VAL C   O    doub N N 343 
VAL C   OXT  sing N N 344 
VAL CB  CG1  sing N N 345 
VAL CB  CG2  sing N N 346 
VAL CB  HB   sing N N 347 
VAL CG1 HG11 sing N N 348 
VAL CG1 HG12 sing N N 349 
VAL CG1 HG13 sing N N 350 
VAL CG2 HG21 sing N N 351 
VAL CG2 HG22 sing N N 352 
VAL CG2 HG23 sing N N 353 
VAL OXT HXT  sing N N 354 
# 
_pdbx_nmr_spectrometer.spectrometer_id   1 
_pdbx_nmr_spectrometer.model             DRX 
_pdbx_nmr_spectrometer.manufacturer      Bruker 
_pdbx_nmr_spectrometer.field_strength    600 
_pdbx_nmr_spectrometer.type              ? 
# 
_atom_sites.entry_id                    2ERS 
_atom_sites.fract_transf_matrix[1][1]   1.000000 
_atom_sites.fract_transf_matrix[1][2]   0.000000 
_atom_sites.fract_transf_matrix[1][3]   0.000000 
_atom_sites.fract_transf_matrix[2][1]   0.000000 
_atom_sites.fract_transf_matrix[2][2]   1.000000 
_atom_sites.fract_transf_matrix[2][3]   0.000000 
_atom_sites.fract_transf_matrix[3][1]   0.000000 
_atom_sites.fract_transf_matrix[3][2]   0.000000 
_atom_sites.fract_transf_matrix[3][3]   1.000000 
_atom_sites.fract_transf_vector[1]      0.00000 
_atom_sites.fract_transf_vector[2]      0.00000 
_atom_sites.fract_transf_vector[3]      0.00000 
# 
loop_
_atom_type.symbol 
C 
H 
N 
O 
S 
# 
loop_
_atom_site.group_PDB 
_atom_site.id 
_atom_site.type_symbol 
_atom_site.label_atom_id 
_atom_site.label_alt_id 
_atom_site.label_comp_id 
_atom_site.label_asym_id 
_atom_site.label_entity_id 
_atom_site.label_seq_id 
_atom_site.pdbx_PDB_ins_code 
_atom_site.Cartn_x 
_atom_site.Cartn_y 
_atom_site.Cartn_z 
_atom_site.occupancy 
_atom_site.B_iso_or_equiv 
_atom_site.pdbx_formal_charge 
_atom_site.auth_seq_id 
_atom_site.auth_comp_id 
_atom_site.auth_asym_id 
_atom_site.auth_atom_id 
_atom_site.pdbx_PDB_model_num 
ATOM 1    N N    . ILE A 1 1  ? 2.764   5.895   17.758  1.00 12.00 ? 31 ILE A N    1 
ATOM 2    C CA   . ILE A 1 1  ? 2.108   6.332   16.502  1.00 12.00 ? 31 ILE A CA   1 
ATOM 3    C C    . ILE A 1 1  ? 2.105   5.304   15.351  1.00 12.00 ? 31 ILE A C    1 
ATOM 4    O O    . ILE A 1 1  ? 3.015   5.219   14.525  1.00 12.00 ? 31 ILE A O    1 
ATOM 5    C CB   . ILE A 1 1  ? 2.539   7.722   15.986  1.00 12.00 ? 31 ILE A CB   1 
ATOM 6    C CG1  . ILE A 1 1  ? 4.047   8.045   16.051  1.00 12.00 ? 31 ILE A CG1  1 
ATOM 7    C CG2  . ILE A 1 1  ? 1.601   8.808   16.540  1.00 12.00 ? 31 ILE A CG2  1 
ATOM 8    C CD1  . ILE A 1 1  ? 4.660   8.337   17.431  1.00 12.00 ? 31 ILE A CD1  1 
ATOM 9    H H1   . ILE A 1 1  ? 3.240   5.004   17.731  1.00 0.00  ? 31 ILE A H1   1 
ATOM 10   H HA   . ILE A 1 1  ? 1.061   6.444   16.784  1.00 0.00  ? 31 ILE A HA   1 
ATOM 11   H HB   . ILE A 1 1  ? 2.330   7.694   14.917  1.00 0.00  ? 31 ILE A HB   1 
ATOM 12   H HG12 . ILE A 1 1  ? 4.581   7.191   15.633  1.00 0.00  ? 31 ILE A HG12 1 
ATOM 13   H HG13 . ILE A 1 1  ? 4.219   8.922   15.427  1.00 0.00  ? 31 ILE A HG13 1 
ATOM 14   H HG21 . ILE A 1 1  ? 1.833   9.774   16.089  1.00 0.00  ? 31 ILE A HG21 1 
ATOM 15   H HG22 . ILE A 1 1  ? 0.569   8.544   16.310  1.00 0.00  ? 31 ILE A HG22 1 
ATOM 16   H HG23 . ILE A 1 1  ? 1.728   8.876   17.620  1.00 0.00  ? 31 ILE A HG23 1 
ATOM 17   H HD11 . ILE A 1 1  ? 5.726   8.550   17.359  1.00 0.00  ? 31 ILE A HD11 1 
ATOM 18   H HD12 . ILE A 1 1  ? 4.160   9.200   17.869  1.00 0.00  ? 31 ILE A HD12 1 
ATOM 19   H HD13 . ILE A 1 1  ? 4.519   7.469   18.075  1.00 0.00  ? 31 ILE A HD13 1 
ATOM 20   N N    . THR A 1 2  ? 0.993   4.586   15.314  1.00 12.00 ? 32 THR A N    1 
ATOM 21   C CA   . THR A 1 2  ? 0.702   3.578   14.283  1.00 12.00 ? 32 THR A CA   1 
ATOM 22   C C    . THR A 1 2  ? -0.416  4.088   13.360  1.00 12.00 ? 32 THR A C    1 
ATOM 23   O O    . THR A 1 2  ? -1.158  5.009   13.701  1.00 12.00 ? 32 THR A O    1 
ATOM 24   C CB   . THR A 1 2  ? 0.397   2.200   14.911  1.00 12.00 ? 32 THR A CB   1 
ATOM 25   O OG1  . THR A 1 2  ? 0.393   1.213   13.874  1.00 12.00 ? 32 THR A OG1  1 
ATOM 26   C CG2  . THR A 1 2  ? -0.919  2.140   15.707  1.00 12.00 ? 32 THR A CG2  1 
ATOM 27   H H    . THR A 1 2  ? 0.297   4.732   16.031  1.00 0.00  ? 32 THR A H    1 
ATOM 28   H HA   . THR A 1 2  ? 1.599   3.461   13.674  1.00 0.00  ? 32 THR A HA   1 
ATOM 29   H HB   . THR A 1 2  ? 1.208   1.967   15.603  1.00 0.00  ? 32 THR A HB   1 
ATOM 30   H HG1  . THR A 1 2  ? 0.248   0.350   14.269  1.00 0.00  ? 32 THR A HG1  1 
ATOM 31   H HG21 . THR A 1 2  ? -1.065  1.149   16.136  1.00 0.00  ? 32 THR A HG21 1 
ATOM 32   H HG22 . THR A 1 2  ? -0.885  2.874   16.512  1.00 0.00  ? 32 THR A HG22 1 
ATOM 33   H HG23 . THR A 1 2  ? -1.752  2.367   15.042  1.00 0.00  ? 32 THR A HG23 1 
ATOM 34   N N    . CYS A 1 3  ? -0.596  3.366   12.270  1.00 12.00 ? 33 CYS A N    1 
ATOM 35   C CA   . CYS A 1 3  ? -1.479  3.764   11.167  1.00 12.00 ? 33 CYS A CA   1 
ATOM 36   C C    . CYS A 1 3  ? -2.812  2.974   11.159  1.00 12.00 ? 33 CYS A C    1 
ATOM 37   O O    . CYS A 1 3  ? -2.898  1.957   11.834  1.00 12.00 ? 33 CYS A O    1 
ATOM 38   C CB   . CYS A 1 3  ? -0.684  3.562   9.882   1.00 12.00 ? 33 CYS A CB   1 
ATOM 39   S SG   . CYS A 1 3  ? 0.632   4.816   9.677   1.00 12.00 ? 33 CYS A SG   1 
ATOM 40   H H    . CYS A 1 3  ? -0.105  2.488   12.180  1.00 0.00  ? 33 CYS A H    1 
ATOM 41   H HA   . CYS A 1 3  ? -1.716  4.823   11.274  1.00 0.00  ? 33 CYS A HA   1 
ATOM 42   H HB2  . CYS A 1 3  ? -0.226  2.573   9.907   1.00 0.00  ? 33 CYS A HB2  1 
ATOM 43   H HB3  . CYS A 1 3  ? -1.368  3.628   9.036   1.00 0.00  ? 33 CYS A HB3  1 
ATOM 44   H HG   . CYS A 1 3  ? 1.103   4.365   8.511   1.00 0.00  ? 33 CYS A HG   1 
ATOM 45   N N    . PRO A 1 4  ? -3.863  3.469   10.490  1.00 12.00 ? 34 PRO A N    1 
ATOM 46   C CA   . PRO A 1 4  ? -5.069  2.665   10.203  1.00 12.00 ? 34 PRO A CA   1 
ATOM 47   C C    . PRO A 1 4  ? -4.717  1.452   9.310   1.00 12.00 ? 34 PRO A C    1 
ATOM 48   O O    . PRO A 1 4  ? -3.604  1.409   8.794   1.00 12.00 ? 34 PRO A O    1 
ATOM 49   C CB   . PRO A 1 4  ? -6.035  3.641   9.519   1.00 12.00 ? 34 PRO A CB   1 
ATOM 50   C CG   . PRO A 1 4  ? -5.128  4.722   8.945   1.00 12.00 ? 34 PRO A CG   1 
ATOM 51   C CD   . PRO A 1 4  ? -4.024  4.851   9.997   1.00 12.00 ? 34 PRO A CD   1 
ATOM 52   H HA   . PRO A 1 4  ? -5.511  2.302   11.130  1.00 0.00  ? 34 PRO A HA   1 
ATOM 53   H HB2  . PRO A 1 4  ? -6.628  3.152   8.746   1.00 0.00  ? 34 PRO A HB2  1 
ATOM 54   H HB3  . PRO A 1 4  ? -6.679  4.089   10.275  1.00 0.00  ? 34 PRO A HB3  1 
ATOM 55   H HG2  . PRO A 1 4  ? -4.692  4.361   8.014   1.00 0.00  ? 34 PRO A HG2  1 
ATOM 56   H HG3  . PRO A 1 4  ? -5.656  5.662   8.785   1.00 0.00  ? 34 PRO A HG3  1 
ATOM 57   H HD2  . PRO A 1 4  ? -3.104  5.239   9.559   1.00 0.00  ? 34 PRO A HD2  1 
ATOM 58   H HD3  . PRO A 1 4  ? -4.356  5.492   10.813  1.00 0.00  ? 34 PRO A HD3  1 
ATOM 59   N N    . PRO A 1 5  ? -5.569  0.421   9.220   1.00 12.00 ? 35 PRO A N    1 
ATOM 60   C CA   . PRO A 1 5  ? -5.344  -0.707  8.297   1.00 12.00 ? 35 PRO A CA   1 
ATOM 61   C C    . PRO A 1 5  ? -5.341  -0.283  6.810   1.00 12.00 ? 35 PRO A C    1 
ATOM 62   O O    . PRO A 1 5  ? -6.243  0.445   6.392   1.00 12.00 ? 35 PRO A O    1 
ATOM 63   C CB   . PRO A 1 5  ? -6.437  -1.723  8.620   1.00 12.00 ? 35 PRO A CB   1 
ATOM 64   C CG   . PRO A 1 5  ? -7.515  -0.906  9.314   1.00 12.00 ? 35 PRO A CG   1 
ATOM 65   C CD   . PRO A 1 5  ? -6.734  0.149   10.096  1.00 12.00 ? 35 PRO A CD   1 
ATOM 66   H HA   . PRO A 1 5  ? -4.373  -1.153  8.515   1.00 0.00  ? 35 PRO A HA   1 
ATOM 67   H HB2  . PRO A 1 5  ? -6.811  -2.218  7.724   1.00 0.00  ? 35 PRO A HB2  1 
ATOM 68   H HB3  . PRO A 1 5  ? -6.042  -2.454  9.327   1.00 0.00  ? 35 PRO A HB3  1 
ATOM 69   H HG2  . PRO A 1 5  ? -8.120  -0.408  8.556   1.00 0.00  ? 35 PRO A HG2  1 
ATOM 70   H HG3  . PRO A 1 5  ? -8.138  -1.519  9.965   1.00 0.00  ? 35 PRO A HG3  1 
ATOM 71   H HD2  . PRO A 1 5  ? -7.335  1.042   10.268  1.00 0.00  ? 35 PRO A HD2  1 
ATOM 72   H HD3  . PRO A 1 5  ? -6.389  -0.264  11.044  1.00 0.00  ? 35 PRO A HD3  1 
ATOM 73   N N    . PRO A 1 6  ? -4.296  -0.655  6.058   1.00 12.00 ? 36 PRO A N    1 
ATOM 74   C CA   . PRO A 1 6  ? -4.266  -0.499  4.582   1.00 12.00 ? 36 PRO A CA   1 
ATOM 75   C C    . PRO A 1 6  ? -5.243  -1.488  3.928   1.00 12.00 ? 36 PRO A C    1 
ATOM 76   O O    . PRO A 1 6  ? -5.095  -2.706  4.010   1.00 12.00 ? 36 PRO A O    1 
ATOM 77   C CB   . PRO A 1 6  ? -2.812  -0.729  4.177   1.00 12.00 ? 36 PRO A CB   1 
ATOM 78   C CG   . PRO A 1 6  ? -2.228  -1.577  5.309   1.00 12.00 ? 36 PRO A CG   1 
ATOM 79   C CD   . PRO A 1 6  ? -2.974  -1.082  6.549   1.00 12.00 ? 36 PRO A CD   1 
ATOM 80   H HA   . PRO A 1 6  ? -4.557  0.513   4.305   1.00 0.00  ? 36 PRO A HA   1 
ATOM 81   H HB2  . PRO A 1 6  ? -2.732  -1.229  3.210   1.00 0.00  ? 36 PRO A HB2  1 
ATOM 82   H HB3  . PRO A 1 6  ? -2.295  0.231   4.158   1.00 0.00  ? 36 PRO A HB3  1 
ATOM 83   H HG2  . PRO A 1 6  ? -2.481  -2.623  5.135   1.00 0.00  ? 36 PRO A HG2  1 
ATOM 84   H HG3  . PRO A 1 6  ? -1.148  -1.452  5.403   1.00 0.00  ? 36 PRO A HG3  1 
ATOM 85   H HD2  . PRO A 1 6  ? -3.060  -1.875  7.292   1.00 0.00  ? 36 PRO A HD2  1 
ATOM 86   H HD3  . PRO A 1 6  ? -2.457  -0.221  6.971   1.00 0.00  ? 36 PRO A HD3  1 
ATOM 87   N N    . MET A 1 7  ? -6.299  -0.905  3.378   1.00 12.00 ? 37 MET A N    1 
ATOM 88   C CA   . MET A 1 7  ? -7.432  -1.643  2.780   1.00 12.00 ? 37 MET A CA   1 
ATOM 89   C C    . MET A 1 7  ? -7.736  -1.024  1.408   1.00 12.00 ? 37 MET A C    1 
ATOM 90   O O    . MET A 1 7  ? -8.430  -0.011  1.294   1.00 12.00 ? 37 MET A O    1 
ATOM 91   C CB   . MET A 1 7  ? -8.592  -1.600  3.785   1.00 12.00 ? 37 MET A CB   1 
ATOM 92   C CG   . MET A 1 7  ? -9.856  -2.327  3.329   1.00 12.00 ? 37 MET A CG   1 
ATOM 93   S SD   . MET A 1 7  ? -11.016 -1.244  2.412   1.00 12.00 ? 37 MET A SD   1 
ATOM 94   C CE   . MET A 1 7  ? -11.384 -2.283  1.017   1.00 12.00 ? 37 MET A CE   1 
ATOM 95   H H    . MET A 1 7  ? -6.341  0.105   3.364   1.00 0.00  ? 37 MET A H    1 
ATOM 96   H HA   . MET A 1 7  ? -7.149  -2.685  2.629   1.00 0.00  ? 37 MET A HA   1 
ATOM 97   H HB2  . MET A 1 7  ? -8.254  -2.056  4.715   1.00 0.00  ? 37 MET A HB2  1 
ATOM 98   H HB3  . MET A 1 7  ? -8.848  -0.556  3.964   1.00 0.00  ? 37 MET A HB3  1 
ATOM 99   H HG2  . MET A 1 7  ? -9.570  -3.158  2.685   1.00 0.00  ? 37 MET A HG2  1 
ATOM 100  H HG3  . MET A 1 7  ? -10.368 -2.725  4.205   1.00 0.00  ? 37 MET A HG3  1 
ATOM 101  H HE1  . MET A 1 7  ? -12.082 -1.767  0.357   1.00 0.00  ? 37 MET A HE1  1 
ATOM 102  H HE2  . MET A 1 7  ? -10.465 -2.502  0.473   1.00 0.00  ? 37 MET A HE2  1 
ATOM 103  H HE3  . MET A 1 7  ? -11.832 -3.213  1.364   1.00 0.00  ? 37 MET A HE3  1 
ATOM 104  N N    . SER A 1 8  ? -6.975  -1.502  0.426   1.00 12.00 ? 38 SER A N    1 
ATOM 105  C CA   . SER A 1 8  ? -6.957  -0.963  -0.943  1.00 12.00 ? 38 SER A CA   1 
ATOM 106  C C    . SER A 1 8  ? -6.531  -2.051  -1.945  1.00 12.00 ? 38 SER A C    1 
ATOM 107  O O    . SER A 1 8  ? -6.890  -3.211  -1.753  1.00 12.00 ? 38 SER A O    1 
ATOM 108  C CB   . SER A 1 8  ? -6.049  0.284   -0.980  1.00 12.00 ? 38 SER A CB   1 
ATOM 109  O OG   . SER A 1 8  ? -6.602  1.319   -0.173  1.00 12.00 ? 38 SER A OG   1 
ATOM 110  H H    . SER A 1 8  ? -6.368  -2.285  0.624   1.00 0.00  ? 38 SER A H    1 
ATOM 111  H HA   . SER A 1 8  ? -7.968  -0.651  -1.202  1.00 0.00  ? 38 SER A HA   1 
ATOM 112  H HB2  . SER A 1 8  ? -5.060  0.021   -0.602  1.00 0.00  ? 38 SER A HB2  1 
ATOM 113  H HB3  . SER A 1 8  ? -5.962  0.636   -2.008  1.00 0.00  ? 38 SER A HB3  1 
ATOM 114  H HG   . SER A 1 8  ? -6.021  2.082   -0.213  1.00 0.00  ? 38 SER A HG   1 
ATOM 115  N N    . VAL A 1 9  ? -5.732  -1.692  -2.951  1.00 12.00 ? 39 VAL A N    1 
ATOM 116  C CA   . VAL A 1 9  ? -5.161  -2.568  -3.990  1.00 12.00 ? 39 VAL A CA   1 
ATOM 117  C C    . VAL A 1 9  ? -6.155  -3.350  -4.878  1.00 12.00 ? 39 VAL A C    1 
ATOM 118  O O    . VAL A 1 9  ? -6.456  -2.882  -5.970  1.00 12.00 ? 39 VAL A O    1 
ATOM 119  C CB   . VAL A 1 9  ? -3.993  -3.352  -3.340  1.00 12.00 ? 39 VAL A CB   1 
ATOM 120  C CG1  . VAL A 1 9  ? -4.301  -4.711  -2.696  1.00 12.00 ? 39 VAL A CG1  1 
ATOM 121  C CG2  . VAL A 1 9  ? -2.861  -3.472  -4.338  1.00 12.00 ? 39 VAL A CG2  1 
ATOM 122  H H    . VAL A 1 9  ? -5.489  -0.714  -3.014  1.00 0.00  ? 39 VAL A H    1 
ATOM 123  H HA   . VAL A 1 9  ? -4.683  -1.884  -4.693  1.00 0.00  ? 39 VAL A HA   1 
ATOM 124  H HB   . VAL A 1 9  ? -3.633  -2.724  -2.525  1.00 0.00  ? 39 VAL A HB   1 
ATOM 125  H HG11 . VAL A 1 9  ? -3.416  -5.149  -2.234  1.00 0.00  ? 39 VAL A HG11 1 
ATOM 126  H HG12 . VAL A 1 9  ? -5.066  -4.577  -1.931  1.00 0.00  ? 39 VAL A HG12 1 
ATOM 127  H HG13 . VAL A 1 9  ? -4.669  -5.394  -3.462  1.00 0.00  ? 39 VAL A HG13 1 
ATOM 128  H HG21 . VAL A 1 9  ? -1.994  -3.939  -3.871  1.00 0.00  ? 39 VAL A HG21 1 
ATOM 129  H HG22 . VAL A 1 9  ? -3.187  -4.081  -5.182  1.00 0.00  ? 39 VAL A HG22 1 
ATOM 130  H HG23 . VAL A 1 9  ? -2.585  -2.479  -4.693  1.00 0.00  ? 39 VAL A HG23 1 
ATOM 131  N N    . GLU A 1 10 ? -6.686  -4.463  -4.362  1.00 12.00 ? 40 GLU A N    1 
ATOM 132  C CA   . GLU A 1 10 ? -7.582  -5.483  -4.948  1.00 12.00 ? 40 GLU A CA   1 
ATOM 133  C C    . GLU A 1 10 ? -6.836  -6.768  -5.318  1.00 12.00 ? 40 GLU A C    1 
ATOM 134  O O    . GLU A 1 10 ? -6.767  -7.695  -4.503  1.00 12.00 ? 40 GLU A O    1 
ATOM 135  C CB   . GLU A 1 10 ? -8.522  -5.012  -6.070  1.00 12.00 ? 40 GLU A CB   1 
ATOM 136  C CG   . GLU A 1 10 ? -9.550  -3.997  -5.529  1.00 12.00 ? 40 GLU A CG   1 
ATOM 137  C CD   . GLU A 1 10 ? -10.474 -3.451  -6.614  1.00 12.00 ? 40 GLU A CD   1 
ATOM 138  O OE1  . GLU A 1 10 ? -11.696 -3.449  -6.340  1.00 12.00 ? 40 GLU A OE1  1 
ATOM 139  O OE2  . GLU A 1 10 ? -9.958  -2.995  -7.663  1.00 12.00 ? 40 GLU A OE2  1 
ATOM 140  H H    . GLU A 1 10 ? -6.431  -4.642  -3.401  1.00 0.00  ? 40 GLU A H    1 
ATOM 141  H HA   . GLU A 1 10 ? -8.246  -5.757  -4.128  1.00 0.00  ? 40 GLU A HA   1 
ATOM 142  H HB2  . GLU A 1 10 ? -7.932  -4.540  -6.856  1.00 0.00  ? 40 GLU A HB2  1 
ATOM 143  H HB3  . GLU A 1 10 ? -9.050  -5.873  -6.480  1.00 0.00  ? 40 GLU A HB3  1 
ATOM 144  H HG2  . GLU A 1 10 ? -10.157 -4.487  -4.769  1.00 0.00  ? 40 GLU A HG2  1 
ATOM 145  H HG3  . GLU A 1 10 ? -9.012  -3.164  -5.077  1.00 0.00  ? 40 GLU A HG3  1 
ATOM 146  H HE2  . GLU A 1 10 ? -10.602 -2.656  -8.289  1.00 0.00  ? 40 GLU A HE2  1 
ATOM 147  N N    . HIS A 1 11 ? -6.083  -6.742  -6.422  1.00 12.00 ? 41 HIS A N    1 
ATOM 148  C CA   . HIS A 1 11 ? -5.373  -7.942  -6.912  1.00 12.00 ? 41 HIS A CA   1 
ATOM 149  C C    . HIS A 1 11 ? -3.953  -8.094  -6.338  1.00 12.00 ? 41 HIS A C    1 
ATOM 150  O O    . HIS A 1 11 ? -3.008  -8.497  -7.031  1.00 12.00 ? 41 HIS A O    1 
ATOM 151  C CB   . HIS A 1 11 ? -5.424  -7.954  -8.444  1.00 12.00 ? 41 HIS A CB   1 
ATOM 152  C CG   . HIS A 1 11 ? -6.874  -8.040  -8.927  1.00 12.00 ? 41 HIS A CG   1 
ATOM 153  N ND1  . HIS A 1 11 ? -7.756  -8.971  -8.573  1.00 12.00 ? 41 HIS A ND1  1 
ATOM 154  C CD2  . HIS A 1 11 ? -7.557  -7.026  -9.443  1.00 12.00 ? 41 HIS A CD2  1 
ATOM 155  C CE1  . HIS A 1 11 ? -8.976  -8.526  -8.834  1.00 12.00 ? 41 HIS A CE1  1 
ATOM 156  N NE2  . HIS A 1 11 ? -8.856  -7.313  -9.365  1.00 12.00 ? 41 HIS A NE2  1 
ATOM 157  H H    . HIS A 1 11 ? -5.989  -5.883  -6.945  1.00 0.00  ? 41 HIS A H    1 
ATOM 158  H HA   . HIS A 1 11 ? -5.938  -8.807  -6.565  1.00 0.00  ? 41 HIS A HA   1 
ATOM 159  H HB2  . HIS A 1 11 ? -4.968  -7.042  -8.829  1.00 0.00  ? 41 HIS A HB2  1 
ATOM 160  H HB3  . HIS A 1 11 ? -4.867  -8.813  -8.817  1.00 0.00  ? 41 HIS A HB3  1 
ATOM 161  H HD1  . HIS A 1 11 ? -7.531  -9.870  -8.170  1.00 0.00  ? 41 HIS A HD1  1 
ATOM 162  H HD2  . HIS A 1 11 ? -7.132  -6.123  -9.856  1.00 0.00  ? 41 HIS A HD2  1 
ATOM 163  H HE1  . HIS A 1 11 ? -9.900  -9.053  -8.650  1.00 0.00  ? 41 HIS A HE1  1 
ATOM 164  H HE2  . HIS A 1 11 ? -9.615  -6.715  -9.658  1.00 0.00  ? 41 HIS A HE2  1 
ATOM 165  N N    . ALA A 1 12 ? -3.865  -7.957  -5.019  1.00 12.00 ? 42 ALA A N    1 
ATOM 166  C CA   . ALA A 1 12 ? -2.595  -8.000  -4.270  1.00 12.00 ? 42 ALA A CA   1 
ATOM 167  C C    . ALA A 1 12 ? -2.708  -8.199  -2.753  1.00 12.00 ? 42 ALA A C    1 
ATOM 168  O O    . ALA A 1 12 ? -3.715  -7.858  -2.141  1.00 12.00 ? 42 ALA A O    1 
ATOM 169  C CB   . ALA A 1 12 ? -1.774  -6.733  -4.540  1.00 12.00 ? 42 ALA A CB   1 
ATOM 170  H H    . ALA A 1 12 ? -4.713  -7.812  -4.490  1.00 0.00  ? 42 ALA A H    1 
ATOM 171  H HA   . ALA A 1 12 ? -2.040  -8.852  -4.663  1.00 0.00  ? 42 ALA A HA   1 
ATOM 172  H HB1  . ALA A 1 12 ? -0.803  -6.796  -4.049  1.00 0.00  ? 42 ALA A HB1  1 
ATOM 173  H HB2  . ALA A 1 12 ? -1.624  -6.622  -5.615  1.00 0.00  ? 42 ALA A HB2  1 
ATOM 174  H HB3  . ALA A 1 12 ? -2.312  -5.866  -4.158  1.00 0.00  ? 42 ALA A HB3  1 
ATOM 175  N N    . ASP A 1 13 ? -1.663  -8.812  -2.203  1.00 12.00 ? 43 ASP A N    1 
ATOM 176  C CA   . ASP A 1 13 ? -1.482  -8.977  -0.739  1.00 12.00 ? 43 ASP A CA   1 
ATOM 177  C C    . ASP A 1 13 ? -0.383  -8.074  -0.161  1.00 12.00 ? 43 ASP A C    1 
ATOM 178  O O    . ASP A 1 13 ? 0.540   -7.678  -0.860  1.00 12.00 ? 43 ASP A O    1 
ATOM 179  C CB   . ASP A 1 13 ? -1.160  -10.436 -0.411  1.00 12.00 ? 43 ASP A CB   1 
ATOM 180  C CG   . ASP A 1 13 ? -2.426  -11.232 -0.106  1.00 12.00 ? 43 ASP A CG   1 
ATOM 181  O OD1  . ASP A 1 13 ? -2.830  -11.200 1.071   1.00 12.00 ? 43 ASP A OD1  1 
ATOM 182  O OD2  . ASP A 1 13 ? -2.974  -11.831 -1.064  1.00 12.00 ? 43 ASP A OD2  1 
ATOM 183  H H    . ASP A 1 13 ? -0.948  -9.192  -2.808  1.00 0.00  ? 43 ASP A H    1 
ATOM 184  H HA   . ASP A 1 13 ? -2.425  -8.713  -0.258  1.00 0.00  ? 43 ASP A HA   1 
ATOM 185  H HB2  . ASP A 1 13 ? -0.652  -10.889 -1.263  1.00 0.00  ? 43 ASP A HB2  1 
ATOM 186  H HB3  . ASP A 1 13 ? -0.502  -10.469 0.457   1.00 0.00  ? 43 ASP A HB3  1 
ATOM 187  H HD2  . ASP A 1 13 ? -3.767  -12.305 -0.805  1.00 0.00  ? 43 ASP A HD2  1 
ATOM 188  N N    . ILE A 1 14 ? -0.571  -7.711  1.104   1.00 12.00 ? 44 ILE A N    1 
ATOM 189  C CA   . ILE A 1 14 ? 0.471   -7.040  1.920   1.00 12.00 ? 44 ILE A CA   1 
ATOM 190  C C    . ILE A 1 14 ? 0.542   -7.646  3.326   1.00 12.00 ? 44 ILE A C    1 
ATOM 191  O O    . ILE A 1 14 ? -0.463  -8.143  3.842   1.00 12.00 ? 44 ILE A O    1 
ATOM 192  C CB   . ILE A 1 14 ? 0.240   -5.512  1.954   1.00 12.00 ? 44 ILE A CB   1 
ATOM 193  C CG1  . ILE A 1 14 ? 1.563   -4.776  2.181   1.00 12.00 ? 44 ILE A CG1  1 
ATOM 194  C CG2  . ILE A 1 14 ? -0.855  -5.041  2.930   1.00 12.00 ? 44 ILE A CG2  1 
ATOM 195  C CD1  . ILE A 1 14 ? 1.583   -3.464  1.403   1.00 12.00 ? 44 ILE A CD1  1 
ATOM 196  H H    . ILE A 1 14 ? -1.463  -7.896  1.541   1.00 0.00  ? 44 ILE A H    1 
ATOM 197  H HA   . ILE A 1 14 ? 1.432   -7.218  1.437   1.00 0.00  ? 44 ILE A HA   1 
ATOM 198  H HB   . ILE A 1 14 ? -0.108  -5.235  0.959   1.00 0.00  ? 44 ILE A HB   1 
ATOM 199  H HG12 . ILE A 1 14 ? 1.678   -4.564  3.244   1.00 0.00  ? 44 ILE A HG12 1 
ATOM 200  H HG13 . ILE A 1 14 ? 2.386   -5.405  1.844   1.00 0.00  ? 44 ILE A HG13 1 
ATOM 201  H HG21 . ILE A 1 14 ? -0.997  -3.963  2.864   1.00 0.00  ? 44 ILE A HG21 1 
ATOM 202  H HG22 . ILE A 1 14 ? -1.793  -5.538  2.684   1.00 0.00  ? 44 ILE A HG22 1 
ATOM 203  H HG23 . ILE A 1 14 ? -0.563  -5.298  3.948   1.00 0.00  ? 44 ILE A HG23 1 
ATOM 204  H HD11 . ILE A 1 14 ? 2.529   -2.950  1.574   1.00 0.00  ? 44 ILE A HD11 1 
ATOM 205  H HD12 . ILE A 1 14 ? 1.472   -3.671  0.339   1.00 0.00  ? 44 ILE A HD12 1 
ATOM 206  H HD13 . ILE A 1 14 ? 0.762   -2.831  1.738   1.00 0.00  ? 44 ILE A HD13 1 
ATOM 207  N N    . TRP A 1 15 ? 1.746   -7.610  3.874   1.00 12.00 ? 45 TRP A N    1 
ATOM 208  C CA   . TRP A 1 15 ? 1.949   -7.863  5.303   1.00 12.00 ? 45 TRP A CA   1 
ATOM 209  C C    . TRP A 1 15 ? 2.820   -6.764  5.927   1.00 12.00 ? 45 TRP A C    1 
ATOM 210  O O    . TRP A 1 15 ? 3.778   -6.290  5.327   1.00 12.00 ? 45 TRP A O    1 
ATOM 211  C CB   . TRP A 1 15 ? 2.590   -9.226  5.556   1.00 12.00 ? 45 TRP A CB   1 
ATOM 212  C CG   . TRP A 1 15 ? 1.728   -10.011 6.567   1.00 12.00 ? 45 TRP A CG   1 
ATOM 213  C CD1  . TRP A 1 15 ? 1.708   -9.822  7.877   1.00 12.00 ? 45 TRP A CD1  1 
ATOM 214  C CD2  . TRP A 1 15 ? 0.795   -10.977 6.251   1.00 12.00 ? 45 TRP A CD2  1 
ATOM 215  N NE1  . TRP A 1 15 ? 0.786   -10.630 8.437   1.00 12.00 ? 45 TRP A NE1  1 
ATOM 216  C CE2  . TRP A 1 15 ? 0.219   -11.367 7.483   1.00 12.00 ? 45 TRP A CE2  1 
ATOM 217  C CE3  . TRP A 1 15 ? 0.398   -11.607 5.051   1.00 12.00 ? 45 TRP A CE3  1 
ATOM 218  C CZ2  . TRP A 1 15 ? -0.752  -12.381 7.533   1.00 12.00 ? 45 TRP A CZ2  1 
ATOM 219  C CZ3  . TRP A 1 15 ? -0.565  -12.628 5.092   1.00 12.00 ? 45 TRP A CZ3  1 
ATOM 220  C CH2  . TRP A 1 15 ? -1.140  -13.018 6.324   1.00 12.00 ? 45 TRP A CH2  1 
ATOM 221  H H    . TRP A 1 15 ? 2.553   -7.402  3.302   1.00 0.00  ? 45 TRP A H    1 
ATOM 222  H HA   . TRP A 1 15 ? 0.972   -7.850  5.785   1.00 0.00  ? 45 TRP A HA   1 
ATOM 223  H HB2  . TRP A 1 15 ? 2.658   -9.782  4.620   1.00 0.00  ? 45 TRP A HB2  1 
ATOM 224  H HB3  . TRP A 1 15 ? 3.597   -9.093  5.952   1.00 0.00  ? 45 TRP A HB3  1 
ATOM 225  H HD1  . TRP A 1 15 ? 2.334   -9.126  8.416   1.00 0.00  ? 45 TRP A HD1  1 
ATOM 226  H HE1  . TRP A 1 15 ? 0.582   -10.653 9.426   1.00 0.00  ? 45 TRP A HE1  1 
ATOM 227  H HE3  . TRP A 1 15 ? 0.832   -11.306 4.108   1.00 0.00  ? 45 TRP A HE3  1 
ATOM 228  H HZ2  . TRP A 1 15 ? -1.196  -12.671 8.474   1.00 0.00  ? 45 TRP A HZ2  1 
ATOM 229  H HZ3  . TRP A 1 15 ? -0.867  -13.118 4.179   1.00 0.00  ? 45 TRP A HZ3  1 
ATOM 230  H HH2  . TRP A 1 15 ? -1.879  -13.805 6.345   1.00 0.00  ? 45 TRP A HH2  1 
ATOM 231  N N    . VAL A 1 16 ? 2.269   -6.251  7.020   1.00 12.00 ? 46 VAL A N    1 
ATOM 232  C CA   . VAL A 1 16 ? 2.907   -5.250  7.904   1.00 12.00 ? 46 VAL A CA   1 
ATOM 233  C C    . VAL A 1 16 ? 2.334   -5.409  9.313   1.00 12.00 ? 46 VAL A C    1 
ATOM 234  O O    . VAL A 1 16 ? 1.187   -5.064  9.586   1.00 12.00 ? 46 VAL A O    1 
ATOM 235  C CB   . VAL A 1 16 ? 2.819   -3.833  7.300   1.00 12.00 ? 46 VAL A CB   1 
ATOM 236  C CG1  . VAL A 1 16 ? 1.414   -3.427  6.822   1.00 12.00 ? 46 VAL A CG1  1 
ATOM 237  C CG2  . VAL A 1 16 ? 3.464   -2.782  8.209   1.00 12.00 ? 46 VAL A CG2  1 
ATOM 238  H H    . VAL A 1 16 ? 1.343   -6.562  7.275   1.00 0.00  ? 46 VAL A H    1 
ATOM 239  H HA   . VAL A 1 16 ? 3.969   -5.494  7.963   1.00 0.00  ? 46 VAL A HA   1 
ATOM 240  H HB   . VAL A 1 16 ? 3.432   -3.863  6.399   1.00 0.00  ? 46 VAL A HB   1 
ATOM 241  H HG11 . VAL A 1 16 ? 1.432   -2.448  6.344   1.00 0.00  ? 46 VAL A HG11 1 
ATOM 242  H HG12 . VAL A 1 16 ? 1.052   -4.164  6.105   1.00 0.00  ? 46 VAL A HG12 1 
ATOM 243  H HG13 . VAL A 1 16 ? 0.740   -3.390  7.677   1.00 0.00  ? 46 VAL A HG13 1 
ATOM 244  H HG21 . VAL A 1 16 ? 3.464   -1.804  7.725   1.00 0.00  ? 46 VAL A HG21 1 
ATOM 245  H HG22 . VAL A 1 16 ? 2.903   -2.719  9.141   1.00 0.00  ? 46 VAL A HG22 1 
ATOM 246  H HG23 . VAL A 1 16 ? 4.493   -3.074  8.423   1.00 0.00  ? 46 VAL A HG23 1 
ATOM 247  N N    . LYS A 1 17 ? 3.152   -6.015  10.172  1.00 12.00 ? 47 LYS A N    1 
ATOM 248  C CA   . LYS A 1 17 ? 2.710   -6.520  11.485  1.00 12.00 ? 47 LYS A CA   1 
ATOM 249  C C    . LYS A 1 17 ? 2.320   -5.496  12.569  1.00 12.00 ? 47 LYS A C    1 
ATOM 250  O O    . LYS A 1 17 ? 1.540   -5.822  13.467  1.00 12.00 ? 47 LYS A O    1 
ATOM 251  C CB   . LYS A 1 17 ? 3.702   -7.559  12.051  1.00 12.00 ? 47 LYS A CB   1 
ATOM 252  C CG   . LYS A 1 17 ? 5.114   -7.032  12.329  1.00 12.00 ? 47 LYS A CG   1 
ATOM 253  C CD   . LYS A 1 17 ? 5.793   -7.959  13.344  1.00 12.00 ? 47 LYS A CD   1 
ATOM 254  C CE   . LYS A 1 17 ? 7.204   -7.506  13.732  1.00 12.00 ? 47 LYS A CE   1 
ATOM 255  N NZ   . LYS A 1 17 ? 8.180   -7.872  12.698  1.00 12.00 ? 47 LYS A NZ   1 
ATOM 256  H H    . LYS A 1 17 ? 4.122   -6.140  9.921   1.00 0.00  ? 47 LYS A H    1 
ATOM 257  H HA   . LYS A 1 17 ? 1.792   -7.064  11.267  1.00 0.00  ? 47 LYS A HA   1 
ATOM 258  H HB2  . LYS A 1 17 ? 3.293   -7.939  12.987  1.00 0.00  ? 47 LYS A HB2  1 
ATOM 259  H HB3  . LYS A 1 17 ? 3.783   -8.375  11.332  1.00 0.00  ? 47 LYS A HB3  1 
ATOM 260  H HG2  . LYS A 1 17 ? 5.690   -7.018  11.404  1.00 0.00  ? 47 LYS A HG2  1 
ATOM 261  H HG3  . LYS A 1 17 ? 5.056   -6.023  12.736  1.00 0.00  ? 47 LYS A HG3  1 
ATOM 262  H HD2  . LYS A 1 17 ? 5.180   -7.992  14.246  1.00 0.00  ? 47 LYS A HD2  1 
ATOM 263  H HD3  . LYS A 1 17 ? 5.857   -8.958  12.912  1.00 0.00  ? 47 LYS A HD3  1 
ATOM 264  H HE2  . LYS A 1 17 ? 7.209   -6.424  13.861  1.00 0.00  ? 47 LYS A HE2  1 
ATOM 265  H HE3  . LYS A 1 17 ? 7.485   -7.981  14.671  1.00 0.00  ? 47 LYS A HE3  1 
ATOM 266  H HZ1  . LYS A 1 17 ? 9.099   -7.563  12.978  1.00 0.00  ? 47 LYS A HZ1  1 
ATOM 267  H HZ2  . LYS A 1 17 ? 8.185   -8.875  12.579  1.00 0.00  ? 47 LYS A HZ2  1 
ATOM 268  H HZ3  . LYS A 1 17 ? 7.928   -7.431  11.825  1.00 0.00  ? 47 LYS A HZ3  1 
ATOM 269  N N    . SER A 1 18 ? 2.988   -4.342  12.578  1.00 12.00 ? 48 SER A N    1 
ATOM 270  C CA   . SER A 1 18 ? 2.760   -3.291  13.600  1.00 12.00 ? 48 SER A CA   1 
ATOM 271  C C    . SER A 1 18 ? 2.534   -1.860  13.075  1.00 12.00 ? 48 SER A C    1 
ATOM 272  O O    . SER A 1 18 ? 2.187   -0.963  13.849  1.00 12.00 ? 48 SER A O    1 
ATOM 273  C CB   . SER A 1 18 ? 3.951   -3.315  14.569  1.00 12.00 ? 48 SER A CB   1 
ATOM 274  O OG   . SER A 1 18 ? 5.175   -3.491  13.836  1.00 12.00 ? 48 SER A OG   1 
ATOM 275  H H    . SER A 1 18 ? 3.679   -4.165  11.862  1.00 0.00  ? 48 SER A H    1 
ATOM 276  H HA   . SER A 1 18 ? 1.863   -3.572  14.150  1.00 0.00  ? 48 SER A HA   1 
ATOM 277  H HB2  . SER A 1 18 ? 3.990   -2.374  15.118  1.00 0.00  ? 48 SER A HB2  1 
ATOM 278  H HB3  . SER A 1 18 ? 3.828   -4.140  15.271  1.00 0.00  ? 48 SER A HB3  1 
ATOM 279  H HG   . SER A 1 18 ? 5.906   -3.503  14.458  1.00 0.00  ? 48 SER A HG   1 
ATOM 280  N N    . TYR A 1 19 ? 2.459   -1.736  11.743  1.00 12.00 ? 49 TYR A N    1 
ATOM 281  C CA   . TYR A 1 19 ? 2.467   -0.453  10.996  1.00 12.00 ? 49 TYR A CA   1 
ATOM 282  C C    . TYR A 1 19 ? 3.568   0.504   11.504  1.00 12.00 ? 49 TYR A C    1 
ATOM 283  O O    . TYR A 1 19 ? 4.550   0.009   12.062  1.00 12.00 ? 49 TYR A O    1 
ATOM 284  C CB   . TYR A 1 19 ? 1.062   0.195   11.008  1.00 12.00 ? 49 TYR A CB   1 
ATOM 285  C CG   . TYR A 1 19 ? -0.101  -0.714  10.595  1.00 12.00 ? 49 TYR A CG   1 
ATOM 286  C CD1  . TYR A 1 19 ? 0.061   -1.707  9.600   1.00 12.00 ? 49 TYR A CD1  1 
ATOM 287  C CD2  . TYR A 1 19 ? -1.339  -0.530  11.242  1.00 12.00 ? 49 TYR A CD2  1 
ATOM 288  C CE1  . TYR A 1 19 ? -1.026  -2.541  9.263   1.00 12.00 ? 49 TYR A CE1  1 
ATOM 289  C CE2  . TYR A 1 19 ? -2.431  -1.352  10.900  1.00 12.00 ? 49 TYR A CE2  1 
ATOM 290  C CZ   . TYR A 1 19 ? -2.259  -2.345  9.916   1.00 12.00 ? 49 TYR A CZ   1 
ATOM 291  O OH   . TYR A 1 19 ? -3.331  -3.066  9.498   1.00 12.00 ? 49 TYR A OH   1 
ATOM 292  H H    . TYR A 1 19 ? 2.393   -2.581  11.193  1.00 0.00  ? 49 TYR A H    1 
ATOM 293  H HA   . TYR A 1 19 ? 2.703   -0.689  9.959   1.00 0.00  ? 49 TYR A HA   1 
ATOM 294  H HB2  . TYR A 1 19 ? 0.866   0.555   12.017  1.00 0.00  ? 49 TYR A HB2  1 
ATOM 295  H HB3  . TYR A 1 19 ? 1.080   1.048   10.330  1.00 0.00  ? 49 TYR A HB3  1 
ATOM 296  H HD1  . TYR A 1 19 ? 1.012   -1.826  9.102   1.00 0.00  ? 49 TYR A HD1  1 
ATOM 297  H HD2  . TYR A 1 19 ? -1.450  0.237   11.994  1.00 0.00  ? 49 TYR A HD2  1 
ATOM 298  H HE1  . TYR A 1 19 ? -0.914  -3.316  8.518   1.00 0.00  ? 49 TYR A HE1  1 
ATOM 299  H HE2  . TYR A 1 19 ? -3.386  -1.222  11.387  1.00 0.00  ? 49 TYR A HE2  1 
ATOM 300  H HH   . TYR A 1 19 ? -4.134  -2.847  9.975   1.00 0.00  ? 49 TYR A HH   1 
ATOM 301  N N    . SER A 1 20 ? 3.512   1.779   11.112  1.00 12.00 ? 50 SER A N    1 
ATOM 302  C CA   . SER A 1 20 ? 4.376   2.875   11.623  1.00 12.00 ? 50 SER A CA   1 
ATOM 303  C C    . SER A 1 20 ? 4.117   4.188   10.885  1.00 12.00 ? 50 SER A C    1 
ATOM 304  O O    . SER A 1 20 ? 3.742   4.190   9.708   1.00 12.00 ? 50 SER A O    1 
ATOM 305  C CB   . SER A 1 20 ? 5.872   2.592   11.464  1.00 12.00 ? 50 SER A CB   1 
ATOM 306  O OG   . SER A 1 20 ? 6.548   2.912   12.673  1.00 12.00 ? 50 SER A OG   1 
ATOM 307  H H    . SER A 1 20 ? 2.827   2.028   10.413  1.00 0.00  ? 50 SER A H    1 
ATOM 308  H HA   . SER A 1 20 ? 4.152   3.006   12.681  1.00 0.00  ? 50 SER A HA   1 
ATOM 309  H HB2  . SER A 1 20 ? 6.019   1.536   11.235  1.00 0.00  ? 50 SER A HB2  1 
ATOM 310  H HB3  . SER A 1 20 ? 6.273   3.200   10.653  1.00 0.00  ? 50 SER A HB3  1 
ATOM 311  H HG   . SER A 1 20 ? 7.483   2.729   12.558  1.00 0.00  ? 50 SER A HG   1 
ATOM 312  N N    . LEU A 1 21 ? 4.289   5.292   11.609  1.00 12.00 ? 51 LEU A N    1 
ATOM 313  C CA   . LEU A 1 21 ? 4.320   6.661   11.034  1.00 12.00 ? 51 LEU A CA   1 
ATOM 314  C C    . LEU A 1 21 ? 5.502   6.765   10.054  1.00 12.00 ? 51 LEU A C    1 
ATOM 315  O O    . LEU A 1 21 ? 6.614   6.323   10.364  1.00 12.00 ? 51 LEU A O    1 
ATOM 316  C CB   . LEU A 1 21 ? 4.521   7.648   12.194  1.00 12.00 ? 51 LEU A CB   1 
ATOM 317  C CG   . LEU A 1 21 ? 3.755   8.982   12.075  1.00 12.00 ? 51 LEU A CG   1 
ATOM 318  C CD1  . LEU A 1 21 ? 4.206   9.844   10.887  1.00 12.00 ? 51 LEU A CD1  1 
ATOM 319  C CD2  . LEU A 1 21 ? 2.243   8.773   12.100  1.00 12.00 ? 51 LEU A CD2  1 
ATOM 320  H H    . LEU A 1 21 ? 4.407   5.204   12.608  1.00 0.00  ? 51 LEU A H    1 
ATOM 321  H HA   . LEU A 1 21 ? 3.385   6.874   10.515  1.00 0.00  ? 51 LEU A HA   1 
ATOM 322  H HB2  . LEU A 1 21 ? 4.198   7.157   13.112  1.00 0.00  ? 51 LEU A HB2  1 
ATOM 323  H HB3  . LEU A 1 21 ? 5.585   7.877   12.259  1.00 0.00  ? 51 LEU A HB3  1 
ATOM 324  H HG   . LEU A 1 21 ? 4.001   9.553   12.970  1.00 0.00  ? 51 LEU A HG   1 
ATOM 325  H HD11 . LEU A 1 21 ? 3.679   10.799  10.881  1.00 0.00  ? 51 LEU A HD11 1 
ATOM 326  H HD12 . LEU A 1 21 ? 5.278   10.031  10.965  1.00 0.00  ? 51 LEU A HD12 1 
ATOM 327  H HD13 . LEU A 1 21 ? 3.996   9.315   9.959   1.00 0.00  ? 51 LEU A HD13 1 
ATOM 328  H HD21 . LEU A 1 21 ? 1.725   9.732   12.084  1.00 0.00  ? 51 LEU A HD21 1 
ATOM 329  H HD22 . LEU A 1 21 ? 1.945   8.191   11.228  1.00 0.00  ? 51 LEU A HD22 1 
ATOM 330  H HD23 . LEU A 1 21 ? 1.968   8.234   13.007  1.00 0.00  ? 51 LEU A HD23 1 
ATOM 331  N N    . TYR A 1 22 ? 5.231   7.299   8.865   1.00 12.00 ? 52 TYR A N    1 
ATOM 332  C CA   . TYR A 1 22 ? 6.213   7.449   7.757   1.00 12.00 ? 52 TYR A CA   1 
ATOM 333  C C    . TYR A 1 22 ? 6.931   6.141   7.354   1.00 12.00 ? 52 TYR A C    1 
ATOM 334  O O    . TYR A 1 22 ? 8.129   6.102   7.074   1.00 12.00 ? 52 TYR A O    1 
ATOM 335  C CB   . TYR A 1 22 ? 7.214   8.589   8.033   1.00 12.00 ? 52 TYR A CB   1 
ATOM 336  C CG   . TYR A 1 22 ? 6.637   10.008  7.978   1.00 12.00 ? 52 TYR A CG   1 
ATOM 337  C CD1  . TYR A 1 22 ? 5.496   10.306  7.200   1.00 12.00 ? 52 TYR A CD1  1 
ATOM 338  C CD2  . TYR A 1 22 ? 7.353   11.017  8.653   1.00 12.00 ? 52 TYR A CD2  1 
ATOM 339  C CE1  . TYR A 1 22 ? 5.061   11.639  7.091   1.00 12.00 ? 52 TYR A CE1  1 
ATOM 340  C CE2  . TYR A 1 22 ? 6.922   12.361  8.550   1.00 12.00 ? 52 TYR A CE2  1 
ATOM 341  C CZ   . TYR A 1 22 ? 5.778   12.651  7.775   1.00 12.00 ? 52 TYR A CZ   1 
ATOM 342  O OH   . TYR A 1 22 ? 5.319   13.927  7.707   1.00 12.00 ? 52 TYR A OH   1 
ATOM 343  H H    . TYR A 1 22 ? 4.293   7.629   8.693   1.00 0.00  ? 52 TYR A H    1 
ATOM 344  H HA   . TYR A 1 22 ? 5.630   7.752   6.888   1.00 0.00  ? 52 TYR A HA   1 
ATOM 345  H HB2  . TYR A 1 22 ? 7.638   8.435   9.025   1.00 0.00  ? 52 TYR A HB2  1 
ATOM 346  H HB3  . TYR A 1 22 ? 8.015   8.522   7.296   1.00 0.00  ? 52 TYR A HB3  1 
ATOM 347  H HD1  . TYR A 1 22 ? 4.962   9.517   6.693   1.00 0.00  ? 52 TYR A HD1  1 
ATOM 348  H HD2  . TYR A 1 22 ? 8.222   10.766  9.243   1.00 0.00  ? 52 TYR A HD2  1 
ATOM 349  H HE1  . TYR A 1 22 ? 4.195   11.886  6.495   1.00 0.00  ? 52 TYR A HE1  1 
ATOM 350  H HE2  . TYR A 1 22 ? 7.458   13.151  9.055   1.00 0.00  ? 52 TYR A HE2  1 
ATOM 351  H HH   . TYR A 1 22 ? 5.860   14.543  8.207   1.00 0.00  ? 52 TYR A HH   1 
ATOM 352  N N    . SER A 1 23 ? 6.106   5.114   7.178   1.00 12.00 ? 53 SER A N    1 
ATOM 353  C CA   . SER A 1 23 ? 6.586   3.791   6.723   1.00 12.00 ? 53 SER A CA   1 
ATOM 354  C C    . SER A 1 23 ? 6.040   3.477   5.324   1.00 12.00 ? 53 SER A C    1 
ATOM 355  O O    . SER A 1 23 ? 4.886   3.775   5.010   1.00 12.00 ? 53 SER A O    1 
ATOM 356  C CB   . SER A 1 23 ? 6.146   2.699   7.689   1.00 12.00 ? 53 SER A CB   1 
ATOM 357  O OG   . SER A 1 23 ? 6.869   1.504   7.386   1.00 12.00 ? 53 SER A OG   1 
ATOM 358  H H    . SER A 1 23 ? 5.119   5.229   7.356   1.00 0.00  ? 53 SER A H    1 
ATOM 359  H HA   . SER A 1 23 ? 7.676   3.811   6.684   1.00 0.00  ? 53 SER A HA   1 
ATOM 360  H HB2  . SER A 1 23 ? 6.359   3.007   8.712   1.00 0.00  ? 53 SER A HB2  1 
ATOM 361  H HB3  . SER A 1 23 ? 5.077   2.519   7.578   1.00 0.00  ? 53 SER A HB3  1 
ATOM 362  H HG   . SER A 1 23 ? 6.589   0.819   7.997   1.00 0.00  ? 53 SER A HG   1 
ATOM 363  N N    . ARG A 1 24 ? 6.933   2.946   4.497   1.00 12.00 ? 54 ARG A N    1 
ATOM 364  C CA   . ARG A 1 24 ? 6.609   2.539   3.113   1.00 12.00 ? 54 ARG A CA   1 
ATOM 365  C C    . ARG A 1 24 ? 6.354   1.027   3.066   1.00 12.00 ? 54 ARG A C    1 
ATOM 366  O O    . ARG A 1 24 ? 7.061   0.236   3.697   1.00 12.00 ? 54 ARG A O    1 
ATOM 367  C CB   . ARG A 1 24 ? 7.759   2.756   2.130   1.00 12.00 ? 54 ARG A CB   1 
ATOM 368  C CG   . ARG A 1 24 ? 8.325   4.172   2.061   1.00 12.00 ? 54 ARG A CG   1 
ATOM 369  C CD   . ARG A 1 24 ? 9.259   4.238   0.857   1.00 12.00 ? 54 ARG A CD   1 
ATOM 370  N NE   . ARG A 1 24 ? 10.143  5.413   0.971   1.00 12.00 ? 54 ARG A NE   1 
ATOM 371  C CZ   . ARG A 1 24 ? 11.474  5.408   0.839   1.00 12.00 ? 54 ARG A CZ   1 
ATOM 372  N NH1  . ARG A 1 24 ? 12.156  4.309   0.571   1.00 12.00 ? 54 ARG A NH1  1 
ATOM 373  N NH2  . ARG A 1 24 ? 12.149  6.525   1.039   1.00 12.00 ? 54 ARG A NH2  1 
ATOM 374  H H    . ARG A 1 24 ? 7.881   2.810   4.818   1.00 0.00  ? 54 ARG A H    1 
ATOM 375  H HA   . ARG A 1 24 ? 5.728   3.089   2.783   1.00 0.00  ? 54 ARG A HA   1 
ATOM 376  H HB2  . ARG A 1 24 ? 8.570   2.086   2.413   1.00 0.00  ? 54 ARG A HB2  1 
ATOM 377  H HB3  . ARG A 1 24 ? 7.400   2.492   1.135   1.00 0.00  ? 54 ARG A HB3  1 
ATOM 378  H HG2  . ARG A 1 24 ? 7.515   4.890   1.941   1.00 0.00  ? 54 ARG A HG2  1 
ATOM 379  H HG3  . ARG A 1 24 ? 8.879   4.395   2.973   1.00 0.00  ? 54 ARG A HG3  1 
ATOM 380  H HD2  . ARG A 1 24 ? 9.864   3.332   0.817   1.00 0.00  ? 54 ARG A HD2  1 
ATOM 381  H HD3  . ARG A 1 24 ? 8.669   4.315   -0.056  1.00 0.00  ? 54 ARG A HD3  1 
ATOM 382  H HE   . ARG A 1 24 ? 9.694   6.296   1.167   1.00 0.00  ? 54 ARG A HE   1 
ATOM 383  H HH11 . ARG A 1 24 ? 11.666  3.435   0.442   1.00 0.00  ? 54 ARG A HH11 1 
ATOM 384  H HH12 . ARG A 1 24 ? 13.163  4.330   0.493   1.00 0.00  ? 54 ARG A HH12 1 
ATOM 385  H HH21 . ARG A 1 24 ? 11.658  7.376   1.274   1.00 0.00  ? 54 ARG A HH21 1 
ATOM 386  H HH22 . ARG A 1 24 ? 13.157  6.530   0.958   1.00 0.00  ? 54 ARG A HH22 1 
ATOM 387  N N    . GLU A 1 25 ? 5.308   0.672   2.337   1.00 12.00 ? 55 GLU A N    1 
ATOM 388  C CA   . GLU A 1 25 ? 5.073   -0.725  1.934   1.00 12.00 ? 55 GLU A CA   1 
ATOM 389  C C    . GLU A 1 25 ? 4.624   -0.848  0.476   1.00 12.00 ? 55 GLU A C    1 
ATOM 390  O O    . GLU A 1 25 ? 3.900   -0.001  -0.045  1.00 12.00 ? 55 GLU A O    1 
ATOM 391  C CB   . GLU A 1 25 ? 4.040   -1.411  2.841   1.00 12.00 ? 55 GLU A CB   1 
ATOM 392  C CG   . GLU A 1 25 ? 4.603   -1.769  4.215   1.00 12.00 ? 55 GLU A CG   1 
ATOM 393  C CD   . GLU A 1 25 ? 3.966   -0.913  5.319   1.00 12.00 ? 55 GLU A CD   1 
ATOM 394  O OE1  . GLU A 1 25 ? 4.732   -0.352  6.126   1.00 12.00 ? 55 GLU A OE1  1 
ATOM 395  O OE2  . GLU A 1 25 ? 2.723   -0.940  5.392   1.00 12.00 ? 55 GLU A OE2  1 
ATOM 396  H H    . GLU A 1 25 ? 4.645   1.373   2.041   1.00 0.00  ? 55 GLU A H    1 
ATOM 397  H HA   . GLU A 1 25 ? 6.021   -1.254  2.040   1.00 0.00  ? 55 GLU A HA   1 
ATOM 398  H HB2  . GLU A 1 25 ? 3.194   -0.738  2.975   1.00 0.00  ? 55 GLU A HB2  1 
ATOM 399  H HB3  . GLU A 1 25 ? 3.703   -2.327  2.353   1.00 0.00  ? 55 GLU A HB3  1 
ATOM 400  H HG2  . GLU A 1 25 ? 4.402   -2.820  4.420   1.00 0.00  ? 55 GLU A HG2  1 
ATOM 401  H HG3  . GLU A 1 25 ? 5.681   -1.604  4.213   1.00 0.00  ? 55 GLU A HG3  1 
ATOM 402  H HE2  . GLU A 1 25 ? 2.382   -0.413  6.117   1.00 0.00  ? 55 GLU A HE2  1 
ATOM 403  N N    . ARG A 1 26 ? 5.173   -1.869  -0.166  1.00 12.00 ? 56 ARG A N    1 
ATOM 404  C CA   . ARG A 1 26 ? 4.711   -2.292  -1.493  1.00 12.00 ? 56 ARG A CA   1 
ATOM 405  C C    . ARG A 1 26 ? 3.978   -3.638  -1.414  1.00 12.00 ? 56 ARG A C    1 
ATOM 406  O O    . ARG A 1 26 ? 4.294   -4.503  -0.595  1.00 12.00 ? 56 ARG A O    1 
ATOM 407  C CB   . ARG A 1 26 ? 5.841   -2.337  -2.537  1.00 12.00 ? 56 ARG A CB   1 
ATOM 408  C CG   . ARG A 1 26 ? 6.951   -3.321  -2.197  1.00 12.00 ? 56 ARG A CG   1 
ATOM 409  C CD   . ARG A 1 26 ? 7.929   -3.474  -3.364  1.00 12.00 ? 56 ARG A CD   1 
ATOM 410  N NE   . ARG A 1 26 ? 9.034   -4.343  -2.925  1.00 12.00 ? 56 ARG A NE   1 
ATOM 411  C CZ   . ARG A 1 26 ? 10.220  -3.941  -2.484  1.00 12.00 ? 56 ARG A CZ   1 
ATOM 412  N NH1  . ARG A 1 26 ? 10.560  -2.657  -2.442  1.00 12.00 ? 56 ARG A NH1  1 
ATOM 413  N NH2  . ARG A 1 26 ? 11.028  -4.810  -1.898  1.00 12.00 ? 56 ARG A NH2  1 
ATOM 414  H H    . ARG A 1 26 ? 5.935   -2.378  0.260   1.00 0.00  ? 56 ARG A H    1 
ATOM 415  H HA   . ARG A 1 26 ? 3.993   -1.546  -1.831  1.00 0.00  ? 56 ARG A HA   1 
ATOM 416  H HB2  . ARG A 1 26 ? 5.411   -2.622  -3.497  1.00 0.00  ? 56 ARG A HB2  1 
ATOM 417  H HB3  . ARG A 1 26 ? 6.277   -1.341  -2.615  1.00 0.00  ? 56 ARG A HB3  1 
ATOM 418  H HG2  . ARG A 1 26 ? 7.493   -2.959  -1.324  1.00 0.00  ? 56 ARG A HG2  1 
ATOM 419  H HG3  . ARG A 1 26 ? 6.509   -4.293  -1.974  1.00 0.00  ? 56 ARG A HG3  1 
ATOM 420  H HD2  . ARG A 1 26 ? 7.421   -3.925  -4.217  1.00 0.00  ? 56 ARG A HD2  1 
ATOM 421  H HD3  . ARG A 1 26 ? 8.317   -2.497  -3.653  1.00 0.00  ? 56 ARG A HD3  1 
ATOM 422  H HE   . ARG A 1 26 ? 8.864   -5.337  -2.967  1.00 0.00  ? 56 ARG A HE   1 
ATOM 423  H HH11 . ARG A 1 26 ? 9.925   -1.959  -2.802  1.00 0.00  ? 56 ARG A HH11 1 
ATOM 424  H HH12 . ARG A 1 26 ? 11.447  -2.368  -2.055  1.00 0.00  ? 56 ARG A HH12 1 
ATOM 425  H HH21 . ARG A 1 26 ? 10.761  -5.782  -1.834  1.00 0.00  ? 56 ARG A HH21 1 
ATOM 426  H HH22 . ARG A 1 26 ? 11.912  -4.508  -1.514  1.00 0.00  ? 56 ARG A HH22 1 
ATOM 427  N N    . TYR A 1 27 ? 2.934   -3.714  -2.214  1.00 12.00 ? 57 TYR A N    1 
ATOM 428  C CA   . TYR A 1 27 ? 2.110   -4.931  -2.350  1.00 12.00 ? 57 TYR A CA   1 
ATOM 429  C C    . TYR A 1 27 ? 2.825   -6.044  -3.132  1.00 12.00 ? 57 TYR A C    1 
ATOM 430  O O    . TYR A 1 27 ? 3.218   -5.846  -4.278  1.00 12.00 ? 57 TYR A O    1 
ATOM 431  C CB   . TYR A 1 27 ? 0.770   -4.575  -2.996  1.00 12.00 ? 57 TYR A CB   1 
ATOM 432  C CG   . TYR A 1 27 ? -0.161  -3.841  -2.022  1.00 12.00 ? 57 TYR A CG   1 
ATOM 433  C CD1  . TYR A 1 27 ? -0.984  -4.576  -1.138  1.00 12.00 ? 57 TYR A CD1  1 
ATOM 434  C CD2  . TYR A 1 27 ? -0.098  -2.435  -1.999  1.00 12.00 ? 57 TYR A CD2  1 
ATOM 435  C CE1  . TYR A 1 27 ? -1.750  -3.860  -0.183  1.00 12.00 ? 57 TYR A CE1  1 
ATOM 436  C CE2  . TYR A 1 27 ? -0.878  -1.731  -1.060  1.00 12.00 ? 57 TYR A CE2  1 
ATOM 437  C CZ   . TYR A 1 27 ? -1.676  -2.455  -0.151  1.00 12.00 ? 57 TYR A CZ   1 
ATOM 438  O OH   . TYR A 1 27 ? -2.252  -1.770  0.874   1.00 12.00 ? 57 TYR A OH   1 
ATOM 439  H H    . TYR A 1 27 ? 2.676   -2.905  -2.762  1.00 0.00  ? 57 TYR A H    1 
ATOM 440  H HA   . TYR A 1 27 ? 1.913   -5.308  -1.346  1.00 0.00  ? 57 TYR A HA   1 
ATOM 441  H HB2  . TYR A 1 27 ? 0.952   -3.938  -3.861  1.00 0.00  ? 57 TYR A HB2  1 
ATOM 442  H HB3  . TYR A 1 27 ? 0.283   -5.490  -3.330  1.00 0.00  ? 57 TYR A HB3  1 
ATOM 443  H HD1  . TYR A 1 27 ? -1.027  -5.654  -1.188  1.00 0.00  ? 57 TYR A HD1  1 
ATOM 444  H HD2  . TYR A 1 27 ? 0.538   -1.903  -2.691  1.00 0.00  ? 57 TYR A HD2  1 
ATOM 445  H HE1  . TYR A 1 27 ? -2.384  -4.388  0.513   1.00 0.00  ? 57 TYR A HE1  1 
ATOM 446  H HE2  . TYR A 1 27 ? -0.864  -0.652  -1.037  1.00 0.00  ? 57 TYR A HE2  1 
ATOM 447  H HH   . TYR A 1 27 ? -2.106  -0.823  0.829   1.00 0.00  ? 57 TYR A HH   1 
ATOM 448  N N    . ILE A 1 28 ? 2.697   -7.247  -2.583  1.00 12.00 ? 58 ILE A N    1 
ATOM 449  C CA   . ILE A 1 28 ? 3.355   -8.495  -3.043  1.00 12.00 ? 58 ILE A CA   1 
ATOM 450  C C    . ILE A 1 28 ? 2.745   -9.055  -4.347  1.00 12.00 ? 58 ILE A C    1 
ATOM 451  O O    . ILE A 1 28 ? 3.257   -10.022 -4.910  1.00 12.00 ? 58 ILE A O    1 
ATOM 452  C CB   . ILE A 1 28 ? 3.267   -9.503  -1.864  1.00 12.00 ? 58 ILE A CB   1 
ATOM 453  C CG1  . ILE A 1 28 ? 3.827   -8.962  -0.541  1.00 12.00 ? 58 ILE A CG1  1 
ATOM 454  C CG2  . ILE A 1 28 ? 3.863   -10.894 -2.158  1.00 12.00 ? 58 ILE A CG2  1 
ATOM 455  C CD1  . ILE A 1 28 ? 5.283   -8.477  -0.557  1.00 12.00 ? 58 ILE A CD1  1 
ATOM 456  H H    . ILE A 1 28 ? 2.097   -7.328  -1.776  1.00 0.00  ? 58 ILE A H    1 
ATOM 457  H HA   . ILE A 1 28 ? 4.406   -8.278  -3.239  1.00 0.00  ? 58 ILE A HA   1 
ATOM 458  H HB   . ILE A 1 28 ? 2.201   -9.662  -1.701  1.00 0.00  ? 58 ILE A HB   1 
ATOM 459  H HG12 . ILE A 1 28 ? 3.203   -8.122  -0.236  1.00 0.00  ? 58 ILE A HG12 1 
ATOM 460  H HG13 . ILE A 1 28 ? 3.753   -9.758  0.200   1.00 0.00  ? 58 ILE A HG13 1 
ATOM 461  H HG21 . ILE A 1 28 ? 3.706   -11.577 -1.323  1.00 0.00  ? 58 ILE A HG21 1 
ATOM 462  H HG22 . ILE A 1 28 ? 3.385   -11.308 -3.046  1.00 0.00  ? 58 ILE A HG22 1 
ATOM 463  H HG23 . ILE A 1 28 ? 4.934   -10.795 -2.335  1.00 0.00  ? 58 ILE A HG23 1 
ATOM 464  H HD11 . ILE A 1 28 ? 5.589   -8.111  0.423   1.00 0.00  ? 58 ILE A HD11 1 
ATOM 465  H HD12 . ILE A 1 28 ? 5.933   -9.305  -0.843  1.00 0.00  ? 58 ILE A HD12 1 
ATOM 466  H HD13 . ILE A 1 28 ? 5.382   -7.670  -1.282  1.00 0.00  ? 58 ILE A HD13 1 
ATOM 467  N N    . CYS A 1 29 ? 1.834   -8.290  -4.955  1.00 12.00 ? 59 CYS A N    1 
ATOM 468  C CA   . CYS A 1 29 ? 0.845   -8.786  -5.927  1.00 12.00 ? 59 CYS A CA   1 
ATOM 469  C C    . CYS A 1 29 ? 0.017   -9.974  -5.376  1.00 12.00 ? 59 CYS A C    1 
ATOM 470  O O    . CYS A 1 29 ? 0.003   -10.210 -4.170  1.00 12.00 ? 59 CYS A O    1 
ATOM 471  C CB   . CYS A 1 29 ? 1.461   -9.107  -7.298  1.00 12.00 ? 59 CYS A CB   1 
ATOM 472  S SG   . CYS A 1 29 ? 1.748   -7.671  -8.388  1.00 12.00 ? 59 CYS A SG   1 
ATOM 473  H H    . CYS A 1 29 ? 1.817   -7.302  -4.742  1.00 0.00  ? 59 CYS A H    1 
ATOM 474  H HA   . CYS A 1 29 ? 0.145   -7.966  -6.086  1.00 0.00  ? 59 CYS A HA   1 
ATOM 475  H HB2  . CYS A 1 29 ? 2.418   -9.597  -7.123  1.00 0.00  ? 59 CYS A HB2  1 
ATOM 476  H HB3  . CYS A 1 29 ? 0.787   -9.793  -7.811  1.00 0.00  ? 59 CYS A HB3  1 
ATOM 477  H HG   . CYS A 1 29 ? 2.263   -8.337  -9.425  1.00 0.00  ? 59 CYS A HG   1 
ATOM 478  N N    . ASN A 1 30 ? -0.975  -10.393 -6.162  1.00 12.00 ? 60 ASN A N    1 
ATOM 479  C CA   . ASN A 1 30 ? -1.655  -11.689 -5.945  1.00 12.00 ? 60 ASN A CA   1 
ATOM 480  C C    . ASN A 1 30 ? -0.663  -12.823 -6.255  1.00 12.00 ? 60 ASN A C    1 
ATOM 481  O O    . ASN A 1 30 ? 0.414   -12.567 -6.792  1.00 12.00 ? 60 ASN A O    1 
ATOM 482  C CB   . ASN A 1 30 ? -2.899  -11.743 -6.843  1.00 12.00 ? 60 ASN A CB   1 
ATOM 483  C CG   . ASN A 1 30 ? -3.974  -12.676 -6.295  1.00 12.00 ? 60 ASN A CG   1 
ATOM 484  O OD1  . ASN A 1 30 ? -3.882  -13.893 -6.337  1.00 12.00 ? 60 ASN A OD1  1 
ATOM 485  N ND2  . ASN A 1 30 ? -4.993  -12.114 -5.681  1.00 12.00 ? 60 ASN A ND2  1 
ATOM 486  H H    . ASN A 1 30 ? -1.280  -9.816  -6.933  1.00 0.00  ? 60 ASN A H    1 
ATOM 487  H HA   . ASN A 1 30 ? -1.966  -11.768 -4.904  1.00 0.00  ? 60 ASN A HA   1 
ATOM 488  H HB2  . ASN A 1 30 ? -3.315  -10.739 -6.927  1.00 0.00  ? 60 ASN A HB2  1 
ATOM 489  H HB3  . ASN A 1 30 ? -2.603  -12.092 -7.832  1.00 0.00  ? 60 ASN A HB3  1 
ATOM 490  H HD21 . ASN A 1 30 ? -5.046  -11.107 -5.628  1.00 0.00  ? 60 ASN A HD21 1 
ATOM 491  H HD22 . ASN A 1 30 ? -5.714  -12.688 -5.268  1.00 0.00  ? 60 ASN A HD22 1 
ATOM 492  N N    . SER A 1 31 ? -1.080  -14.079 -6.048  1.00 12.00 ? 61 SER A N    1 
ATOM 493  C CA   . SER A 1 31 ? -0.182  -15.257 -6.105  1.00 12.00 ? 61 SER A CA   1 
ATOM 494  C C    . SER A 1 31 ? 0.372   -15.520 -7.512  1.00 12.00 ? 61 SER A C    1 
ATOM 495  O O    . SER A 1 31 ? -0.341  -16.006 -8.400  1.00 12.00 ? 61 SER A O    1 
ATOM 496  C CB   . SER A 1 31 ? -0.928  -16.485 -5.578  1.00 12.00 ? 61 SER A CB   1 
ATOM 497  O OG   . SER A 1 31 ? -0.015  -17.561 -5.396  1.00 12.00 ? 61 SER A OG   1 
ATOM 498  H H    . SER A 1 31 ? -2.055  -14.243 -5.843  1.00 0.00  ? 61 SER A H    1 
ATOM 499  H HA   . SER A 1 31 ? 0.665   -15.061 -5.446  1.00 0.00  ? 61 SER A HA   1 
ATOM 500  H HB2  . SER A 1 31 ? -1.397  -16.243 -4.625  1.00 0.00  ? 61 SER A HB2  1 
ATOM 501  H HB3  . SER A 1 31 ? -1.694  -16.779 -6.296  1.00 0.00  ? 61 SER A HB3  1 
ATOM 502  H HG   . SER A 1 31 ? -0.500  -18.321 -5.065  1.00 0.00  ? 61 SER A HG   1 
ATOM 503  N N    . GLY A 1 32 ? 1.518   -14.895 -7.763  1.00 12.00 ? 62 GLY A N    1 
ATOM 504  C CA   . GLY A 1 32 ? 2.250   -14.979 -9.041  1.00 12.00 ? 62 GLY A CA   1 
ATOM 505  C C    . GLY A 1 32 ? 2.188   -13.696 -9.898  1.00 12.00 ? 62 GLY A C    1 
ATOM 506  O O    . GLY A 1 32 ? 3.117   -13.440 -10.668 1.00 12.00 ? 62 GLY A O    1 
ATOM 507  H H    . GLY A 1 32 ? 1.922   -14.322 -7.037  1.00 0.00  ? 62 GLY A H    1 
ATOM 508  H HA2  . GLY A 1 32 ? 3.295   -15.193 -8.821  1.00 0.00  ? 62 GLY A HA2  1 
ATOM 509  H HA3  . GLY A 1 32 ? 1.828   -15.799 -9.622  1.00 0.00  ? 62 GLY A HA3  1 
ATOM 510  N N    . PHE A 1 33 ? 1.115   -12.916 -9.752  1.00 12.00 ? 63 PHE A N    1 
ATOM 511  C CA   . PHE A 1 33 ? 0.845   -11.694 -10.533 1.00 12.00 ? 63 PHE A CA   1 
ATOM 512  C C    . PHE A 1 33 ? 2.023   -10.704 -10.611 1.00 12.00 ? 63 PHE A C    1 
ATOM 513  O O    . PHE A 1 33 ? 2.790   -10.546 -9.661  1.00 12.00 ? 63 PHE A O    1 
ATOM 514  C CB   . PHE A 1 33 ? -0.376  -10.959 -9.940  1.00 12.00 ? 63 PHE A CB   1 
ATOM 515  C CG   . PHE A 1 33 ? -1.765  -11.419 -10.390 1.00 12.00 ? 63 PHE A CG   1 
ATOM 516  C CD1  . PHE A 1 33 ? -2.009  -12.693 -10.969 1.00 12.00 ? 63 PHE A CD1  1 
ATOM 517  C CD2  . PHE A 1 33 ? -2.827  -10.495 -10.239 1.00 12.00 ? 63 PHE A CD2  1 
ATOM 518  C CE1  . PHE A 1 33 ? -3.308  -13.029 -11.413 1.00 12.00 ? 63 PHE A CE1  1 
ATOM 519  C CE2  . PHE A 1 33 ? -4.126  -10.827 -10.674 1.00 12.00 ? 63 PHE A CE2  1 
ATOM 520  C CZ   . PHE A 1 33 ? -4.354  -12.090 -11.268 1.00 12.00 ? 63 PHE A CZ   1 
ATOM 521  H H    . PHE A 1 33 ? 0.431   -13.176 -9.056  1.00 0.00  ? 63 PHE A H    1 
ATOM 522  H HA   . PHE A 1 33 ? 0.605   -12.008 -11.549 1.00 0.00  ? 63 PHE A HA   1 
ATOM 523  H HB2  . PHE A 1 33 ? -0.330  -11.063 -8.856  1.00 0.00  ? 63 PHE A HB2  1 
ATOM 524  H HB3  . PHE A 1 33 ? -0.281  -9.903  -10.195 1.00 0.00  ? 63 PHE A HB3  1 
ATOM 525  H HD1  . PHE A 1 33 ? -1.202  -13.405 -11.071 1.00 0.00  ? 63 PHE A HD1  1 
ATOM 526  H HD2  . PHE A 1 33 ? -2.641  -9.531  -9.790  1.00 0.00  ? 63 PHE A HD2  1 
ATOM 527  H HE1  . PHE A 1 33 ? -3.500  -13.993 -11.860 1.00 0.00  ? 63 PHE A HE1  1 
ATOM 528  H HE2  . PHE A 1 33 ? -4.937  -10.125 -10.555 1.00 0.00  ? 63 PHE A HE2  1 
ATOM 529  H HZ   . PHE A 1 33 ? -5.345  -12.341 -11.617 1.00 0.00  ? 63 PHE A HZ   1 
ATOM 530  N N    . LYS A 1 34 ? 2.063   -9.955  -11.712 1.00 12.00 ? 64 LYS A N    1 
ATOM 531  C CA   . LYS A 1 34 ? 3.108   -8.944  -11.977 1.00 12.00 ? 64 LYS A CA   1 
ATOM 532  C C    . LYS A 1 34 ? 2.455   -7.561  -12.057 1.00 12.00 ? 64 LYS A C    1 
ATOM 533  O O    . LYS A 1 34 ? 1.272   -7.427  -12.388 1.00 12.00 ? 64 LYS A O    1 
ATOM 534  C CB   . LYS A 1 34 ? 3.712   -9.270  -13.346 1.00 12.00 ? 64 LYS A CB   1 
ATOM 535  C CG   . LYS A 1 34 ? 5.133   -8.735  -13.577 1.00 12.00 ? 64 LYS A CG   1 
ATOM 536  C CD   . LYS A 1 34 ? 6.164   -9.489  -12.738 1.00 12.00 ? 64 LYS A CD   1 
ATOM 537  C CE   . LYS A 1 34 ? 7.528   -9.572  -13.437 1.00 12.00 ? 64 LYS A CE   1 
ATOM 538  N NZ   . LYS A 1 34 ? 8.187   -8.255  -13.523 1.00 12.00 ? 64 LYS A NZ   1 
ATOM 539  H H    . LYS A 1 34 ? 1.344   -10.077 -12.410 1.00 0.00  ? 64 LYS A H    1 
ATOM 540  H HA   . LYS A 1 34 ? 3.873   -8.965  -11.200 1.00 0.00  ? 64 LYS A HA   1 
ATOM 541  H HB2  . LYS A 1 34 ? 3.737   -10.355 -13.454 1.00 0.00  ? 64 LYS A HB2  1 
ATOM 542  H HB3  . LYS A 1 34 ? 3.062   -8.845  -14.111 1.00 0.00  ? 64 LYS A HB3  1 
ATOM 543  H HG2  . LYS A 1 34 ? 5.386   -8.847  -14.631 1.00 0.00  ? 64 LYS A HG2  1 
ATOM 544  H HG3  . LYS A 1 34 ? 5.161   -7.680  -13.307 1.00 0.00  ? 64 LYS A HG3  1 
ATOM 545  H HD2  . LYS A 1 34 ? 6.288   -8.973  -11.786 1.00 0.00  ? 64 LYS A HD2  1 
ATOM 546  H HD3  . LYS A 1 34 ? 5.798   -10.500 -12.558 1.00 0.00  ? 64 LYS A HD3  1 
ATOM 547  H HE2  . LYS A 1 34 ? 8.171   -10.253 -12.879 1.00 0.00  ? 64 LYS A HE2  1 
ATOM 548  H HE3  . LYS A 1 34 ? 7.385   -9.961  -14.445 1.00 0.00  ? 64 LYS A HE3  1 
ATOM 549  H HZ1  . LYS A 1 34 ? 9.078   -8.350  -13.987 1.00 0.00  ? 64 LYS A HZ1  1 
ATOM 550  H HZ2  . LYS A 1 34 ? 7.601   -7.621  -14.047 1.00 0.00  ? 64 LYS A HZ2  1 
ATOM 551  H HZ3  . LYS A 1 34 ? 8.331   -7.891  -12.592 1.00 0.00  ? 64 LYS A HZ3  1 
ATOM 552  N N    . ARG A 1 35 ? 3.197   -6.530  -11.707 1.00 12.00 ? 65 ARG A N    1 
ATOM 553  C CA   . ARG A 1 35 ? 2.780   -5.157  -12.063 1.00 12.00 ? 65 ARG A CA   1 
ATOM 554  C C    . ARG A 1 35 ? 2.807   -4.959  -13.585 1.00 12.00 ? 65 ARG A C    1 
ATOM 555  O O    . ARG A 1 35 ? 3.786   -5.266  -14.258 1.00 12.00 ? 65 ARG A O    1 
ATOM 556  C CB   . ARG A 1 35 ? 3.690   -4.095  -11.440 1.00 12.00 ? 65 ARG A CB   1 
ATOM 557  C CG   . ARG A 1 35 ? 3.562   -3.992  -9.915  1.00 12.00 ? 65 ARG A CG   1 
ATOM 558  C CD   . ARG A 1 35 ? 4.431   -2.851  -9.367  1.00 12.00 ? 65 ARG A CD   1 
ATOM 559  N NE   . ARG A 1 35 ? 5.843   -3.095  -9.701  1.00 12.00 ? 65 ARG A NE   1 
ATOM 560  C CZ   . ARG A 1 35 ? 6.905   -2.918  -8.915  1.00 12.00 ? 65 ARG A CZ   1 
ATOM 561  N NH1  . ARG A 1 35 ? 6.806   -2.383  -7.702  1.00 12.00 ? 65 ARG A NH1  1 
ATOM 562  N NH2  . ARG A 1 35 ? 8.071   -3.425  -9.272  1.00 12.00 ? 65 ARG A NH2  1 
ATOM 563  H H    . ARG A 1 35 ? 4.056   -6.665  -11.193 1.00 0.00  ? 65 ARG A H    1 
ATOM 564  H HA   . ARG A 1 35 ? 1.763   -5.007  -11.700 1.00 0.00  ? 65 ARG A HA   1 
ATOM 565  H HB2  . ARG A 1 35 ? 4.723   -4.342  -11.682 1.00 0.00  ? 65 ARG A HB2  1 
ATOM 566  H HB3  . ARG A 1 35 ? 3.436   -3.128  -11.873 1.00 0.00  ? 65 ARG A HB3  1 
ATOM 567  H HG2  . ARG A 1 35 ? 2.520   -3.802  -9.657  1.00 0.00  ? 65 ARG A HG2  1 
ATOM 568  H HG3  . ARG A 1 35 ? 3.882   -4.931  -9.466  1.00 0.00  ? 65 ARG A HG3  1 
ATOM 569  H HD2  . ARG A 1 35 ? 4.111   -1.907  -9.809  1.00 0.00  ? 65 ARG A HD2  1 
ATOM 570  H HD3  . ARG A 1 35 ? 4.318   -2.795  -8.284  1.00 0.00  ? 65 ARG A HD3  1 
ATOM 571  H HE   . ARG A 1 35 ? 6.020   -3.436  -10.636 1.00 0.00  ? 65 ARG A HE   1 
ATOM 572  H HH11 . ARG A 1 35 ? 5.910   -2.054  -7.372  1.00 0.00  ? 65 ARG A HH11 1 
ATOM 573  H HH12 . ARG A 1 35 ? 7.617   -2.299  -7.105  1.00 0.00  ? 65 ARG A HH12 1 
ATOM 574  H HH21 . ARG A 1 35 ? 8.161   -3.905  -10.157 1.00 0.00  ? 65 ARG A HH21 1 
ATOM 575  H HH22 . ARG A 1 35 ? 8.874   -3.335  -8.666  1.00 0.00  ? 65 ARG A HH22 1 
ATOM 576  N N    . LYS A 1 36 ? 1.635   -4.595  -14.118 1.00 12.00 ? 66 LYS A N    1 
ATOM 577  C CA   . LYS A 1 36 ? 1.485   -4.021  -15.476 1.00 12.00 ? 66 LYS A CA   1 
ATOM 578  C C    . LYS A 1 36 ? 2.534   -2.910  -15.711 1.00 12.00 ? 66 LYS A C    1 
ATOM 579  O O    . LYS A 1 36 ? 3.001   -2.271  -14.760 1.00 12.00 ? 66 LYS A O    1 
ATOM 580  C CB   . LYS A 1 36 ? 0.047   -3.468  -15.515 1.00 12.00 ? 66 LYS A CB   1 
ATOM 581  C CG   . LYS A 1 36 ? -0.350  -2.555  -16.671 1.00 12.00 ? 66 LYS A CG   1 
ATOM 582  C CD   . LYS A 1 36 ? -0.626  -3.305  -17.978 1.00 12.00 ? 66 LYS A CD   1 
ATOM 583  C CE   . LYS A 1 36 ? -1.003  -2.298  -19.071 1.00 12.00 ? 66 LYS A CE   1 
ATOM 584  N NZ   . LYS A 1 36 ? -1.594  -3.011  -20.210 1.00 12.00 ? 66 LYS A NZ   1 
ATOM 585  H H    . LYS A 1 36 ? 0.796   -4.716  -13.569 1.00 0.00  ? 66 LYS A H    1 
ATOM 586  H HA   . LYS A 1 36 ? 1.609   -4.796  -16.232 1.00 0.00  ? 66 LYS A HA   1 
ATOM 587  H HB2  . LYS A 1 36 ? -0.626  -4.325  -15.536 1.00 0.00  ? 66 LYS A HB2  1 
ATOM 588  H HB3  . LYS A 1 36 ? -0.107  -2.906  -14.593 1.00 0.00  ? 66 LYS A HB3  1 
ATOM 589  H HG2  . LYS A 1 36 ? -1.252  -2.014  -16.388 1.00 0.00  ? 66 LYS A HG2  1 
ATOM 590  H HG3  . LYS A 1 36 ? 0.459   -1.846  -16.845 1.00 0.00  ? 66 LYS A HG3  1 
ATOM 591  H HD2  . LYS A 1 36 ? 0.268   -3.852  -18.280 1.00 0.00  ? 66 LYS A HD2  1 
ATOM 592  H HD3  . LYS A 1 36 ? -1.447  -4.005  -17.830 1.00 0.00  ? 66 LYS A HD3  1 
ATOM 593  H HE2  . LYS A 1 36 ? -1.722  -1.583  -18.676 1.00 0.00  ? 66 LYS A HE2  1 
ATOM 594  H HE3  . LYS A 1 36 ? -0.110  -1.764  -19.399 1.00 0.00  ? 66 LYS A HE3  1 
ATOM 595  H HZ1  . LYS A 1 36 ? -1.840  -2.342  -20.927 1.00 0.00  ? 66 LYS A HZ1  1 
ATOM 596  H HZ2  . LYS A 1 36 ? -0.925  -3.672  -20.579 1.00 0.00  ? 66 LYS A HZ2  1 
ATOM 597  H HZ3  . LYS A 1 36 ? -2.423  -3.504  -19.908 1.00 0.00  ? 66 LYS A HZ3  1 
ATOM 598  N N    . ALA A 1 37 ? 2.885   -2.666  -16.964 1.00 12.00 ? 67 ALA A N    1 
ATOM 599  C CA   . ALA A 1 37 ? 3.872   -1.626  -17.340 1.00 12.00 ? 67 ALA A CA   1 
ATOM 600  C C    . ALA A 1 37 ? 3.416   -0.214  -16.894 1.00 12.00 ? 67 ALA A C    1 
ATOM 601  O O    . ALA A 1 37 ? 2.379   0.268   -17.328 1.00 12.00 ? 67 ALA A O    1 
ATOM 602  C CB   . ALA A 1 37 ? 4.110   -1.666  -18.851 1.00 12.00 ? 67 ALA A CB   1 
ATOM 603  H H    . ALA A 1 37 ? 2.467   -3.208  -17.706 1.00 0.00  ? 67 ALA A H    1 
ATOM 604  H HA   . ALA A 1 37 ? 4.812   -1.855  -16.837 1.00 0.00  ? 67 ALA A HA   1 
ATOM 605  H HB1  . ALA A 1 37 ? 4.862   -0.926  -19.123 1.00 0.00  ? 67 ALA A HB1  1 
ATOM 606  H HB2  . ALA A 1 37 ? 4.457   -2.659  -19.138 1.00 0.00  ? 67 ALA A HB2  1 
ATOM 607  H HB3  . ALA A 1 37 ? 3.178   -1.443  -19.370 1.00 0.00  ? 67 ALA A HB3  1 
ATOM 608  N N    . GLY A 1 38 ? 4.038   0.231   -15.807 1.00 12.00 ? 68 GLY A N    1 
ATOM 609  C CA   . GLY A 1 38 ? 3.862   1.605   -15.284 1.00 12.00 ? 68 GLY A CA   1 
ATOM 610  C C    . GLY A 1 38 ? 3.202   1.723   -13.896 1.00 12.00 ? 68 GLY A C    1 
ATOM 611  O O    . GLY A 1 38 ? 3.446   2.703   -13.189 1.00 12.00 ? 68 GLY A O    1 
ATOM 612  H H    . GLY A 1 38 ? 4.660   -0.388  -15.308 1.00 0.00  ? 68 GLY A H    1 
ATOM 613  H HA2  . GLY A 1 38 ? 4.849   2.068   -15.227 1.00 0.00  ? 68 GLY A HA2  1 
ATOM 614  H HA3  . GLY A 1 38 ? 3.247   2.156   -15.996 1.00 0.00  ? 68 GLY A HA3  1 
ATOM 615  N N    . THR A 1 39 ? 2.370   0.757   -13.523 1.00 12.00 ? 69 THR A N    1 
ATOM 616  C CA   . THR A 1 39 ? 1.657   0.753   -12.218 1.00 12.00 ? 69 THR A CA   1 
ATOM 617  C C    . THR A 1 39 ? 2.588   0.784   -10.996 1.00 12.00 ? 69 THR A C    1 
ATOM 618  O O    . THR A 1 39 ? 3.453   -0.078  -10.837 1.00 12.00 ? 69 THR A O    1 
ATOM 619  C CB   . THR A 1 39 ? 0.609   -0.368  -12.075 1.00 12.00 ? 69 THR A CB   1 
ATOM 620  O OG1  . THR A 1 39 ? 0.251   -0.556  -10.703 1.00 12.00 ? 69 THR A OG1  1 
ATOM 621  C CG2  . THR A 1 39 ? 1.076   -1.730  -12.559 1.00 12.00 ? 69 THR A CG2  1 
ATOM 622  H H    . THR A 1 39 ? 2.208   -0.019  -14.150 1.00 0.00  ? 69 THR A H    1 
ATOM 623  H HA   . THR A 1 39 ? 1.101   1.689   -12.199 1.00 0.00  ? 69 THR A HA   1 
ATOM 624  H HB   . THR A 1 39 ? -0.272  -0.076  -12.646 1.00 0.00  ? 69 THR A HB   1 
ATOM 625  H HG1  . THR A 1 39 ? -0.422  -1.237  -10.637 1.00 0.00  ? 69 THR A HG1  1 
ATOM 626  H HG21 . THR A 1 39 ? 0.292   -2.478  -12.440 1.00 0.00  ? 69 THR A HG21 1 
ATOM 627  H HG22 . THR A 1 39 ? 1.345   -1.664  -13.613 1.00 0.00  ? 69 THR A HG22 1 
ATOM 628  H HG23 . THR A 1 39 ? 1.948   -2.036  -11.980 1.00 0.00  ? 69 THR A HG23 1 
ATOM 629  N N    . SER A 1 40 ? 2.117   1.551   -10.023 1.00 12.00 ? 70 SER A N    1 
ATOM 630  C CA   . SER A 1 40 ? 2.824   1.792   -8.748  1.00 12.00 ? 70 SER A CA   1 
ATOM 631  C C    . SER A 1 40 ? 1.914   1.477   -7.549  1.00 12.00 ? 70 SER A C    1 
ATOM 632  O O    . SER A 1 40 ? 0.761   1.916   -7.497  1.00 12.00 ? 70 SER A O    1 
ATOM 633  C CB   . SER A 1 40 ? 3.264   3.258   -8.688  1.00 12.00 ? 70 SER A CB   1 
ATOM 634  O OG   . SER A 1 40 ? 3.962   3.525   -7.474  1.00 12.00 ? 70 SER A OG   1 
ATOM 635  H H    . SER A 1 40 ? 1.223   2.002   -10.151 1.00 0.00  ? 70 SER A H    1 
ATOM 636  H HA   . SER A 1 40 ? 3.704   1.150   -8.705  1.00 0.00  ? 70 SER A HA   1 
ATOM 637  H HB2  . SER A 1 40 ? 3.921   3.470   -9.532  1.00 0.00  ? 70 SER A HB2  1 
ATOM 638  H HB3  . SER A 1 40 ? 2.384   3.898   -8.742  1.00 0.00  ? 70 SER A HB3  1 
ATOM 639  H HG   . SER A 1 40 ? 4.225   4.449   -7.465  1.00 0.00  ? 70 SER A HG   1 
ATOM 640  N N    . SER A 1 41 ? 2.362   0.499   -6.776  1.00 12.00 ? 71 SER A N    1 
ATOM 641  C CA   . SER A 1 41 ? 1.750   0.136   -5.476  1.00 12.00 ? 71 SER A CA   1 
ATOM 642  C C    . SER A 1 41 ? 2.648   0.477   -4.279  1.00 12.00 ? 71 SER A C    1 
ATOM 643  O O    . SER A 1 41 ? 3.073   -0.388  -3.499  1.00 12.00 ? 71 SER A O    1 
ATOM 644  C CB   . SER A 1 41 ? 1.356   -1.337  -5.442  1.00 12.00 ? 71 SER A CB   1 
ATOM 645  O OG   . SER A 1 41 ? 2.404   -2.154  -5.976  1.00 12.00 ? 71 SER A OG   1 
ATOM 646  H H    . SER A 1 41 ? 3.164   -0.033  -7.080  1.00 0.00  ? 71 SER A H    1 
ATOM 647  H HA   . SER A 1 41 ? 0.839   0.725   -5.379  1.00 0.00  ? 71 SER A HA   1 
ATOM 648  H HB2  . SER A 1 41 ? 1.162   -1.633  -4.411  1.00 0.00  ? 71 SER A HB2  1 
ATOM 649  H HB3  . SER A 1 41 ? 0.454   -1.481  -6.038  1.00 0.00  ? 71 SER A HB3  1 
ATOM 650  H HG   . SER A 1 41 ? 2.131   -3.073  -5.942  1.00 0.00  ? 71 SER A HG   1 
ATOM 651  N N    . LEU A 1 42 ? 2.838   1.780   -4.096  1.00 12.00 ? 72 LEU A N    1 
ATOM 652  C CA   . LEU A 1 42 ? 3.587   2.288   -2.943  1.00 12.00 ? 72 LEU A CA   1 
ATOM 653  C C    . LEU A 1 42 ? 2.617   2.949   -1.964  1.00 12.00 ? 72 LEU A C    1 
ATOM 654  O O    . LEU A 1 42 ? 2.104   4.061   -2.175  1.00 12.00 ? 72 LEU A O    1 
ATOM 655  C CB   . LEU A 1 42 ? 4.730   3.216   -3.399  1.00 12.00 ? 72 LEU A CB   1 
ATOM 656  C CG   . LEU A 1 42 ? 5.909   3.338   -2.413  1.00 12.00 ? 72 LEU A CG   1 
ATOM 657  C CD1  . LEU A 1 42 ? 5.571   4.206   -1.197  1.00 12.00 ? 72 LEU A CD1  1 
ATOM 658  C CD2  . LEU A 1 42 ? 6.489   1.977   -1.998  1.00 12.00 ? 72 LEU A CD2  1 
ATOM 659  H H    . LEU A 1 42 ? 2.463   2.443   -4.759  1.00 0.00  ? 72 LEU A H    1 
ATOM 660  H HA   . LEU A 1 42 ? 4.042   1.438   -2.436  1.00 0.00  ? 72 LEU A HA   1 
ATOM 661  H HB2  . LEU A 1 42 ? 5.117   2.835   -4.343  1.00 0.00  ? 72 LEU A HB2  1 
ATOM 662  H HB3  . LEU A 1 42 ? 4.315   4.212   -3.552  1.00 0.00  ? 72 LEU A HB3  1 
ATOM 663  H HG   . LEU A 1 42 ? 6.703   3.856   -2.951  1.00 0.00  ? 72 LEU A HG   1 
ATOM 664  H HD11 . LEU A 1 42 ? 6.444   4.323   -0.554  1.00 0.00  ? 72 LEU A HD11 1 
ATOM 665  H HD12 . LEU A 1 42 ? 5.245   5.189   -1.537  1.00 0.00  ? 72 LEU A HD12 1 
ATOM 666  H HD13 . LEU A 1 42 ? 4.770   3.734   -0.629  1.00 0.00  ? 72 LEU A HD13 1 
ATOM 667  H HD21 . LEU A 1 42 ? 7.358   2.109   -1.352  1.00 0.00  ? 72 LEU A HD21 1 
ATOM 668  H HD22 . LEU A 1 42 ? 5.728   1.410   -1.462  1.00 0.00  ? 72 LEU A HD22 1 
ATOM 669  H HD23 . LEU A 1 42 ? 6.791   1.428   -2.890  1.00 0.00  ? 72 LEU A HD23 1 
ATOM 670  N N    . THR A 1 43 ? 2.260   2.137   -0.978  1.00 12.00 ? 73 THR A N    1 
ATOM 671  C CA   . THR A 1 43 ? 1.402   2.573   0.130   1.00 12.00 ? 73 THR A CA   1 
ATOM 672  C C    . THR A 1 43 ? 2.280   3.054   1.283   1.00 12.00 ? 73 THR A C    1 
ATOM 673  O O    . THR A 1 43 ? 3.096   2.313   1.827   1.00 12.00 ? 73 THR A O    1 
ATOM 674  C CB   . THR A 1 43 ? 0.355   1.522   0.535   1.00 12.00 ? 73 THR A CB   1 
ATOM 675  O OG1  . THR A 1 43 ? -0.456  2.099   1.551   1.00 12.00 ? 73 THR A OG1  1 
ATOM 676  C CG2  . THR A 1 43 ? 0.929   0.187   1.047   1.00 12.00 ? 73 THR A CG2  1 
ATOM 677  H H    . THR A 1 43 ? 2.586   1.181   -0.980  1.00 0.00  ? 73 THR A H    1 
ATOM 678  H HA   . THR A 1 43 ? 0.843   3.438   -0.227  1.00 0.00  ? 73 THR A HA   1 
ATOM 679  H HB   . THR A 1 43 ? -0.261  1.306   -0.338  1.00 0.00  ? 73 THR A HB   1 
ATOM 680  H HG1  . THR A 1 43 ? -1.142  1.472   1.787   1.00 0.00  ? 73 THR A HG1  1 
ATOM 681  H HG21 . THR A 1 43 ? 0.129   -0.502  1.314   1.00 0.00  ? 73 THR A HG21 1 
ATOM 682  H HG22 . THR A 1 43 ? 1.540   -0.264  0.266   1.00 0.00  ? 73 THR A HG22 1 
ATOM 683  H HG23 . THR A 1 43 ? 1.544   0.375   1.927   1.00 0.00  ? 73 THR A HG23 1 
ATOM 684  N N    . GLU A 1 44 ? 2.333   4.377   1.374   1.00 12.00 ? 74 GLU A N    1 
ATOM 685  C CA   . GLU A 1 44 ? 3.194   5.071   2.343   1.00 12.00 ? 74 GLU A CA   1 
ATOM 686  C C    . GLU A 1 44 ? 2.324   5.778   3.374   1.00 12.00 ? 74 GLU A C    1 
ATOM 687  O O    . GLU A 1 44 ? 1.363   6.474   3.023   1.00 12.00 ? 74 GLU A O    1 
ATOM 688  C CB   . GLU A 1 44 ? 4.117   6.065   1.638   1.00 12.00 ? 74 GLU A CB   1 
ATOM 689  C CG   . GLU A 1 44 ? 5.212   6.607   2.566   1.00 12.00 ? 74 GLU A CG   1 
ATOM 690  C CD   . GLU A 1 44 ? 6.136   7.601   1.862   1.00 12.00 ? 74 GLU A CD   1 
ATOM 691  O OE1  . GLU A 1 44 ? 5.725   8.768   1.730   1.00 12.00 ? 74 GLU A OE1  1 
ATOM 692  O OE2  . GLU A 1 44 ? 7.247   7.172   1.472   1.00 12.00 ? 74 GLU A OE2  1 
ATOM 693  H H    . GLU A 1 44 ? 1.763   4.939   0.758   1.00 0.00  ? 74 GLU A H    1 
ATOM 694  H HA   . GLU A 1 44 ? 3.810   4.330   2.852   1.00 0.00  ? 74 GLU A HA   1 
ATOM 695  H HB2  . GLU A 1 44 ? 4.591   5.564   0.794   1.00 0.00  ? 74 GLU A HB2  1 
ATOM 696  H HB3  . GLU A 1 44 ? 3.520   6.902   1.276   1.00 0.00  ? 74 GLU A HB3  1 
ATOM 697  H HG2  . GLU A 1 44 ? 4.740   7.106   3.412   1.00 0.00  ? 74 GLU A HG2  1 
ATOM 698  H HG3  . GLU A 1 44 ? 5.809   5.771   2.931   1.00 0.00  ? 74 GLU A HG3  1 
ATOM 699  H HE2  . GLU A 1 44 ? 7.780   7.844   1.040   1.00 0.00  ? 74 GLU A HE2  1 
ATOM 700  N N    . CYS A 1 45 ? 2.708   5.586   4.633   1.00 12.00 ? 75 CYS A N    1 
ATOM 701  C CA   . CYS A 1 45 ? 2.041   6.247   5.760   1.00 12.00 ? 75 CYS A CA   1 
ATOM 702  C C    . CYS A 1 45 ? 2.397   7.731   5.904   1.00 12.00 ? 75 CYS A C    1 
ATOM 703  O O    . CYS A 1 45 ? 3.165   8.163   6.765   1.00 12.00 ? 75 CYS A O    1 
ATOM 704  C CB   . CYS A 1 45 ? 2.195   5.445   7.055   1.00 12.00 ? 75 CYS A CB   1 
ATOM 705  S SG   . CYS A 1 45 ? 0.497   5.228   7.685   1.00 12.00 ? 75 CYS A SG   1 
ATOM 706  H H    . CYS A 1 45 ? 3.483   4.968   4.831   1.00 0.00  ? 75 CYS A H    1 
ATOM 707  H HA   . CYS A 1 45 ? 0.978   6.225   5.520   1.00 0.00  ? 75 CYS A HA   1 
ATOM 708  H HB2  . CYS A 1 45 ? 2.651   4.476   6.855   1.00 0.00  ? 75 CYS A HB2  1 
ATOM 709  H HB3  . CYS A 1 45 ? 2.801   5.993   7.777   1.00 0.00  ? 75 CYS A HB3  1 
ATOM 710  H HG   . CYS A 1 45 ? 0.852   4.536   8.771   1.00 0.00  ? 75 CYS A HG   1 
ATOM 711  N N    . VAL A 1 46 ? 1.763   8.479   5.008   1.00 12.00 ? 76 VAL A N    1 
ATOM 712  C CA   . VAL A 1 46 ? 1.893   9.946   4.857   1.00 12.00 ? 76 VAL A CA   1 
ATOM 713  C C    . VAL A 1 46 ? 0.962   10.707  5.812   1.00 12.00 ? 76 VAL A C    1 
ATOM 714  O O    . VAL A 1 46 ? -0.240  10.449  5.884   1.00 12.00 ? 76 VAL A O    1 
ATOM 715  C CB   . VAL A 1 46 ? 1.635   10.390  3.391   1.00 12.00 ? 76 VAL A CB   1 
ATOM 716  C CG1  . VAL A 1 46 ? 2.814   9.982   2.495   1.00 12.00 ? 76 VAL A CG1  1 
ATOM 717  C CG2  . VAL A 1 46 ? 0.304   9.894   2.812   1.00 12.00 ? 76 VAL A CG2  1 
ATOM 718  H H    . VAL A 1 46 ? 1.134   8.013   4.370   1.00 0.00  ? 76 VAL A H    1 
ATOM 719  H HA   . VAL A 1 46 ? 2.920   10.209  5.112   1.00 0.00  ? 76 VAL A HA   1 
ATOM 720  H HB   . VAL A 1 46 ? 1.589   11.479  3.394   1.00 0.00  ? 76 VAL A HB   1 
ATOM 721  H HG11 . VAL A 1 46 ? 2.656   10.345  1.479   1.00 0.00  ? 76 VAL A HG11 1 
ATOM 722  H HG12 . VAL A 1 46 ? 3.735   10.410  2.890   1.00 0.00  ? 76 VAL A HG12 1 
ATOM 723  H HG13 . VAL A 1 46 ? 2.896   8.894   2.478   1.00 0.00  ? 76 VAL A HG13 1 
ATOM 724  H HG21 . VAL A 1 46 ? 0.163   10.267  1.798   1.00 0.00  ? 76 VAL A HG21 1 
ATOM 725  H HG22 . VAL A 1 46 ? 0.304   8.804   2.794   1.00 0.00  ? 76 VAL A HG22 1 
ATOM 726  H HG23 . VAL A 1 46 ? -0.514  10.248  3.440   1.00 0.00  ? 76 VAL A HG23 1 
ATOM 727  N N    . LEU A 1 47 ? 1.558   11.657  6.536   1.00 12.00 ? 77 LEU A N    1 
ATOM 728  C CA   . LEU A 1 47 ? 0.825   12.492  7.505   1.00 12.00 ? 77 LEU A CA   1 
ATOM 729  C C    . LEU A 1 47 ? -0.005  13.535  6.747   1.00 12.00 ? 77 LEU A C    1 
ATOM 730  O O    . LEU A 1 47 ? 0.508   14.517  6.223   1.00 12.00 ? 77 LEU A O    1 
ATOM 731  C CB   . LEU A 1 47 ? 1.830   13.169  8.458   1.00 12.00 ? 77 LEU A CB   1 
ATOM 732  C CG   . LEU A 1 47 ? 1.308   13.410  9.902   1.00 12.00 ? 77 LEU A CG   1 
ATOM 733  C CD1  . LEU A 1 47 ? 0.117   14.376  9.964   1.00 12.00 ? 77 LEU A CD1  1 
ATOM 734  C CD2  . LEU A 1 47 ? 1.003   12.100  10.625  1.00 12.00 ? 77 LEU A CD2  1 
ATOM 735  H H    . LEU A 1 47 ? 2.549   11.818  6.423   1.00 0.00  ? 77 LEU A H    1 
ATOM 736  H HA   . LEU A 1 47 ? 0.155   11.860  8.088   1.00 0.00  ? 77 LEU A HA   1 
ATOM 737  H HB2  . LEU A 1 47 ? 2.715   12.536  8.520   1.00 0.00  ? 77 LEU A HB2  1 
ATOM 738  H HB3  . LEU A 1 47 ? 2.102   14.134  8.032   1.00 0.00  ? 77 LEU A HB3  1 
ATOM 739  H HG   . LEU A 1 47 ? 2.122   13.888  10.448  1.00 0.00  ? 77 LEU A HG   1 
ATOM 740  H HD11 . LEU A 1 47 ? -0.179  14.555  10.997  1.00 0.00  ? 77 LEU A HD11 1 
ATOM 741  H HD12 . LEU A 1 47 ? 0.398   15.324  9.505   1.00 0.00  ? 77 LEU A HD12 1 
ATOM 742  H HD13 . LEU A 1 47 ? -0.725  13.946  9.422   1.00 0.00  ? 77 LEU A HD13 1 
ATOM 743  H HD21 . LEU A 1 47 ? 0.698   12.295  11.654  1.00 0.00  ? 77 LEU A HD21 1 
ATOM 744  H HD22 . LEU A 1 47 ? 0.197   11.581  10.106  1.00 0.00  ? 77 LEU A HD22 1 
ATOM 745  H HD23 . LEU A 1 47 ? 1.895   11.474  10.629  1.00 0.00  ? 77 LEU A HD23 1 
ATOM 746  N N    . ASN A 1 48 ? -1.325  13.294  6.738   1.00 12.00 ? 78 ASN A N    1 
ATOM 747  C CA   . ASN A 1 48 ? -2.306  14.140  6.023   1.00 12.00 ? 78 ASN A CA   1 
ATOM 748  C C    . ASN A 1 48 ? -2.525  15.575  6.571   1.00 12.00 ? 78 ASN A C    1 
ATOM 749  O O    . ASN A 1 48 ? -3.556  16.181  6.307   1.00 12.00 ? 78 ASN A O    1 
ATOM 750  C CB   . ASN A 1 48 ? -3.618  13.342  5.953   1.00 12.00 ? 78 ASN A CB   1 
ATOM 751  C CG   . ASN A 1 48 ? -4.583  13.867  4.889   1.00 12.00 ? 78 ASN A CG   1 
ATOM 752  O OD1  . ASN A 1 48 ? -4.292  13.931  3.698   1.00 12.00 ? 78 ASN A OD1  1 
ATOM 753  N ND2  . ASN A 1 48 ? -5.794  14.201  5.285   1.00 12.00 ? 78 ASN A ND2  1 
ATOM 754  H H    . ASN A 1 48 ? -1.677  12.493  7.243   1.00 0.00  ? 78 ASN A H    1 
ATOM 755  H HA   . ASN A 1 48 ? -1.934  14.259  5.006   1.00 0.00  ? 78 ASN A HA   1 
ATOM 756  H HB2  . ASN A 1 48 ? -3.380  12.303  5.726   1.00 0.00  ? 78 ASN A HB2  1 
ATOM 757  H HB3  . ASN A 1 48 ? -4.110  13.394  6.924   1.00 0.00  ? 78 ASN A HB3  1 
ATOM 758  H HD21 . ASN A 1 48 ? -6.032  14.126  6.263   1.00 0.00  ? 78 ASN A HD21 1 
ATOM 759  H HD22 . ASN A 1 48 ? -6.475  14.528  4.615   1.00 0.00  ? 78 ASN A HD22 1 
ATOM 760  N N    . LYS A 1 49 ? -1.587  16.081  7.385   1.00 12.00 ? 79 LYS A N    1 
ATOM 761  C CA   . LYS A 1 49 ? -1.534  17.468  7.909   1.00 12.00 ? 79 LYS A CA   1 
ATOM 762  C C    . LYS A 1 49 ? -2.830  18.087  8.503   1.00 12.00 ? 79 LYS A C    1 
ATOM 763  O O    . LYS A 1 49 ? -2.928  19.301  8.661   1.00 12.00 ? 79 LYS A O    1 
ATOM 764  C CB   . LYS A 1 49 ? -0.961  18.382  6.812   1.00 12.00 ? 79 LYS A CB   1 
ATOM 765  C CG   . LYS A 1 49 ? 0.565   18.546  6.832   1.00 12.00 ? 79 LYS A CG   1 
ATOM 766  C CD   . LYS A 1 49 ? 1.003   19.529  7.925   1.00 12.00 ? 79 LYS A CD   1 
ATOM 767  C CE   . LYS A 1 49 ? 2.484   19.903  7.849   1.00 12.00 ? 79 LYS A CE   1 
ATOM 768  N NZ   . LYS A 1 49 ? 2.765   20.835  6.734   1.00 12.00 ? 79 LYS A NZ   1 
ATOM 769  H H    . LYS A 1 49 ? -0.840  15.465  7.673   1.00 0.00  ? 79 LYS A H    1 
ATOM 770  H HA   . LYS A 1 49 ? -0.813  17.445  8.727   1.00 0.00  ? 79 LYS A HA   1 
ATOM 771  H HB2  . LYS A 1 49 ? -1.243  17.966  5.844   1.00 0.00  ? 79 LYS A HB2  1 
ATOM 772  H HB3  . LYS A 1 49 ? -1.408  19.369  6.927   1.00 0.00  ? 79 LYS A HB3  1 
ATOM 773  H HG2  . LYS A 1 49 ? 1.024   17.575  7.022   1.00 0.00  ? 79 LYS A HG2  1 
ATOM 774  H HG3  . LYS A 1 49 ? 0.895   18.921  5.864   1.00 0.00  ? 79 LYS A HG3  1 
ATOM 775  H HD2  . LYS A 1 49 ? 0.412   20.439  7.828   1.00 0.00  ? 79 LYS A HD2  1 
ATOM 776  H HD3  . LYS A 1 49 ? 0.812   19.073  8.897   1.00 0.00  ? 79 LYS A HD3  1 
ATOM 777  H HE2  . LYS A 1 49 ? 2.778   20.376  8.786   1.00 0.00  ? 79 LYS A HE2  1 
ATOM 778  H HE3  . LYS A 1 49 ? 3.071   18.995  7.705   1.00 0.00  ? 79 LYS A HE3  1 
ATOM 779  H HZ1  . LYS A 1 49 ? 3.750   21.058  6.716   1.00 0.00  ? 79 LYS A HZ1  1 
ATOM 780  H HZ2  . LYS A 1 49 ? 2.504   20.403  5.860   1.00 0.00  ? 79 LYS A HZ2  1 
ATOM 781  H HZ3  . LYS A 1 49 ? 2.233   21.683  6.863   1.00 0.00  ? 79 LYS A HZ3  1 
ATOM 782  N N    . ALA A 1 50 ? -3.762  17.229  8.910   1.00 12.00 ? 80 ALA A N    1 
ATOM 783  C CA   . ALA A 1 50 ? -5.072  17.633  9.459   1.00 12.00 ? 80 ALA A CA   1 
ATOM 784  C C    . ALA A 1 50 ? -5.617  16.611  10.473  1.00 12.00 ? 80 ALA A C    1 
ATOM 785  O O    . ALA A 1 50 ? -5.646  16.875  11.665  1.00 12.00 ? 80 ALA A O    1 
ATOM 786  C CB   . ALA A 1 50 ? -6.080  17.863  8.315   1.00 12.00 ? 80 ALA A CB   1 
ATOM 787  H H    . ALA A 1 50 ? -3.570  16.239  8.844   1.00 0.00  ? 80 ALA A H    1 
ATOM 788  H HA   . ALA A 1 50 ? -4.932  18.579  9.982   1.00 0.00  ? 80 ALA A HA   1 
ATOM 789  H HB1  . ALA A 1 50 ? -7.032  18.204  8.723   1.00 0.00  ? 80 ALA A HB1  1 
ATOM 790  H HB2  . ALA A 1 50 ? -5.688  18.618  7.633   1.00 0.00  ? 80 ALA A HB2  1 
ATOM 791  H HB3  . ALA A 1 50 ? -6.232  16.929  7.773   1.00 0.00  ? 80 ALA A HB3  1 
ATOM 792  N N    . THR A 1 51 ? -5.846  15.389  9.992   1.00 12.00 ? 81 THR A N    1 
ATOM 793  C CA   . THR A 1 51 ? -6.300  14.239  10.810  1.00 12.00 ? 81 THR A CA   1 
ATOM 794  C C    . THR A 1 51 ? -5.287  13.727  11.867  1.00 12.00 ? 81 THR A C    1 
ATOM 795  O O    . THR A 1 51 ? -5.597  12.874  12.694  1.00 12.00 ? 81 THR A O    1 
ATOM 796  C CB   . THR A 1 51 ? -6.774  13.099  9.876   1.00 12.00 ? 81 THR A CB   1 
ATOM 797  O OG1  . THR A 1 51 ? -7.421  12.079  10.623  1.00 12.00 ? 81 THR A OG1  1 
ATOM 798  C CG2  . THR A 1 51 ? -5.655  12.507  9.001   1.00 12.00 ? 81 THR A CG2  1 
ATOM 799  H H    . THR A 1 51 ? -5.704  15.227  9.005   1.00 0.00  ? 81 THR A H    1 
ATOM 800  H HA   . THR A 1 51 ? -7.171  14.586  11.365  1.00 0.00  ? 81 THR A HA   1 
ATOM 801  H HB   . THR A 1 51 ? -7.514  13.527  9.200   1.00 0.00  ? 81 THR A HB   1 
ATOM 802  H HG1  . THR A 1 51 ? -7.749  11.408  10.021  1.00 0.00  ? 81 THR A HG1  1 
ATOM 803  H HG21 . THR A 1 51 ? -6.049  11.736  8.341   1.00 0.00  ? 81 THR A HG21 1 
ATOM 804  H HG22 . THR A 1 51 ? -5.213  13.300  8.397   1.00 0.00  ? 81 THR A HG22 1 
ATOM 805  H HG23 . THR A 1 51 ? -4.890  12.071  9.642   1.00 0.00  ? 81 THR A HG23 1 
ATOM 806  N N    . ASN A 1 52 ? -4.083  14.312  11.856  1.00 12.00 ? 82 ASN A N    1 
ATOM 807  C CA   . ASN A 1 52 ? -2.893  13.860  12.639  1.00 12.00 ? 82 ASN A CA   1 
ATOM 808  C C    . ASN A 1 52 ? -2.487  12.371  12.591  1.00 12.00 ? 82 ASN A C    1 
ATOM 809  O O    . ASN A 1 52 ? -1.494  11.969  13.202  1.00 12.00 ? 82 ASN A O    1 
ATOM 810  C CB   . ASN A 1 52 ? -2.957  14.352  14.085  1.00 12.00 ? 82 ASN A CB   1 
ATOM 811  C CG   . ASN A 1 52 ? -2.326  15.742  14.241  1.00 12.00 ? 82 ASN A CG   1 
ATOM 812  O OD1  . ASN A 1 52 ? -1.566  16.227  13.419  1.00 12.00 ? 82 ASN A OD1  1 
ATOM 813  N ND2  . ASN A 1 52 ? -2.631  16.397  15.334  1.00 12.00 ? 82 ASN A ND2  1 
ATOM 814  H H    . ASN A 1 52 ? -3.960  15.128  11.273  1.00 0.00  ? 82 ASN A H    1 
ATOM 815  H HA   . ASN A 1 52 ? -2.059  14.389  12.177  1.00 0.00  ? 82 ASN A HA   1 
ATOM 816  H HB2  . ASN A 1 52 ? -4.000  14.398  14.397  1.00 0.00  ? 82 ASN A HB2  1 
ATOM 817  H HB3  . ASN A 1 52 ? -2.422  13.648  14.723  1.00 0.00  ? 82 ASN A HB3  1 
ATOM 818  H HD21 . ASN A 1 52 ? -3.257  15.981  16.009  1.00 0.00  ? 82 ASN A HD21 1 
ATOM 819  H HD22 . ASN A 1 52 ? -2.241  17.314  15.499  1.00 0.00  ? 82 ASN A HD22 1 
ATOM 820  N N    . VAL A 1 53 ? -3.152  11.617  11.734  1.00 12.00 ? 83 VAL A N    1 
ATOM 821  C CA   . VAL A 1 53 ? -2.877  10.184  11.540  1.00 12.00 ? 83 VAL A CA   1 
ATOM 822  C C    . VAL A 1 53 ? -2.490  9.922   10.080  1.00 12.00 ? 83 VAL A C    1 
ATOM 823  O O    . VAL A 1 53 ? -3.117  10.428  9.147   1.00 12.00 ? 83 VAL A O    1 
ATOM 824  C CB   . VAL A 1 53 ? -4.034  9.312   12.073  1.00 12.00 ? 83 VAL A CB   1 
ATOM 825  C CG1  . VAL A 1 53 ? -5.334  9.437   11.268  1.00 12.00 ? 83 VAL A CG1  1 
ATOM 826  C CG2  . VAL A 1 53 ? -3.605  7.847   12.184  1.00 12.00 ? 83 VAL A CG2  1 
ATOM 827  H H    . VAL A 1 53 ? -3.886  12.034  11.180  1.00 0.00  ? 83 VAL A H    1 
ATOM 828  H HA   . VAL A 1 53 ? -2.003  9.940   12.144  1.00 0.00  ? 83 VAL A HA   1 
ATOM 829  H HB   . VAL A 1 53 ? -4.253  9.664   13.081  1.00 0.00  ? 83 VAL A HB   1 
ATOM 830  H HG11 . VAL A 1 53 ? -6.124  8.833   11.712  1.00 0.00  ? 83 VAL A HG11 1 
ATOM 831  H HG12 . VAL A 1 53 ? -5.649  10.481  11.254  1.00 0.00  ? 83 VAL A HG12 1 
ATOM 832  H HG13 . VAL A 1 53 ? -5.159  9.098   10.247  1.00 0.00  ? 83 VAL A HG13 1 
ATOM 833  H HG21 . VAL A 1 53 ? -4.408  7.250   12.616  1.00 0.00  ? 83 VAL A HG21 1 
ATOM 834  H HG22 . VAL A 1 53 ? -3.367  7.464   11.191  1.00 0.00  ? 83 VAL A HG22 1 
ATOM 835  H HG23 . VAL A 1 53 ? -2.724  7.776   12.821  1.00 0.00  ? 83 VAL A HG23 1 
ATOM 836  N N    . ALA A 1 54 ? -1.285  9.383   9.962   1.00 12.00 ? 84 ALA A N    1 
ATOM 837  C CA   . ALA A 1 54 ? -0.751  8.941   8.668   1.00 12.00 ? 84 ALA A CA   1 
ATOM 838  C C    . ALA A 1 54 ? -1.546  7.742   8.134   1.00 12.00 ? 84 ALA A C    1 
ATOM 839  O O    . ALA A 1 54 ? -1.786  6.776   8.845   1.00 12.00 ? 84 ALA A O    1 
ATOM 840  C CB   . ALA A 1 54 ? 0.729   8.578   8.842   1.00 12.00 ? 84 ALA A CB   1 
ATOM 841  H H    . ALA A 1 54 ? -0.707  9.269   10.782  1.00 0.00  ? 84 ALA A H    1 
ATOM 842  H HA   . ALA A 1 54 ? -0.833  9.761   7.954   1.00 0.00  ? 84 ALA A HA   1 
ATOM 843  H HB1  . ALA A 1 54 ? 1.141   8.271   7.881   1.00 0.00  ? 84 ALA A HB1  1 
ATOM 844  H HB2  . ALA A 1 54 ? 1.275   9.446   9.210   1.00 0.00  ? 84 ALA A HB2  1 
ATOM 845  H HB3  . ALA A 1 54 ? 0.822   7.761   9.557   1.00 0.00  ? 84 ALA A HB3  1 
ATOM 846  N N    . HIS A 1 55 ? -2.155  7.978   6.971   1.00 12.00 ? 85 HIS A N    1 
ATOM 847  C CA   . HIS A 1 55 ? -2.843  6.921   6.225   1.00 12.00 ? 85 HIS A CA   1 
ATOM 848  C C    . HIS A 1 55 ? -2.065  6.506   4.957   1.00 12.00 ? 85 HIS A C    1 
ATOM 849  O O    . HIS A 1 55 ? -0.989  7.026   4.681   1.00 12.00 ? 85 HIS A O    1 
ATOM 850  C CB   . HIS A 1 55 ? -4.348  7.209   6.002   1.00 12.00 ? 85 HIS A CB   1 
ATOM 851  C CG   . HIS A 1 55 ? -4.697  8.555   5.355   1.00 12.00 ? 85 HIS A CG   1 
ATOM 852  N ND1  . HIS A 1 55 ? -5.378  8.716   4.222   1.00 12.00 ? 85 HIS A ND1  1 
ATOM 853  C CD2  . HIS A 1 55 ? -4.688  9.724   5.985   1.00 12.00 ? 85 HIS A CD2  1 
ATOM 854  C CE1  . HIS A 1 55 ? -5.786  9.984   4.152   1.00 12.00 ? 85 HIS A CE1  1 
ATOM 855  N NE2  . HIS A 1 55 ? -5.357  10.599  5.250   1.00 12.00 ? 85 HIS A NE2  1 
ATOM 856  H H    . HIS A 1 55 ? -2.148  8.911   6.583   1.00 0.00  ? 85 HIS A H    1 
ATOM 857  H HA   . HIS A 1 55 ? -2.815  6.049   6.877   1.00 0.00  ? 85 HIS A HA   1 
ATOM 858  H HB2  . HIS A 1 55 ? -4.750  6.420   5.368   1.00 0.00  ? 85 HIS A HB2  1 
ATOM 859  H HB3  . HIS A 1 55 ? -4.842  7.168   6.973   1.00 0.00  ? 85 HIS A HB3  1 
ATOM 860  H HD1  . HIS A 1 55 ? -5.554  8.000   3.532   1.00 0.00  ? 85 HIS A HD1  1 
ATOM 861  H HD2  . HIS A 1 55 ? -4.214  9.927   6.934   1.00 0.00  ? 85 HIS A HD2  1 
ATOM 862  H HE1  . HIS A 1 55 ? -6.359  10.429  3.352   1.00 0.00  ? 85 HIS A HE1  1 
ATOM 863  H HE2  . HIS A 1 55 ? -5.515  11.569  5.483   1.00 0.00  ? 85 HIS A HE2  1 
ATOM 864  N N    . TRP A 1 56 ? -2.697  5.672   4.134   1.00 12.00 ? 86 TRP A N    1 
ATOM 865  C CA   . TRP A 1 56 ? -1.967  4.831   3.178   1.00 12.00 ? 86 TRP A CA   1 
ATOM 866  C C    . TRP A 1 56 ? -2.144  5.203   1.698   1.00 12.00 ? 86 TRP A C    1 
ATOM 867  O O    . TRP A 1 56 ? -2.621  4.413   0.882   1.00 12.00 ? 86 TRP A O    1 
ATOM 868  C CB   . TRP A 1 56 ? -2.355  3.382   3.478   1.00 12.00 ? 86 TRP A CB   1 
ATOM 869  C CG   . TRP A 1 56 ? -1.808  2.925   4.844   1.00 12.00 ? 86 TRP A CG   1 
ATOM 870  C CD1  . TRP A 1 56 ? -2.547  2.765   5.938   1.00 12.00 ? 86 TRP A CD1  1 
ATOM 871  C CD2  . TRP A 1 56 ? -0.516  2.507   5.133   1.00 12.00 ? 86 TRP A CD2  1 
ATOM 872  N NE1  . TRP A 1 56 ? -1.793  2.233   6.903   1.00 12.00 ? 86 TRP A NE1  1 
ATOM 873  C CE2  . TRP A 1 56 ? -0.549  2.066   6.471   1.00 12.00 ? 86 TRP A CE2  1 
ATOM 874  C CE3  . TRP A 1 56 ? 0.707   2.558   4.431   1.00 12.00 ? 86 TRP A CE3  1 
ATOM 875  C CZ2  . TRP A 1 56 ? 0.629   1.652   7.126   1.00 12.00 ? 86 TRP A CZ2  1 
ATOM 876  C CZ3  . TRP A 1 56 ? 1.893   2.165   5.089   1.00 12.00 ? 86 TRP A CZ3  1 
ATOM 877  C CH2  . TRP A 1 56 ? 1.846   1.718   6.430   1.00 12.00 ? 86 TRP A CH2  1 
ATOM 878  H H    . TRP A 1 56 ? -3.705  5.609   4.159   1.00 0.00  ? 86 TRP A H    1 
ATOM 879  H HA   . TRP A 1 56 ? -0.905  4.944   3.398   1.00 0.00  ? 86 TRP A HA   1 
ATOM 880  H HB2  . TRP A 1 56 ? -3.442  3.294   3.479   1.00 0.00  ? 86 TRP A HB2  1 
ATOM 881  H HB3  . TRP A 1 56 ? -1.957  2.733   2.696   1.00 0.00  ? 86 TRP A HB3  1 
ATOM 882  H HD1  . TRP A 1 56 ? -3.591  3.026   6.031   1.00 0.00  ? 86 TRP A HD1  1 
ATOM 883  H HE1  . TRP A 1 56 ? -2.146  2.001   7.820   1.00 0.00  ? 86 TRP A HE1  1 
ATOM 884  H HE3  . TRP A 1 56 ? 0.735   2.893   3.405   1.00 0.00  ? 86 TRP A HE3  1 
ATOM 885  H HZ2  . TRP A 1 56 ? 0.597   1.291   8.143   1.00 0.00  ? 86 TRP A HZ2  1 
ATOM 886  H HZ3  . TRP A 1 56 ? 2.837   2.205   4.567   1.00 0.00  ? 86 TRP A HZ3  1 
ATOM 887  H HH2  . TRP A 1 56 ? 2.760   1.424   6.925   1.00 0.00  ? 86 TRP A HH2  1 
ATOM 888  N N    . THR A 1 57 ? -1.590  6.378   1.382   1.00 12.00 ? 87 THR A N    1 
ATOM 889  C CA   . THR A 1 57 ? -1.664  7.046   0.051   1.00 12.00 ? 87 THR A CA   1 
ATOM 890  C C    . THR A 1 57 ? -2.948  6.729   -0.769  1.00 12.00 ? 87 THR A C    1 
ATOM 891  O O    . THR A 1 57 ? -4.027  6.615   -0.183  1.00 12.00 ? 87 THR A O    1 
ATOM 892  C CB   . THR A 1 57 ? -0.374  6.808   -0.751  1.00 12.00 ? 87 THR A CB   1 
ATOM 893  O OG1  . THR A 1 57 ? 0.037   5.431   -0.699  1.00 12.00 ? 87 THR A OG1  1 
ATOM 894  C CG2  . THR A 1 57 ? 0.758   7.723   -0.295  1.00 12.00 ? 87 THR A CG2  1 
ATOM 895  H H    . THR A 1 57 ? -1.073  6.862   2.102   1.00 0.00  ? 87 THR A H    1 
ATOM 896  H HA   . THR A 1 57 ? -1.703  8.115   0.261   1.00 0.00  ? 87 THR A HA   1 
ATOM 897  H HB   . THR A 1 57 ? -0.590  7.045   -1.793  1.00 0.00  ? 87 THR A HB   1 
ATOM 898  H HG1  . THR A 1 57 ? 0.823   5.313   -1.238  1.00 0.00  ? 87 THR A HG1  1 
ATOM 899  H HG21 . THR A 1 57 ? 1.647   7.559   -0.904  1.00 0.00  ? 87 THR A HG21 1 
ATOM 900  H HG22 . THR A 1 57 ? 0.444   8.762   -0.394  1.00 0.00  ? 87 THR A HG22 1 
ATOM 901  H HG23 . THR A 1 57 ? 0.993   7.513   0.749   1.00 0.00  ? 87 THR A HG23 1 
ATOM 902  N N    . THR A 1 58 ? -2.880  6.952   -2.080  1.00 12.00 ? 88 THR A N    1 
ATOM 903  C CA   . THR A 1 58 ? -3.833  6.354   -3.041  1.00 12.00 ? 88 THR A CA   1 
ATOM 904  C C    . THR A 1 58 ? -3.018  5.660   -4.157  1.00 12.00 ? 88 THR A C    1 
ATOM 905  O O    . THR A 1 58 ? -2.605  6.340   -5.104  1.00 12.00 ? 88 THR A O    1 
ATOM 906  C CB   . THR A 1 58 ? -4.781  7.417   -3.650  1.00 12.00 ? 88 THR A CB   1 
ATOM 907  O OG1  . THR A 1 58 ? -5.427  8.155   -2.602  1.00 12.00 ? 88 THR A OG1  1 
ATOM 908  C CG2  . THR A 1 58 ? -5.853  6.799   -4.544  1.00 12.00 ? 88 THR A CG2  1 
ATOM 909  H H    . THR A 1 58 ? -2.151  7.550   -2.443  1.00 0.00  ? 88 THR A H    1 
ATOM 910  H HA   . THR A 1 58 ? -4.436  5.610   -2.521  1.00 0.00  ? 88 THR A HA   1 
ATOM 911  H HB   . THR A 1 58 ? -4.184  8.103   -4.250  1.00 0.00  ? 88 THR A HB   1 
ATOM 912  H HG1  . THR A 1 58 ? -5.991  8.825   -2.995  1.00 0.00  ? 88 THR A HG1  1 
ATOM 913  H HG21 . THR A 1 58 ? -6.492  7.577   -4.963  1.00 0.00  ? 88 THR A HG21 1 
ATOM 914  H HG22 . THR A 1 58 ? -5.373  6.254   -5.358  1.00 0.00  ? 88 THR A HG22 1 
ATOM 915  H HG23 . THR A 1 58 ? -6.462  6.112   -3.956  1.00 0.00  ? 88 THR A HG23 1 
ATOM 916  N N    . PRO A 1 59 ? -2.648  4.390   -3.979  1.00 12.00 ? 89 PRO A N    1 
ATOM 917  C CA   . PRO A 1 59 ? -2.017  3.610   -5.065  1.00 12.00 ? 89 PRO A CA   1 
ATOM 918  C C    . PRO A 1 59 ? -3.084  2.895   -5.907  1.00 12.00 ? 89 PRO A C    1 
ATOM 919  O O    . PRO A 1 59 ? -3.996  2.279   -5.368  1.00 12.00 ? 89 PRO A O    1 
ATOM 920  C CB   . PRO A 1 59 ? -1.096  2.631   -4.344  1.00 12.00 ? 89 PRO A CB   1 
ATOM 921  C CG   . PRO A 1 59 ? -1.786  2.381   -3.003  1.00 12.00 ? 89 PRO A CG   1 
ATOM 922  C CD   . PRO A 1 59 ? -2.459  3.713   -2.675  1.00 12.00 ? 89 PRO A CD   1 
ATOM 923  H HA   . PRO A 1 59 ? -1.430  4.261   -5.713  1.00 0.00  ? 89 PRO A HA   1 
ATOM 924  H HB2  . PRO A 1 59 ? -0.958  1.709   -4.911  1.00 0.00  ? 89 PRO A HB2  1 
ATOM 925  H HB3  . PRO A 1 59 ? -0.138  3.117   -4.160  1.00 0.00  ? 89 PRO A HB3  1 
ATOM 926  H HG2  . PRO A 1 59 ? -2.554  1.620   -3.140  1.00 0.00  ? 89 PRO A HG2  1 
ATOM 927  H HG3  . PRO A 1 59 ? -1.078  2.080   -2.230  1.00 0.00  ? 89 PRO A HG3  1 
ATOM 928  H HD2  . PRO A 1 59 ? -3.409  3.551   -2.167  1.00 0.00  ? 89 PRO A HD2  1 
ATOM 929  H HD3  . PRO A 1 59 ? -1.796  4.317   -2.055  1.00 0.00  ? 89 PRO A HD3  1 
ATOM 930  N N    . SER A 1 60 ? -3.017  3.115   -7.227  1.00 12.00 ? 90 SER A N    1 
ATOM 931  C CA   . SER A 1 60 ? -3.905  2.434   -8.187  1.00 12.00 ? 90 SER A CA   1 
ATOM 932  C C    . SER A 1 60 ? -3.708  0.905   -8.197  1.00 12.00 ? 90 SER A C    1 
ATOM 933  O O    . SER A 1 60 ? -4.596  0.163   -7.799  1.00 12.00 ? 90 SER A O    1 
ATOM 934  C CB   . SER A 1 60 ? -3.697  2.956   -9.616  1.00 12.00 ? 90 SER A CB   1 
ATOM 935  O OG   . SER A 1 60 ? -3.949  4.358   -9.677  1.00 12.00 ? 90 SER A OG   1 
ATOM 936  H H    . SER A 1 60 ? -2.336  3.767   -7.588  1.00 0.00  ? 90 SER A H    1 
ATOM 937  H HA   . SER A 1 60 ? -4.932  2.646   -7.888  1.00 0.00  ? 90 SER A HA   1 
ATOM 938  H HB2  . SER A 1 60 ? -2.669  2.763   -9.923  1.00 0.00  ? 90 SER A HB2  1 
ATOM 939  H HB3  . SER A 1 60 ? -4.381  2.440   -10.290 1.00 0.00  ? 90 SER A HB3  1 
ATOM 940  H HG   . SER A 1 60 ? -3.812  4.657   -10.579 1.00 0.00  ? 90 SER A HG   1 
ATOM 941  N N    . LEU A 1 61 ? -2.472  0.514   -8.471  1.00 12.00 ? 91 LEU A N    1 
ATOM 942  C CA   . LEU A 1 61 ? -2.038  -0.871  -8.702  1.00 12.00 ? 91 LEU A CA   1 
ATOM 943  C C    . LEU A 1 61 ? -2.887  -1.707  -9.678  1.00 12.00 ? 91 LEU A C    1 
ATOM 944  O O    . LEU A 1 61 ? -4.014  -2.110  -9.416  1.00 12.00 ? 91 LEU A O    1 
ATOM 945  C CB   . LEU A 1 61 ? -1.782  -1.596  -7.366  1.00 12.00 ? 91 LEU A CB   1 
ATOM 946  C CG   . LEU A 1 61 ? -1.162  -3.010  -7.474  1.00 12.00 ? 91 LEU A CG   1 
ATOM 947  C CD1  . LEU A 1 61 ? -2.248  -4.078  -7.672  1.00 12.00 ? 91 LEU A CD1  1 
ATOM 948  C CD2  . LEU A 1 61 ? 0.029   -3.105  -8.432  1.00 12.00 ? 91 LEU A CD2  1 
ATOM 949  H H    . LEU A 1 61 ? -1.757  1.226   -8.527  1.00 0.00  ? 91 LEU A H    1 
ATOM 950  H HA   . LEU A 1 61 ? -1.064  -0.779  -9.185  1.00 0.00  ? 91 LEU A HA   1 
ATOM 951  H HB2  . LEU A 1 61 ? -1.105  -0.979  -6.775  1.00 0.00  ? 91 LEU A HB2  1 
ATOM 952  H HB3  . LEU A 1 61 ? -2.736  -1.688  -6.848  1.00 0.00  ? 91 LEU A HB3  1 
ATOM 953  H HG   . LEU A 1 61 ? -0.739  -3.215  -6.491  1.00 0.00  ? 91 LEU A HG   1 
ATOM 954  H HD11 . LEU A 1 61 ? -1.805  -5.074  -7.656  1.00 0.00  ? 91 LEU A HD11 1 
ATOM 955  H HD12 . LEU A 1 61 ? -2.981  -3.999  -6.872  1.00 0.00  ? 91 LEU A HD12 1 
ATOM 956  H HD13 . LEU A 1 61 ? -2.739  -3.920  -8.633  1.00 0.00  ? 91 LEU A HD13 1 
ATOM 957  H HD21 . LEU A 1 61 ? 0.469   -4.102  -8.406  1.00 0.00  ? 91 LEU A HD21 1 
ATOM 958  H HD22 . LEU A 1 61 ? -0.307  -2.892  -9.446  1.00 0.00  ? 91 LEU A HD22 1 
ATOM 959  H HD23 . LEU A 1 61 ? 0.785   -2.377  -8.139  1.00 0.00  ? 91 LEU A HD23 1 
ATOM 960  N N    . LYS A 1 62 ? -2.193  -2.119  -10.741 1.00 12.00 ? 92 LYS A N    1 
ATOM 961  C CA   . LYS A 1 62 ? -2.689  -3.145  -11.668 1.00 12.00 ? 92 LYS A CA   1 
ATOM 962  C C    . LYS A 1 62 ? -1.753  -4.364  -11.735 1.00 12.00 ? 92 LYS A C    1 
ATOM 963  O O    . LYS A 1 62 ? -0.818  -4.438  -12.535 1.00 12.00 ? 92 LYS A O    1 
ATOM 964  C CB   . LYS A 1 62 ? -3.010  -2.544  -13.044 1.00 12.00 ? 92 LYS A CB   1 
ATOM 965  C CG   . LYS A 1 62 ? -4.293  -1.729  -12.937 1.00 12.00 ? 92 LYS A CG   1 
ATOM 966  C CD   . LYS A 1 62 ? -4.679  -1.033  -14.245 1.00 12.00 ? 92 LYS A CD   1 
ATOM 967  C CE   . LYS A 1 62 ? -6.016  -0.323  -14.047 1.00 12.00 ? 92 LYS A CE   1 
ATOM 968  N NZ   . LYS A 1 62 ? -6.417  0.372   -15.279 1.00 12.00 ? 92 LYS A NZ   1 
ATOM 969  H H    . LYS A 1 62 ? -1.286  -1.713  -10.925 1.00 0.00  ? 92 LYS A H    1 
ATOM 970  H HA   . LYS A 1 62 ? -3.633  -3.503  -11.258 1.00 0.00  ? 92 LYS A HA   1 
ATOM 971  H HB2  . LYS A 1 62 ? -2.191  -1.898  -13.361 1.00 0.00  ? 92 LYS A HB2  1 
ATOM 972  H HB3  . LYS A 1 62 ? -3.145  -3.345  -13.772 1.00 0.00  ? 92 LYS A HB3  1 
ATOM 973  H HG2  . LYS A 1 62 ? -5.104  -2.397  -12.649 1.00 0.00  ? 92 LYS A HG2  1 
ATOM 974  H HG3  . LYS A 1 62 ? -4.157  -0.969  -12.167 1.00 0.00  ? 92 LYS A HG3  1 
ATOM 975  H HD2  . LYS A 1 62 ? -3.912  -0.304  -14.512 1.00 0.00  ? 92 LYS A HD2  1 
ATOM 976  H HD3  . LYS A 1 62 ? -4.770  -1.772  -15.041 1.00 0.00  ? 92 LYS A HD3  1 
ATOM 977  H HE2  . LYS A 1 62 ? -6.777  -1.057  -13.783 1.00 0.00  ? 92 LYS A HE2  1 
ATOM 978  H HE3  . LYS A 1 62 ? -5.922  0.402   -13.239 1.00 0.00  ? 92 LYS A HE3  1 
ATOM 979  H HZ1  . LYS A 1 62 ? -7.301  0.835   -15.130 1.00 0.00  ? 92 LYS A HZ1  1 
ATOM 980  H HZ2  . LYS A 1 62 ? -5.715  1.056   -15.523 1.00 0.00  ? 92 LYS A HZ2  1 
ATOM 981  H HZ3  . LYS A 1 62 ? -6.508  -0.298  -16.029 1.00 0.00  ? 92 LYS A HZ3  1 
ATOM 982  N N    . CYS A 1 63 ? -1.896  -5.199  -10.704 1.00 12.00 ? 93 CYS A N    1 
ATOM 983  C CA   . CYS A 1 63 ? -1.278  -6.538  -10.668 1.00 12.00 ? 93 CYS A CA   1 
ATOM 984  C C    . CYS A 1 63 ? -2.084  -7.476  -11.561 1.00 12.00 ? 93 CYS A C    1 
ATOM 985  O O    . CYS A 1 63 ? -3.290  -7.670  -11.372 1.00 12.00 ? 93 CYS A O    1 
ATOM 986  C CB   . CYS A 1 63 ? -1.201  -7.163  -9.278  1.00 12.00 ? 93 CYS A CB   1 
ATOM 987  S SG   . CYS A 1 63 ? 0.081   -6.520  -8.143  1.00 12.00 ? 93 CYS A SG   1 
ATOM 988  H H    . CYS A 1 63 ? -2.450  -4.911  -9.910  1.00 0.00  ? 93 CYS A H    1 
ATOM 989  H HA   . CYS A 1 63 ? -0.264  -6.448  -11.059 1.00 0.00  ? 93 CYS A HA   1 
ATOM 990  H HB2  . CYS A 1 63 ? -2.171  -7.013  -8.806  1.00 0.00  ? 93 CYS A HB2  1 
ATOM 991  H HB3  . CYS A 1 63 ? -1.022  -8.230  -9.415  1.00 0.00  ? 93 CYS A HB3  1 
ATOM 992  H HG   . CYS A 1 63 ? -0.190  -7.304  -7.095  1.00 0.00  ? 93 CYS A HG   1 
ATOM 993  N N    . ILE A 1 64 ? -1.442  -7.804  -12.668 1.00 12.00 ? 94 ILE A N    1 
ATOM 994  C CA   . ILE A 1 64 ? -1.892  -8.800  -13.651 1.00 12.00 ? 94 ILE A CA   1 
ATOM 995  C C    . ILE A 1 64 ? -0.710  -9.694  -14.031 1.00 12.00 ? 94 ILE A C    1 
ATOM 996  O O    . ILE A 1 64 ? 0.429   -9.239  -14.131 1.00 12.00 ? 94 ILE A O    1 
ATOM 997  C CB   . ILE A 1 64 ? -2.541  -8.171  -14.897 1.00 12.00 ? 94 ILE A CB   1 
ATOM 998  C CG1  . ILE A 1 64 ? -1.683  -7.058  -15.531 1.00 12.00 ? 94 ILE A CG1  1 
ATOM 999  C CG2  . ILE A 1 64 ? -3.974  -7.726  -14.564 1.00 12.00 ? 94 ILE A CG2  1 
ATOM 1000 C CD1  . ILE A 1 64 ? -2.064  -6.741  -16.978 1.00 12.00 ? 94 ILE A CD1  1 
ATOM 1001 H H    . ILE A 1 64 ? -0.567  -7.335  -12.862 1.00 0.00  ? 94 ILE A H    1 
ATOM 1002 H HA   . ILE A 1 64 ? -2.646  -9.421  -13.168 1.00 0.00  ? 94 ILE A HA   1 
ATOM 1003 H HB   . ILE A 1 64 ? -2.619  -8.958  -15.647 1.00 0.00  ? 94 ILE A HB   1 
ATOM 1004 H HG12 . ILE A 1 64 ? -1.800  -6.151  -14.937 1.00 0.00  ? 94 ILE A HG12 1 
ATOM 1005 H HG13 . ILE A 1 64 ? -0.640  -7.372  -15.510 1.00 0.00  ? 94 ILE A HG13 1 
ATOM 1006 H HG21 . ILE A 1 64 ? -4.457  -7.335  -15.460 1.00 0.00  ? 94 ILE A HG21 1 
ATOM 1007 H HG22 . ILE A 1 64 ? -4.541  -8.579  -14.191 1.00 0.00  ? 94 ILE A HG22 1 
ATOM 1008 H HG23 . ILE A 1 64 ? -3.944  -6.947  -13.802 1.00 0.00  ? 94 ILE A HG23 1 
ATOM 1009 H HD11 . ILE A 1 64 ? -1.429  -5.949  -17.375 1.00 0.00  ? 94 ILE A HD11 1 
ATOM 1010 H HD12 . ILE A 1 64 ? -1.941  -7.636  -17.587 1.00 0.00  ? 94 ILE A HD12 1 
ATOM 1011 H HD13 . ILE A 1 64 ? -3.104  -6.416  -17.015 1.00 0.00  ? 94 ILE A HD13 1 
ATOM 1012 N N    . ARG A 1 65 ? -0.972  -10.994 -14.031 1.00 12.00 ? 95 ARG A N    1 
ATOM 1013 C CA   . ARG A 1 65 ? -0.014  -12.037 -14.473 1.00 12.00 ? 95 ARG A CA   1 
ATOM 1014 C C    . ARG A 1 65 ? 0.814   -11.603 -15.716 1.00 12.00 ? 95 ARG A C    1 
ATOM 1015 O O    . ARG A 1 65 ? 0.309   -10.907 -16.583 1.00 12.00 ? 95 ARG A O    1 
ATOM 1016 C CB   . ARG A 1 65 ? -0.835  -13.316 -14.684 1.00 12.00 ? 95 ARG A CB   1 
ATOM 1017 C CG   . ARG A 1 65 ? -1.942  -13.197 -15.743 1.00 12.00 ? 95 ARG A CG   1 
ATOM 1018 C CD   . ARG A 1 65 ? -1.520  -13.881 -17.046 1.00 12.00 ? 95 ARG A CD   1 
ATOM 1019 N NE   . ARG A 1 65 ? -2.322  -15.106 -17.244 1.00 12.00 ? 95 ARG A NE   1 
ATOM 1020 C CZ   . ARG A 1 65 ? -2.215  -16.270 -16.608 1.00 12.00 ? 95 ARG A CZ   1 
ATOM 1021 N NH1  . ARG A 1 65 ? -1.307  -16.512 -15.674 1.00 12.00 ? 95 ARG A NH1  1 
ATOM 1022 N NH2  . ARG A 1 65 ? -3.009  -17.271 -16.964 1.00 12.00 ? 95 ARG A NH2  1 
ATOM 1023 H H    . ARG A 1 65 ? -1.878  -11.302 -13.712 1.00 0.00  ? 95 ARG A H    1 
ATOM 1024 H HA   . ARG A 1 65 ? 0.693   -12.217 -13.664 1.00 0.00  ? 95 ARG A HA   1 
ATOM 1025 H HB2  . ARG A 1 65 ? -0.154  -14.110 -14.992 1.00 0.00  ? 95 ARG A HB2  1 
ATOM 1026 H HB3  . ARG A 1 65 ? -1.299  -13.581 -13.735 1.00 0.00  ? 95 ARG A HB3  1 
ATOM 1027 H HG2  . ARG A 1 65 ? -2.849  -13.673 -15.367 1.00 0.00  ? 95 ARG A HG2  1 
ATOM 1028 H HG3  . ARG A 1 65 ? -2.139  -12.143 -15.940 1.00 0.00  ? 95 ARG A HG3  1 
ATOM 1029 H HD2  . ARG A 1 65 ? -1.680  -13.201 -17.883 1.00 0.00  ? 95 ARG A HD2  1 
ATOM 1030 H HD3  . ARG A 1 65 ? -0.462  -14.141 -16.994 1.00 0.00  ? 95 ARG A HD3  1 
ATOM 1031 H HE   . ARG A 1 65 ? -3.038  -15.045 -17.954 1.00 0.00  ? 95 ARG A HE   1 
ATOM 1032 H HH11 . ARG A 1 65 ? -0.665  -15.782 -15.403 1.00 0.00  ? 95 ARG A HH11 1 
ATOM 1033 H HH12 . ARG A 1 65 ? -1.243  -17.416 -15.227 1.00 0.00  ? 95 ARG A HH12 1 
ATOM 1034 H HH21 . ARG A 1 65 ? -3.693  -17.136 -17.696 1.00 0.00  ? 95 ARG A HH21 1 
ATOM 1035 H HH22 . ARG A 1 65 ? -2.933  -18.168 -16.508 1.00 0.00  ? 95 ARG A HH22 1 
ATOM 1036 N N    . ASP A 1 66 ? 2.072   -12.003 -15.862 1.00 12.00 ? 96 ASP A N    1 
ATOM 1037 C CA   . ASP A 1 66 ? 2.800   -13.032 -15.081 1.00 12.00 ? 96 ASP A CA   1 
ATOM 1038 C C    . ASP A 1 66 ? 4.060   -12.558 -14.321 1.00 12.00 ? 96 ASP A C    1 
ATOM 1039 O O    . ASP A 1 66 ? 3.980   -12.509 -13.087 1.00 12.00 ? 96 ASP A O    1 
ATOM 1040 C CB   . ASP A 1 66 ? 3.101   -14.266 -15.963 1.00 12.00 ? 96 ASP A CB   1 
ATOM 1041 C CG   . ASP A 1 66 ? 3.562   -13.924 -17.393 1.00 12.00 ? 96 ASP A CG   1 
ATOM 1042 O OD1  . ASP A 1 66 ? 4.635   -13.306 -17.521 1.00 12.00 ? 96 ASP A OD1  1 
ATOM 1043 H H    . ASP A 1 66 ? 2.605   -11.556 -16.595 1.00 0.00  ? 96 ASP A H    1 
ATOM 1044 H HA   . ASP A 1 66 ? 2.099   -13.359 -14.313 1.00 0.00  ? 96 ASP A HA   1 
ATOM 1045 H HB2  . ASP A 1 66 ? 3.885   -14.850 -15.481 1.00 0.00  ? 96 ASP A HB2  1 
ATOM 1046 H HB3  . ASP A 1 66 ? 2.195   -14.868 -16.031 1.00 0.00  ? 96 ASP A HB3  1 
# 
